data_9HM9
#
_entry.id   9HM9
#
_cell.length_a   1.00
_cell.length_b   1.00
_cell.length_c   1.00
_cell.angle_alpha   90.00
_cell.angle_beta   90.00
_cell.angle_gamma   90.00
#
_symmetry.space_group_name_H-M   'P 1'
#
loop_
_entity.id
_entity.type
_entity.pdbx_description
1 polymer 'Actin, alpha skeletal muscle'
2 polymer 'Inositol-trisphosphate 3-kinase A'
3 non-polymer "ADENOSINE-5'-DIPHOSPHATE"
4 non-polymer 'MAGNESIUM ION'
#
loop_
_entity_poly.entity_id
_entity_poly.type
_entity_poly.pdbx_seq_one_letter_code
_entity_poly.pdbx_strand_id
1 'polypeptide(L)'
;EDETTALVCDNGSGLVKAGFAGDDAPRAVFPSIVGRPRHQGVMVGMGQKDSYVGDEAQSKRGILTLKYPIE(HIC)GIIT
NWDDMEKIWHHTFYNELRVAPEEHPTLLTEAPLNPKANREKMTQIMFETFNVPAMYVAIQAVLSLYASGRTTGIVLDSGD
GVTHNVPIYEGYALPHAIMRLDLAGRDLTDYLMKILTERGYSFVTTAEREIVRDIKEKLCYVALDFENEMATAASSSSLE
KSYELPDGQVITIGNERFRCPETLFQPSFIGMESAGIHETTYNSIMKCDIDIRKDLYANNVMSGGTTMYPGIADRMQKEI
TALAPSTMKIKIIAPPERKYSVWIGGSILASLSTFQQMWITKQEYDEAGPSIVHRKCF
;
C,A,E,B,D
2 'polypeptide(L)' APRRSVGELRLLFEARAASAA F
#
# COMPACT_ATOMS: atom_id res chain seq x y z
N THR A 4 -10.89 38.24 1.56
CA THR A 4 -10.27 37.75 0.34
C THR A 4 -10.75 36.33 0.05
N THR A 5 -10.86 35.98 -1.22
CA THR A 5 -11.37 34.68 -1.62
C THR A 5 -10.45 33.57 -1.12
N ALA A 6 -11.03 32.54 -0.51
CA ALA A 6 -10.22 31.49 0.08
C ALA A 6 -9.52 30.67 -0.99
N LEU A 7 -8.57 29.86 -0.55
CA LEU A 7 -7.74 29.07 -1.47
C LEU A 7 -7.77 27.61 -1.06
N VAL A 8 -7.97 26.73 -2.03
CA VAL A 8 -8.09 25.29 -1.80
C VAL A 8 -6.95 24.62 -2.54
N CYS A 9 -6.13 23.86 -1.82
CA CYS A 9 -4.92 23.25 -2.38
C CYS A 9 -4.88 21.79 -1.95
N ASP A 10 -5.39 20.90 -2.81
CA ASP A 10 -5.41 19.47 -2.54
C ASP A 10 -4.05 18.88 -2.91
N ASN A 11 -3.11 19.00 -1.97
CA ASN A 11 -1.88 18.21 -2.04
C ASN A 11 -2.16 16.74 -1.74
N GLY A 12 -3.02 16.10 -2.52
CA GLY A 12 -3.02 14.67 -2.61
C GLY A 12 -1.75 14.15 -3.26
N SER A 13 -1.69 12.82 -3.38
CA SER A 13 -0.59 12.17 -4.06
C SER A 13 -0.79 12.22 -5.58
N GLY A 14 0.33 12.25 -6.30
CA GLY A 14 0.33 12.12 -7.74
C GLY A 14 -0.02 13.41 -8.49
N LEU A 15 -1.20 13.97 -8.23
CA LEU A 15 -1.58 15.26 -8.81
C LEU A 15 -1.88 16.25 -7.69
N VAL A 16 -1.32 17.45 -7.79
CA VAL A 16 -1.85 18.61 -7.09
C VAL A 16 -3.09 19.11 -7.80
N LYS A 17 -4.17 19.30 -7.05
CA LYS A 17 -5.32 20.07 -7.50
C LYS A 17 -5.42 21.33 -6.64
N ALA A 18 -5.38 22.49 -7.29
CA ALA A 18 -5.42 23.76 -6.58
C ALA A 18 -6.25 24.78 -7.34
N GLY A 19 -6.82 25.71 -6.62
CA GLY A 19 -7.63 26.77 -7.21
C GLY A 19 -8.37 27.52 -6.13
N PHE A 20 -8.96 28.64 -6.55
CA PHE A 20 -9.70 29.48 -5.62
C PHE A 20 -11.00 28.81 -5.22
N ALA A 21 -11.45 29.09 -3.99
CA ALA A 21 -12.72 28.56 -3.53
C ALA A 21 -13.89 29.20 -4.27
N GLY A 22 -14.93 28.41 -4.48
CA GLY A 22 -16.09 28.85 -5.22
C GLY A 22 -16.04 28.61 -6.72
N ASP A 23 -14.88 28.25 -7.26
CA ASP A 23 -14.80 27.80 -8.64
C ASP A 23 -15.26 26.36 -8.77
N ASP A 24 -15.78 26.02 -9.95
CA ASP A 24 -16.35 24.70 -10.18
C ASP A 24 -15.29 23.62 -10.38
N ALA A 25 -14.05 23.99 -10.72
CA ALA A 25 -13.03 23.01 -11.01
C ALA A 25 -11.66 23.61 -10.75
N PRO A 26 -10.68 22.79 -10.36
CA PRO A 26 -9.34 23.32 -10.05
C PRO A 26 -8.66 23.84 -11.32
N ARG A 27 -8.24 25.10 -11.28
CA ARG A 27 -7.63 25.72 -12.46
C ARG A 27 -6.16 25.38 -12.62
N ALA A 28 -5.53 24.76 -11.63
CA ALA A 28 -4.20 24.17 -11.77
C ALA A 28 -4.25 22.71 -11.37
N VAL A 29 -4.09 21.82 -12.35
CA VAL A 29 -3.90 20.40 -12.11
C VAL A 29 -2.61 19.98 -12.80
N PHE A 30 -1.65 19.48 -12.03
CA PHE A 30 -0.35 19.11 -12.54
C PHE A 30 0.26 18.07 -11.62
N PRO A 31 1.20 17.27 -12.10
CA PRO A 31 1.73 16.17 -11.28
C PRO A 31 2.62 16.68 -10.16
N SER A 32 2.50 16.05 -8.99
CA SER A 32 3.27 16.41 -7.80
C SER A 32 4.68 15.82 -7.88
N ILE A 33 5.41 16.21 -8.92
CA ILE A 33 6.71 15.63 -9.24
C ILE A 33 7.76 16.72 -9.12
N VAL A 34 8.91 16.36 -8.55
CA VAL A 34 10.14 17.14 -8.68
C VAL A 34 11.15 16.29 -9.44
N GLY A 35 11.71 16.86 -10.49
CA GLY A 35 12.71 16.18 -11.29
C GLY A 35 14.03 16.93 -11.29
N ARG A 36 15.13 16.19 -11.15
CA ARG A 36 16.43 16.80 -11.12
C ARG A 36 17.30 16.20 -12.22
N PRO A 37 18.08 17.02 -12.93
CA PRO A 37 18.84 16.52 -14.08
C PRO A 37 19.69 15.30 -13.75
N ARG A 38 19.57 14.27 -14.59
CA ARG A 38 20.27 13.02 -14.35
C ARG A 38 21.69 13.03 -14.90
N HIS A 39 21.94 13.76 -15.99
CA HIS A 39 23.18 13.63 -16.75
C HIS A 39 24.08 14.85 -16.55
N GLN A 40 25.20 14.82 -17.27
CA GLN A 40 26.18 15.90 -17.31
C GLN A 40 25.54 17.20 -17.80
N GLY A 41 26.26 18.31 -17.61
CA GLY A 41 25.79 19.65 -17.89
C GLY A 41 26.46 20.28 -19.10
N VAL A 42 26.60 19.49 -20.17
CA VAL A 42 27.57 19.75 -21.23
C VAL A 42 27.39 21.14 -21.84
N MET A 43 26.14 21.58 -22.02
CA MET A 43 25.86 22.71 -22.93
C MET A 43 25.52 23.97 -22.15
N VAL A 44 26.53 24.83 -21.98
CA VAL A 44 26.40 26.15 -21.38
C VAL A 44 25.67 27.07 -22.34
N GLY A 45 25.40 28.30 -21.92
CA GLY A 45 24.49 29.17 -22.64
C GLY A 45 23.03 28.93 -22.36
N MET A 46 22.70 28.15 -21.35
CA MET A 46 21.34 27.93 -20.91
C MET A 46 21.33 27.95 -19.38
N GLY A 47 20.16 28.23 -18.80
CA GLY A 47 20.06 28.19 -17.36
C GLY A 47 20.29 26.81 -16.79
N GLN A 48 19.90 25.76 -17.53
CA GLN A 48 20.09 24.37 -17.11
C GLN A 48 19.60 24.15 -15.68
N LYS A 49 18.50 24.81 -15.33
CA LYS A 49 18.18 25.08 -13.93
C LYS A 49 18.12 23.78 -13.12
N ASP A 50 18.42 23.91 -11.83
CA ASP A 50 18.68 22.77 -10.96
C ASP A 50 17.47 21.85 -10.81
N SER A 51 16.26 22.37 -10.98
CA SER A 51 15.07 21.58 -10.67
C SER A 51 13.91 21.99 -11.56
N TYR A 52 13.07 21.01 -11.87
CA TYR A 52 11.85 21.19 -12.66
C TYR A 52 10.71 20.50 -11.95
N VAL A 53 9.53 21.12 -11.95
CA VAL A 53 8.38 20.60 -11.25
C VAL A 53 7.15 20.62 -12.16
N GLY A 54 6.24 19.67 -11.92
CA GLY A 54 5.00 19.58 -12.67
C GLY A 54 5.15 19.31 -14.15
N ASP A 55 4.38 20.08 -14.94
CA ASP A 55 4.45 19.93 -16.39
C ASP A 55 5.83 20.25 -16.94
N GLU A 56 6.62 21.08 -16.24
CA GLU A 56 8.02 21.25 -16.61
C GLU A 56 8.74 19.91 -16.60
N ALA A 57 8.55 19.14 -15.52
CA ALA A 57 9.22 17.87 -15.35
C ALA A 57 8.70 16.83 -16.34
N GLN A 58 7.40 16.87 -16.64
CA GLN A 58 6.86 15.99 -17.68
C GLN A 58 7.40 16.33 -19.06
N SER A 59 7.54 17.63 -19.37
CA SER A 59 8.08 18.05 -20.66
C SER A 59 9.56 17.69 -20.83
N LYS A 60 10.26 17.41 -19.72
CA LYS A 60 11.66 17.04 -19.75
C LYS A 60 11.89 15.62 -19.25
N ARG A 61 10.81 14.83 -19.17
CA ARG A 61 10.78 13.55 -18.45
C ARG A 61 12.01 12.69 -18.66
N GLY A 62 12.44 12.53 -19.90
CA GLY A 62 13.49 11.58 -20.22
C GLY A 62 14.91 11.98 -19.91
N ILE A 63 15.13 13.14 -19.26
CA ILE A 63 16.45 13.49 -18.77
C ILE A 63 16.46 13.76 -17.27
N LEU A 64 15.33 13.52 -16.59
CA LEU A 64 15.19 13.82 -15.18
C LEU A 64 14.97 12.54 -14.39
N THR A 65 15.57 12.47 -13.20
CA THR A 65 15.18 11.51 -12.18
C THR A 65 13.94 12.04 -11.46
N LEU A 66 12.76 11.61 -11.92
CA LEU A 66 11.53 12.05 -11.29
C LEU A 66 11.40 11.44 -9.90
N LYS A 67 10.89 12.23 -8.96
CA LYS A 67 10.59 11.76 -7.62
C LYS A 67 9.28 12.36 -7.13
N TYR A 68 8.52 11.59 -6.37
CA TYR A 68 7.34 12.11 -5.71
C TYR A 68 7.66 12.38 -4.25
N PRO A 69 7.50 13.61 -3.75
CA PRO A 69 7.86 13.89 -2.37
C PRO A 69 6.78 13.53 -1.37
N ILE A 70 5.60 13.11 -1.83
CA ILE A 70 4.54 12.60 -0.97
C ILE A 70 4.25 11.16 -1.37
N GLU A 71 4.39 10.25 -0.41
CA GLU A 71 4.33 8.83 -0.69
C GLU A 71 3.43 8.14 0.33
N GLY A 73 0.43 9.08 0.84
CA GLY A 73 -0.19 10.21 1.50
C GLY A 73 0.66 10.91 2.55
N ILE A 74 1.88 10.42 2.75
CA ILE A 74 2.80 10.98 3.74
C ILE A 74 3.87 11.76 2.99
N ILE A 75 4.08 13.00 3.40
CA ILE A 75 5.15 13.83 2.83
C ILE A 75 6.49 13.35 3.38
N THR A 76 7.30 12.75 2.52
CA THR A 76 8.60 12.20 2.92
C THR A 76 9.75 13.19 2.73
N ASN A 77 9.53 14.27 1.97
CA ASN A 77 10.63 15.08 1.42
C ASN A 77 10.16 16.54 1.42
N TRP A 78 10.23 17.15 2.61
CA TRP A 78 9.70 18.49 2.82
C TRP A 78 10.43 19.54 1.97
N ASP A 79 11.72 19.34 1.72
CA ASP A 79 12.47 20.28 0.89
C ASP A 79 11.92 20.38 -0.53
N ASP A 80 11.44 19.26 -1.09
CA ASP A 80 10.82 19.28 -2.40
C ASP A 80 9.33 19.58 -2.37
N MET A 81 8.63 19.16 -1.32
CA MET A 81 7.23 19.55 -1.18
C MET A 81 7.09 21.06 -1.07
N GLU A 82 8.01 21.71 -0.36
CA GLU A 82 7.99 23.17 -0.30
C GLU A 82 8.24 23.80 -1.67
N LYS A 83 8.95 23.09 -2.56
CA LYS A 83 9.05 23.53 -3.94
C LYS A 83 7.74 23.36 -4.68
N ILE A 84 7.04 22.27 -4.41
CA ILE A 84 5.74 22.05 -5.07
C ILE A 84 4.72 23.10 -4.63
N TRP A 85 4.69 23.42 -3.33
CA TRP A 85 3.83 24.50 -2.87
C TRP A 85 4.24 25.86 -3.44
N HIS A 86 5.54 26.16 -3.48
CA HIS A 86 5.99 27.39 -4.12
C HIS A 86 5.52 27.46 -5.57
N HIS A 87 5.72 26.39 -6.33
CA HIS A 87 5.26 26.36 -7.72
C HIS A 87 3.75 26.54 -7.83
N THR A 88 3.01 25.85 -6.97
CA THR A 88 1.55 25.94 -6.96
C THR A 88 1.08 27.37 -6.77
N PHE A 89 1.62 28.04 -5.76
CA PHE A 89 1.14 29.38 -5.45
C PHE A 89 1.67 30.43 -6.43
N TYR A 90 2.97 30.46 -6.67
CA TYR A 90 3.55 31.57 -7.41
C TYR A 90 3.55 31.38 -8.94
N ASN A 91 3.66 30.15 -9.46
CA ASN A 91 3.75 29.96 -10.90
C ASN A 91 2.45 29.52 -11.53
N GLU A 92 1.69 28.64 -10.88
CA GLU A 92 0.44 28.17 -11.46
C GLU A 92 -0.72 29.10 -11.10
N LEU A 93 -1.00 29.26 -9.81
CA LEU A 93 -2.08 30.16 -9.41
C LEU A 93 -1.66 31.62 -9.45
N ARG A 94 -0.36 31.90 -9.45
CA ARG A 94 0.17 33.26 -9.59
C ARG A 94 -0.42 34.21 -8.54
N VAL A 95 -0.29 33.82 -7.27
CA VAL A 95 -0.94 34.49 -6.16
C VAL A 95 0.00 34.44 -4.96
N ALA A 96 -0.06 35.48 -4.12
CA ALA A 96 0.77 35.55 -2.93
C ALA A 96 -0.01 34.97 -1.77
N PRO A 97 0.42 33.85 -1.18
CA PRO A 97 -0.41 33.16 -0.18
C PRO A 97 -0.69 33.99 1.06
N GLU A 98 0.13 34.99 1.37
CA GLU A 98 -0.09 35.83 2.55
C GLU A 98 -1.37 36.66 2.48
N GLU A 99 -2.14 36.58 1.39
CA GLU A 99 -3.46 37.19 1.35
C GLU A 99 -4.61 36.20 1.36
N HIS A 100 -4.33 34.92 1.16
CA HIS A 100 -5.37 33.92 0.87
C HIS A 100 -5.33 32.78 1.88
N PRO A 101 -6.35 32.65 2.74
CA PRO A 101 -6.38 31.50 3.65
C PRO A 101 -6.52 30.21 2.87
N THR A 102 -5.68 29.24 3.21
CA THR A 102 -5.47 28.04 2.41
C THR A 102 -6.06 26.84 3.12
N LEU A 103 -7.02 26.19 2.47
CA LEU A 103 -7.56 24.90 2.90
C LEU A 103 -6.67 23.81 2.31
N LEU A 104 -5.79 23.26 3.13
CA LEU A 104 -5.13 22.01 2.79
C LEU A 104 -6.05 20.83 3.08
N THR A 105 -5.63 19.66 2.65
CA THR A 105 -6.31 18.43 3.00
C THR A 105 -5.34 17.26 2.98
N GLU A 106 -5.66 16.24 3.77
CA GLU A 106 -4.81 15.05 3.85
C GLU A 106 -5.68 13.83 4.11
N ALA A 107 -5.10 12.66 3.89
CA ALA A 107 -5.76 11.41 4.19
C ALA A 107 -5.90 11.21 5.70
N PRO A 108 -6.88 10.42 6.13
CA PRO A 108 -7.02 10.09 7.55
C PRO A 108 -5.99 9.06 7.98
N LEU A 109 -5.89 8.88 9.29
CA LEU A 109 -4.94 7.95 9.90
C LEU A 109 -3.52 8.18 9.40
N ASN A 110 -3.03 9.40 9.62
CA ASN A 110 -1.80 9.88 9.01
C ASN A 110 -0.95 10.54 10.09
N PRO A 111 0.37 10.36 10.04
CA PRO A 111 1.22 10.84 11.14
C PRO A 111 1.01 12.32 11.45
N LYS A 112 0.82 12.61 12.74
CA LYS A 112 0.61 13.98 13.19
C LYS A 112 1.80 14.89 12.91
N ALA A 113 2.99 14.32 12.76
CA ALA A 113 4.15 15.09 12.31
C ALA A 113 3.93 15.73 10.95
N ASN A 114 3.16 15.08 10.07
CA ASN A 114 2.90 15.68 8.77
C ASN A 114 2.03 16.92 8.90
N ARG A 115 0.88 16.78 9.57
CA ARG A 115 -0.02 17.90 9.79
C ARG A 115 0.65 19.07 10.50
N GLU A 116 1.55 18.76 11.44
CA GLU A 116 2.36 19.79 12.08
C GLU A 116 3.36 20.45 11.14
N LYS A 117 4.08 19.68 10.33
CA LYS A 117 5.04 20.31 9.43
C LYS A 117 4.35 21.11 8.34
N MET A 118 3.23 20.62 7.82
CA MET A 118 2.40 21.45 6.92
C MET A 118 1.98 22.75 7.57
N THR A 119 1.60 22.70 8.86
CA THR A 119 1.24 23.92 9.57
C THR A 119 2.43 24.88 9.68
N GLN A 120 3.56 24.36 10.13
CA GLN A 120 4.78 25.17 10.22
C GLN A 120 5.11 25.82 8.89
N ILE A 121 5.06 25.05 7.81
CA ILE A 121 5.46 25.57 6.50
C ILE A 121 4.48 26.64 6.02
N MET A 122 3.18 26.38 6.16
CA MET A 122 2.17 27.35 5.72
C MET A 122 2.27 28.66 6.50
N PHE A 123 2.41 28.58 7.82
CA PHE A 123 2.44 29.79 8.64
C PHE A 123 3.79 30.50 8.68
N GLU A 124 4.90 29.82 8.43
CA GLU A 124 6.21 30.46 8.56
C GLU A 124 6.95 30.66 7.25
N THR A 125 6.74 29.80 6.24
CA THR A 125 7.26 30.08 4.91
C THR A 125 6.33 30.96 4.10
N PHE A 126 5.04 30.63 4.04
CA PHE A 126 4.10 31.36 3.20
C PHE A 126 3.30 32.40 3.95
N ASN A 127 3.46 32.51 5.26
CA ASN A 127 2.84 33.57 6.08
C ASN A 127 1.32 33.65 5.88
N VAL A 128 0.69 32.56 5.47
CA VAL A 128 -0.72 32.61 5.05
C VAL A 128 -1.58 33.12 6.21
N PRO A 129 -2.64 33.89 5.93
CA PRO A 129 -3.47 34.42 7.03
C PRO A 129 -4.13 33.35 7.86
N ALA A 130 -4.56 32.25 7.25
CA ALA A 130 -5.21 31.17 7.98
C ALA A 130 -5.12 29.89 7.15
N MET A 131 -5.42 28.77 7.80
CA MET A 131 -5.17 27.46 7.22
C MET A 131 -6.16 26.47 7.83
N TYR A 132 -6.41 25.38 7.12
CA TYR A 132 -7.18 24.27 7.66
C TYR A 132 -6.79 22.99 6.95
N VAL A 133 -7.01 21.84 7.60
CA VAL A 133 -6.59 20.55 7.04
C VAL A 133 -7.75 19.56 7.10
N ALA A 134 -8.66 19.65 6.13
CA ALA A 134 -9.82 18.77 6.10
C ALA A 134 -9.44 17.35 5.64
N ILE A 135 -10.16 16.37 6.15
CA ILE A 135 -10.04 14.99 5.66
C ILE A 135 -10.66 14.88 4.27
N GLN A 136 -9.92 14.30 3.33
CA GLN A 136 -10.32 14.27 1.93
C GLN A 136 -11.70 13.62 1.76
N ALA A 137 -11.96 12.54 2.50
CA ALA A 137 -13.24 11.85 2.38
C ALA A 137 -14.39 12.70 2.90
N VAL A 138 -14.16 13.53 3.91
CA VAL A 138 -15.22 14.42 4.38
C VAL A 138 -15.57 15.42 3.28
N LEU A 139 -14.55 15.97 2.61
CA LEU A 139 -14.78 16.84 1.46
C LEU A 139 -15.58 16.13 0.37
N SER A 140 -15.30 14.85 0.15
CA SER A 140 -15.98 14.12 -0.91
C SER A 140 -17.49 13.99 -0.68
N LEU A 141 -17.96 14.08 0.56
CA LEU A 141 -19.40 14.20 0.78
C LEU A 141 -19.93 15.56 0.35
N TYR A 142 -19.20 16.64 0.68
CA TYR A 142 -19.65 17.96 0.25
C TYR A 142 -19.78 18.03 -1.26
N ALA A 143 -18.80 17.46 -1.97
CA ALA A 143 -18.86 17.45 -3.44
C ALA A 143 -20.03 16.64 -3.97
N SER A 144 -20.53 15.66 -3.20
CA SER A 144 -21.68 14.87 -3.64
C SER A 144 -22.99 15.31 -3.02
N GLY A 145 -23.01 16.44 -2.32
CA GLY A 145 -24.24 16.97 -1.77
C GLY A 145 -24.87 16.06 -0.72
N ARG A 146 -24.13 15.05 -0.28
CA ARG A 146 -24.60 14.12 0.72
C ARG A 146 -24.40 14.71 2.12
N THR A 147 -25.13 14.16 3.08
CA THR A 147 -24.73 14.24 4.48
C THR A 147 -24.55 12.89 5.14
N THR A 148 -24.85 11.80 4.45
CA THR A 148 -24.72 10.46 5.02
C THR A 148 -24.16 9.53 3.97
N GLY A 149 -23.19 8.71 4.38
CA GLY A 149 -22.64 7.73 3.48
C GLY A 149 -21.31 7.21 3.98
N ILE A 150 -20.94 6.04 3.46
CA ILE A 150 -19.54 5.65 3.38
C ILE A 150 -18.92 6.44 2.24
N VAL A 151 -17.76 7.01 2.47
CA VAL A 151 -16.89 7.47 1.38
C VAL A 151 -15.75 6.49 1.19
N LEU A 152 -15.57 6.07 -0.06
CA LEU A 152 -14.38 5.35 -0.50
C LEU A 152 -13.57 6.29 -1.37
N ASP A 153 -12.46 6.79 -0.85
CA ASP A 153 -11.49 7.54 -1.62
C ASP A 153 -10.31 6.63 -1.98
N SER A 154 -9.93 6.65 -3.26
CA SER A 154 -8.86 5.80 -3.77
C SER A 154 -7.97 6.67 -4.65
N GLY A 155 -6.83 7.09 -4.12
CA GLY A 155 -5.99 8.08 -4.76
C GLY A 155 -4.85 7.48 -5.56
N ASP A 156 -3.74 8.22 -5.61
CA ASP A 156 -2.49 7.69 -6.14
C ASP A 156 -1.71 6.91 -5.09
N GLY A 157 -1.74 7.34 -3.84
CA GLY A 157 -0.90 6.73 -2.82
C GLY A 157 -1.64 5.95 -1.75
N VAL A 158 -2.88 6.33 -1.43
CA VAL A 158 -3.64 5.69 -0.38
C VAL A 158 -5.09 5.53 -0.81
N THR A 159 -5.75 4.55 -0.19
CA THR A 159 -7.18 4.34 -0.30
C THR A 159 -7.74 4.26 1.11
N HIS A 160 -8.87 4.95 1.35
CA HIS A 160 -9.44 4.96 2.68
C HIS A 160 -10.95 5.03 2.62
N ASN A 161 -11.58 4.40 3.62
CA ASN A 161 -13.03 4.38 3.79
C ASN A 161 -13.40 5.19 5.02
N VAL A 162 -14.34 6.12 4.87
CA VAL A 162 -14.85 6.90 6.00
C VAL A 162 -16.37 6.93 5.98
N PRO A 163 -17.03 6.19 6.87
CA PRO A 163 -18.49 6.26 6.99
C PRO A 163 -18.93 7.48 7.80
N ILE A 164 -20.01 8.10 7.34
CA ILE A 164 -20.53 9.35 7.89
C ILE A 164 -22.05 9.26 7.90
N TYR A 165 -22.67 9.82 8.95
CA TYR A 165 -24.12 9.77 9.13
C TYR A 165 -24.65 11.08 9.69
N GLU A 166 -25.26 11.89 8.83
CA GLU A 166 -25.77 13.23 9.19
C GLU A 166 -24.68 14.05 9.86
N GLY A 167 -23.48 14.02 9.28
CA GLY A 167 -22.30 14.38 10.02
C GLY A 167 -21.71 13.18 10.72
N TYR A 168 -21.08 13.40 11.87
CA TYR A 168 -20.71 12.34 12.81
C TYR A 168 -19.96 11.22 12.10
N ALA A 169 -18.75 11.54 11.65
CA ALA A 169 -17.85 10.49 11.17
C ALA A 169 -17.53 9.54 12.30
N LEU A 170 -17.57 8.24 12.00
CA LEU A 170 -17.30 7.20 12.98
C LEU A 170 -15.83 6.83 12.97
N PRO A 171 -15.02 7.38 13.88
CA PRO A 171 -13.57 7.32 13.71
C PRO A 171 -13.01 5.91 13.87
N HIS A 172 -13.70 5.05 14.62
CA HIS A 172 -13.28 3.67 14.77
C HIS A 172 -13.52 2.84 13.51
N ALA A 173 -14.46 3.26 12.66
CA ALA A 173 -14.77 2.54 11.44
C ALA A 173 -13.98 3.02 10.22
N ILE A 174 -13.21 4.10 10.35
CA ILE A 174 -12.29 4.49 9.29
C ILE A 174 -11.28 3.36 9.04
N MET A 175 -10.99 3.12 7.77
CA MET A 175 -9.95 2.19 7.34
C MET A 175 -9.12 2.84 6.24
N ARG A 176 -7.82 2.57 6.26
CA ARG A 176 -6.89 3.05 5.23
C ARG A 176 -6.00 1.91 4.76
N LEU A 177 -5.79 1.82 3.45
CA LEU A 177 -5.32 0.59 2.82
C LEU A 177 -3.88 0.64 2.33
N ASP A 178 -3.31 1.82 2.12
CA ASP A 178 -1.97 1.98 1.54
C ASP A 178 -1.81 1.31 0.17
N LEU A 179 -2.91 1.02 -0.51
CA LEU A 179 -2.90 0.44 -1.86
C LEU A 179 -3.62 1.38 -2.81
N ALA A 180 -2.93 1.84 -3.83
CA ALA A 180 -3.55 2.78 -4.77
C ALA A 180 -2.78 2.78 -6.10
N GLY A 181 -3.00 3.83 -6.89
CA GLY A 181 -2.51 3.90 -8.26
C GLY A 181 -1.04 3.67 -8.50
N ARG A 182 -0.18 3.96 -7.52
CA ARG A 182 1.23 3.62 -7.69
C ARG A 182 1.46 2.11 -7.62
N ASP A 183 0.80 1.42 -6.69
CA ASP A 183 0.91 -0.03 -6.64
C ASP A 183 0.32 -0.69 -7.89
N LEU A 184 -0.74 -0.09 -8.44
CA LEU A 184 -1.28 -0.54 -9.72
C LEU A 184 -0.32 -0.30 -10.87
N THR A 185 0.35 0.86 -10.90
CA THR A 185 1.35 1.11 -11.93
C THR A 185 2.51 0.12 -11.84
N ASP A 186 3.06 -0.08 -10.64
CA ASP A 186 4.18 -0.99 -10.48
C ASP A 186 3.81 -2.44 -10.79
N TYR A 187 2.60 -2.88 -10.43
CA TYR A 187 2.17 -4.21 -10.84
C TYR A 187 1.95 -4.30 -12.34
N LEU A 188 1.41 -3.25 -12.97
CA LEU A 188 1.30 -3.23 -14.41
C LEU A 188 2.66 -3.34 -15.08
N MET A 189 3.67 -2.65 -14.55
CA MET A 189 5.04 -2.82 -15.05
C MET A 189 5.55 -4.25 -14.90
N LYS A 190 5.30 -4.86 -13.74
CA LYS A 190 5.72 -6.23 -13.50
C LYS A 190 5.05 -7.22 -14.45
N ILE A 191 3.77 -7.03 -14.73
CA ILE A 191 3.12 -7.95 -15.67
C ILE A 191 3.41 -7.61 -17.13
N LEU A 192 3.64 -6.34 -17.48
CA LEU A 192 4.09 -6.03 -18.83
C LEU A 192 5.47 -6.61 -19.11
N THR A 193 6.27 -6.84 -18.06
CA THR A 193 7.51 -7.59 -18.24
C THR A 193 7.26 -9.02 -18.73
N GLU A 194 6.08 -9.57 -18.46
CA GLU A 194 5.77 -10.93 -18.89
C GLU A 194 5.75 -11.12 -20.40
N ARG A 195 5.56 -10.06 -21.19
CA ARG A 195 5.78 -10.17 -22.63
C ARG A 195 6.87 -9.24 -23.14
N GLY A 196 7.74 -8.77 -22.26
CA GLY A 196 9.02 -8.18 -22.62
C GLY A 196 9.07 -6.69 -22.86
N TYR A 197 8.03 -5.93 -22.50
CA TYR A 197 8.15 -4.47 -22.50
C TYR A 197 8.81 -4.10 -21.18
N SER A 198 10.14 -4.10 -21.17
CA SER A 198 10.89 -3.76 -19.97
C SER A 198 10.83 -2.26 -19.72
N PHE A 199 10.07 -1.88 -18.69
CA PHE A 199 10.01 -0.53 -18.17
C PHE A 199 10.64 -0.51 -16.77
N VAL A 200 11.63 0.36 -16.57
CA VAL A 200 12.42 0.33 -15.34
C VAL A 200 12.74 1.73 -14.85
N THR A 201 12.94 2.67 -15.78
CA THR A 201 13.16 4.05 -15.37
C THR A 201 11.87 4.67 -14.86
N THR A 202 12.02 5.78 -14.13
CA THR A 202 10.86 6.53 -13.67
C THR A 202 10.12 7.20 -14.81
N ALA A 203 10.83 7.60 -15.87
CA ALA A 203 10.17 8.02 -17.10
C ALA A 203 9.29 6.92 -17.66
N GLU A 204 9.76 5.67 -17.62
CA GLU A 204 8.92 4.57 -18.08
C GLU A 204 7.80 4.28 -17.09
N ARG A 205 8.05 4.41 -15.79
CA ARG A 205 6.96 4.36 -14.83
C ARG A 205 5.88 5.39 -15.16
N GLU A 206 6.29 6.58 -15.58
CA GLU A 206 5.37 7.65 -15.96
C GLU A 206 4.68 7.38 -17.29
N ILE A 207 5.24 6.50 -18.11
CA ILE A 207 4.55 6.07 -19.33
C ILE A 207 3.56 4.96 -19.01
N VAL A 208 3.94 4.02 -18.14
CA VAL A 208 3.01 2.98 -17.71
C VAL A 208 1.85 3.54 -16.93
N ARG A 209 2.02 4.68 -16.25
CA ARG A 209 0.86 5.38 -15.70
C ARG A 209 -0.12 5.80 -16.80
N ASP A 210 0.40 6.25 -17.95
CA ASP A 210 -0.49 6.61 -19.05
C ASP A 210 -1.14 5.38 -19.67
N ILE A 211 -0.38 4.30 -19.82
CA ILE A 211 -0.95 3.05 -20.31
C ILE A 211 -2.09 2.58 -19.41
N LYS A 212 -1.85 2.64 -18.09
CA LYS A 212 -2.87 2.32 -17.10
C LYS A 212 -4.12 3.18 -17.26
N GLU A 213 -3.94 4.49 -17.44
CA GLU A 213 -5.11 5.36 -17.57
C GLU A 213 -5.85 5.14 -18.89
N LYS A 214 -5.13 4.91 -19.98
CA LYS A 214 -5.76 4.79 -21.29
C LYS A 214 -6.43 3.44 -21.51
N LEU A 215 -5.76 2.34 -21.18
CA LEU A 215 -6.22 1.02 -21.59
C LEU A 215 -6.97 0.25 -20.50
N CYS A 216 -6.55 0.35 -19.24
CA CYS A 216 -7.03 -0.60 -18.25
C CYS A 216 -8.51 -0.39 -17.93
N TYR A 217 -9.15 -1.48 -17.50
CA TYR A 217 -10.53 -1.48 -17.04
C TYR A 217 -10.67 -2.62 -16.03
N VAL A 218 -11.74 -2.57 -15.23
CA VAL A 218 -11.99 -3.57 -14.21
C VAL A 218 -12.95 -4.63 -14.75
N ALA A 219 -12.52 -5.89 -14.71
CA ALA A 219 -13.35 -7.00 -15.16
C ALA A 219 -14.57 -7.18 -14.27
N LEU A 220 -15.71 -7.46 -14.91
CA LEU A 220 -16.93 -7.73 -14.15
C LEU A 220 -16.91 -9.12 -13.50
N ASP A 221 -16.21 -10.08 -14.12
CA ASP A 221 -16.19 -11.47 -13.68
C ASP A 221 -14.81 -12.03 -14.03
N PHE A 222 -13.86 -11.81 -13.12
CA PHE A 222 -12.44 -11.89 -13.46
C PHE A 222 -12.06 -13.24 -14.04
N GLU A 223 -12.58 -14.33 -13.48
CA GLU A 223 -12.26 -15.66 -14.01
C GLU A 223 -12.72 -15.82 -15.46
N ASN A 224 -13.92 -15.35 -15.78
CA ASN A 224 -14.43 -15.48 -17.15
C ASN A 224 -13.77 -14.48 -18.10
N GLU A 225 -13.40 -13.30 -17.63
CA GLU A 225 -12.64 -12.39 -18.47
C GLU A 225 -11.24 -12.92 -18.74
N MET A 226 -10.59 -13.51 -17.74
CA MET A 226 -9.30 -14.17 -17.94
C MET A 226 -9.39 -15.32 -18.93
N ALA A 227 -10.44 -16.14 -18.83
CA ALA A 227 -10.64 -17.19 -19.81
C ALA A 227 -10.93 -16.64 -21.21
N THR A 228 -11.66 -15.54 -21.30
CA THR A 228 -11.92 -14.94 -22.61
C THR A 228 -10.67 -14.35 -23.24
N ALA A 229 -9.86 -13.64 -22.45
CA ALA A 229 -8.57 -13.14 -22.93
C ALA A 229 -7.61 -14.27 -23.27
N ALA A 230 -7.74 -15.42 -22.63
CA ALA A 230 -6.93 -16.57 -23.03
C ALA A 230 -7.43 -17.19 -24.33
N SER A 231 -8.75 -17.22 -24.52
CA SER A 231 -9.34 -17.84 -25.71
C SER A 231 -9.40 -16.92 -26.92
N SER A 232 -9.45 -15.61 -26.73
CA SER A 232 -9.60 -14.72 -27.88
C SER A 232 -8.84 -13.41 -27.67
N SER A 233 -8.39 -12.83 -28.78
CA SER A 233 -7.68 -11.57 -28.84
C SER A 233 -8.60 -10.35 -28.79
N SER A 234 -9.91 -10.56 -28.66
CA SER A 234 -10.87 -9.46 -28.72
C SER A 234 -10.63 -8.41 -27.65
N LEU A 235 -10.06 -8.80 -26.51
CA LEU A 235 -9.75 -7.86 -25.44
C LEU A 235 -8.42 -7.13 -25.63
N GLU A 236 -7.61 -7.53 -26.62
CA GLU A 236 -6.35 -6.85 -26.83
C GLU A 236 -6.53 -5.47 -27.46
N LYS A 237 -5.70 -4.53 -27.00
CA LYS A 237 -5.66 -3.17 -27.50
C LYS A 237 -4.22 -2.80 -27.79
N SER A 238 -4.01 -1.96 -28.80
CA SER A 238 -2.67 -1.50 -29.16
C SER A 238 -2.49 -0.05 -28.74
N TYR A 239 -1.29 0.26 -28.26
CA TYR A 239 -0.93 1.58 -27.76
C TYR A 239 0.42 1.95 -28.36
N GLU A 240 0.65 3.25 -28.55
CA GLU A 240 1.84 3.74 -29.22
C GLU A 240 2.71 4.53 -28.24
N LEU A 241 3.91 4.01 -27.98
CA LEU A 241 4.83 4.62 -27.05
C LEU A 241 5.33 5.96 -27.61
N PRO A 242 5.92 6.81 -26.76
CA PRO A 242 6.38 8.13 -27.23
C PRO A 242 7.33 8.07 -28.42
N ASP A 243 8.06 6.97 -28.60
CA ASP A 243 8.93 6.82 -29.75
C ASP A 243 8.29 6.10 -30.93
N GLY A 244 6.97 5.90 -30.90
CA GLY A 244 6.27 5.23 -31.96
C GLY A 244 6.34 3.72 -31.99
N GLN A 245 7.06 3.10 -31.04
CA GLN A 245 6.98 1.66 -30.88
C GLN A 245 5.58 1.27 -30.41
N VAL A 246 4.90 0.43 -31.20
CA VAL A 246 3.61 -0.13 -30.79
C VAL A 246 3.83 -1.27 -29.80
N ILE A 247 3.01 -1.29 -28.75
CA ILE A 247 2.88 -2.41 -27.84
C ILE A 247 1.46 -2.93 -27.90
N THR A 248 1.29 -4.22 -27.59
CA THR A 248 -0.03 -4.81 -27.49
C THR A 248 -0.22 -5.46 -26.13
N ILE A 249 -1.42 -5.29 -25.57
CA ILE A 249 -1.72 -5.62 -24.18
C ILE A 249 -3.02 -6.42 -24.16
N GLY A 250 -3.10 -7.41 -23.28
CA GLY A 250 -4.22 -8.32 -23.27
C GLY A 250 -4.82 -8.53 -21.90
N ASN A 251 -4.65 -9.71 -21.30
CA ASN A 251 -5.17 -9.93 -19.95
C ASN A 251 -4.54 -9.01 -18.91
N GLU A 252 -3.37 -8.43 -19.21
CA GLU A 252 -2.79 -7.40 -18.33
C GLU A 252 -3.73 -6.21 -18.15
N ARG A 253 -4.60 -5.98 -19.14
CA ARG A 253 -5.47 -4.82 -19.18
C ARG A 253 -6.44 -4.80 -18.02
N PHE A 254 -6.89 -5.96 -17.56
CA PHE A 254 -7.76 -6.02 -16.39
C PHE A 254 -7.10 -6.69 -15.20
N ARG A 255 -6.05 -7.48 -15.40
CA ARG A 255 -5.26 -7.97 -14.28
C ARG A 255 -4.64 -6.83 -13.47
N CYS A 256 -4.30 -5.71 -14.12
CA CYS A 256 -3.76 -4.57 -13.37
C CYS A 256 -4.74 -4.03 -12.32
N PRO A 257 -5.91 -3.49 -12.69
CA PRO A 257 -6.81 -2.96 -11.66
C PRO A 257 -7.52 -4.01 -10.82
N GLU A 258 -7.54 -5.27 -11.25
CA GLU A 258 -8.06 -6.35 -10.41
C GLU A 258 -7.35 -6.43 -9.05
N THR A 259 -6.07 -6.02 -8.98
CA THR A 259 -5.36 -6.07 -7.71
C THR A 259 -5.98 -5.21 -6.62
N LEU A 260 -6.83 -4.24 -6.98
CA LEU A 260 -7.62 -3.55 -5.97
C LEU A 260 -8.55 -4.51 -5.26
N PHE A 261 -9.16 -5.44 -5.99
CA PHE A 261 -10.05 -6.42 -5.41
C PHE A 261 -9.33 -7.66 -4.89
N GLN A 262 -8.12 -7.92 -5.37
CA GLN A 262 -7.31 -9.06 -4.91
C GLN A 262 -5.89 -8.59 -4.59
N PRO A 263 -5.71 -7.89 -3.47
CA PRO A 263 -4.38 -7.35 -3.14
C PRO A 263 -3.28 -8.40 -3.03
N SER A 264 -3.62 -9.66 -2.78
CA SER A 264 -2.63 -10.73 -2.74
C SER A 264 -1.84 -10.85 -4.04
N PHE A 265 -2.35 -10.30 -5.15
CA PHE A 265 -1.57 -10.29 -6.39
C PHE A 265 -0.28 -9.49 -6.24
N ILE A 266 -0.30 -8.40 -5.45
CA ILE A 266 0.90 -7.64 -5.18
C ILE A 266 1.52 -8.05 -3.85
N GLY A 267 1.11 -9.20 -3.30
CA GLY A 267 1.55 -9.66 -2.01
C GLY A 267 0.98 -8.91 -0.82
N MET A 268 0.14 -7.89 -1.06
CA MET A 268 -0.53 -7.21 0.03
C MET A 268 -1.51 -8.17 0.72
N GLU A 269 -1.42 -8.26 2.04
CA GLU A 269 -2.20 -9.24 2.78
C GLU A 269 -3.66 -8.81 2.94
N SER A 270 -3.92 -7.51 2.95
CA SER A 270 -5.20 -6.99 3.42
C SER A 270 -6.37 -7.52 2.58
N ALA A 271 -7.56 -7.45 3.17
CA ALA A 271 -8.80 -7.64 2.44
C ALA A 271 -8.93 -6.65 1.29
N GLY A 272 -9.69 -7.04 0.27
CA GLY A 272 -9.86 -6.21 -0.89
C GLY A 272 -10.67 -4.97 -0.57
N ILE A 273 -10.84 -4.12 -1.59
CA ILE A 273 -11.56 -2.86 -1.39
C ILE A 273 -13.05 -3.09 -1.17
N HIS A 274 -13.62 -4.13 -1.77
CA HIS A 274 -15.00 -4.49 -1.47
C HIS A 274 -15.14 -5.03 -0.06
N GLU A 275 -14.20 -5.89 0.35
CA GLU A 275 -14.22 -6.44 1.69
C GLU A 275 -13.95 -5.36 2.75
N THR A 276 -13.01 -4.46 2.50
CA THR A 276 -12.79 -3.38 3.47
C THR A 276 -13.94 -2.38 3.49
N THR A 277 -14.64 -2.19 2.38
CA THR A 277 -15.89 -1.41 2.40
C THR A 277 -16.95 -2.08 3.26
N TYR A 278 -17.17 -3.38 3.05
CA TYR A 278 -18.13 -4.11 3.87
C TYR A 278 -17.74 -4.11 5.34
N ASN A 279 -16.48 -4.42 5.66
CA ASN A 279 -16.01 -4.41 7.04
C ASN A 279 -16.11 -3.03 7.69
N SER A 280 -15.97 -1.97 6.91
CA SER A 280 -16.20 -0.63 7.44
C SER A 280 -17.66 -0.39 7.77
N ILE A 281 -18.57 -0.82 6.89
CA ILE A 281 -19.99 -0.79 7.24
C ILE A 281 -20.29 -1.66 8.47
N MET A 282 -19.66 -2.83 8.57
CA MET A 282 -19.82 -3.70 9.72
C MET A 282 -19.23 -3.14 11.01
N LYS A 283 -18.32 -2.18 10.93
CA LYS A 283 -17.92 -1.50 12.16
C LYS A 283 -18.95 -0.47 12.61
N CYS A 284 -19.85 -0.05 11.73
CA CYS A 284 -20.89 0.91 12.08
C CYS A 284 -22.05 0.28 12.84
N ASP A 285 -22.71 1.10 13.65
CA ASP A 285 -23.90 0.68 14.39
C ASP A 285 -24.99 0.18 13.45
N ILE A 286 -25.71 -0.84 13.89
CA ILE A 286 -26.54 -1.64 12.98
C ILE A 286 -27.69 -0.83 12.40
N ASP A 287 -28.09 0.27 13.06
CA ASP A 287 -29.20 1.07 12.55
C ASP A 287 -28.85 1.82 11.27
N ILE A 288 -27.61 2.27 11.12
CA ILE A 288 -27.24 3.17 10.02
C ILE A 288 -26.76 2.42 8.78
N ARG A 289 -26.47 1.13 8.89
CA ARG A 289 -25.91 0.36 7.78
C ARG A 289 -26.76 0.43 6.52
N LYS A 290 -28.09 0.42 6.66
CA LYS A 290 -28.96 0.50 5.48
C LYS A 290 -28.74 1.79 4.68
N ASP A 291 -28.44 2.90 5.36
CA ASP A 291 -28.18 4.15 4.64
C ASP A 291 -26.77 4.22 4.11
N LEU A 292 -25.83 3.52 4.74
CA LEU A 292 -24.51 3.42 4.15
C LEU A 292 -24.56 2.57 2.88
N TYR A 293 -25.25 1.44 2.93
CA TYR A 293 -25.45 0.66 1.70
C TYR A 293 -26.14 1.50 0.63
N ALA A 294 -27.09 2.34 1.03
CA ALA A 294 -27.78 3.20 0.09
C ALA A 294 -26.95 4.42 -0.33
N ASN A 295 -25.75 4.61 0.23
CA ASN A 295 -24.98 5.81 -0.03
C ASN A 295 -23.48 5.50 -0.05
N ASN A 296 -23.07 4.53 -0.87
CA ASN A 296 -21.65 4.38 -1.15
C ASN A 296 -21.19 5.48 -2.12
N VAL A 297 -20.28 6.32 -1.67
CA VAL A 297 -19.69 7.38 -2.49
C VAL A 297 -18.27 6.98 -2.89
N MET A 298 -17.99 7.00 -4.19
CA MET A 298 -16.67 6.67 -4.71
C MET A 298 -15.98 7.95 -5.15
N SER A 299 -14.71 8.09 -4.81
CA SER A 299 -13.94 9.25 -5.21
C SER A 299 -12.48 8.87 -5.40
N GLY A 300 -11.73 9.75 -6.04
CA GLY A 300 -10.32 9.53 -6.34
C GLY A 300 -10.08 8.88 -7.68
N GLY A 301 -8.94 9.23 -8.28
CA GLY A 301 -8.69 8.88 -9.67
C GLY A 301 -8.75 7.40 -9.98
N THR A 302 -8.28 6.56 -9.06
CA THR A 302 -8.34 5.11 -9.29
C THR A 302 -9.75 4.53 -9.16
N THR A 303 -10.77 5.34 -8.90
CA THR A 303 -12.15 4.91 -9.09
C THR A 303 -12.69 5.21 -10.49
N MET A 304 -11.84 5.72 -11.39
CA MET A 304 -12.30 6.10 -12.72
C MET A 304 -12.34 4.93 -13.70
N TYR A 305 -11.79 3.78 -13.33
CA TYR A 305 -11.74 2.64 -14.24
C TYR A 305 -13.15 2.28 -14.72
N PRO A 306 -13.35 2.09 -16.02
CA PRO A 306 -14.63 1.57 -16.50
C PRO A 306 -15.02 0.27 -15.81
N GLY A 307 -16.29 0.18 -15.42
CA GLY A 307 -16.80 -1.02 -14.79
C GLY A 307 -16.50 -1.20 -13.32
N ILE A 308 -15.73 -0.30 -12.71
CA ILE A 308 -15.38 -0.47 -11.30
C ILE A 308 -16.62 -0.34 -10.41
N ALA A 309 -17.55 0.54 -10.77
CA ALA A 309 -18.79 0.67 -10.00
C ALA A 309 -19.65 -0.59 -10.11
N ASP A 310 -19.75 -1.16 -11.31
CA ASP A 310 -20.49 -2.41 -11.50
C ASP A 310 -19.88 -3.56 -10.72
N ARG A 311 -18.56 -3.73 -10.81
CA ARG A 311 -17.89 -4.76 -10.03
C ARG A 311 -18.05 -4.54 -8.52
N MET A 312 -17.89 -3.31 -8.06
CA MET A 312 -18.07 -3.02 -6.63
C MET A 312 -19.48 -3.32 -6.16
N GLN A 313 -20.48 -2.98 -6.99
CA GLN A 313 -21.87 -3.27 -6.65
C GLN A 313 -22.13 -4.77 -6.62
N LYS A 314 -21.63 -5.51 -7.59
CA LYS A 314 -21.73 -6.97 -7.56
C LYS A 314 -21.11 -7.54 -6.30
N GLU A 315 -19.90 -7.12 -5.96
CA GLU A 315 -19.19 -7.70 -4.83
C GLU A 315 -19.85 -7.36 -3.49
N ILE A 316 -20.28 -6.11 -3.32
CA ILE A 316 -20.98 -5.79 -2.07
C ILE A 316 -22.37 -6.43 -2.02
N THR A 317 -23.07 -6.55 -3.16
CA THR A 317 -24.35 -7.25 -3.14
C THR A 317 -24.16 -8.72 -2.82
N ALA A 318 -22.99 -9.27 -3.12
CA ALA A 318 -22.69 -10.63 -2.68
C ALA A 318 -22.33 -10.69 -1.21
N LEU A 319 -21.69 -9.63 -0.69
CA LEU A 319 -21.34 -9.56 0.72
C LEU A 319 -22.53 -9.20 1.60
N ALA A 320 -23.26 -8.14 1.22
CA ALA A 320 -24.32 -7.60 2.06
C ALA A 320 -25.59 -8.44 2.03
N PRO A 321 -26.41 -8.35 3.09
CA PRO A 321 -27.66 -9.11 3.14
C PRO A 321 -28.58 -8.83 1.96
N SER A 322 -29.28 -9.89 1.53
CA SER A 322 -29.97 -9.91 0.24
C SER A 322 -30.99 -8.79 0.08
N THR A 323 -31.54 -8.28 1.18
CA THR A 323 -32.55 -7.23 1.09
C THR A 323 -31.94 -5.86 0.82
N MET A 324 -30.69 -5.63 1.21
CA MET A 324 -30.15 -4.28 1.19
C MET A 324 -30.01 -3.76 -0.24
N LYS A 325 -30.53 -2.55 -0.47
CA LYS A 325 -30.45 -1.88 -1.77
C LYS A 325 -29.08 -1.24 -1.92
N ILE A 326 -28.09 -2.06 -2.28
CA ILE A 326 -26.73 -1.58 -2.46
C ILE A 326 -26.69 -0.60 -3.62
N LYS A 327 -26.26 0.63 -3.34
CA LYS A 327 -26.16 1.68 -4.33
C LYS A 327 -24.81 2.37 -4.21
N ILE A 328 -24.19 2.64 -5.35
CA ILE A 328 -22.88 3.29 -5.41
C ILE A 328 -23.01 4.61 -6.14
N ILE A 329 -22.63 5.70 -5.46
CA ILE A 329 -22.63 7.04 -6.05
C ILE A 329 -21.22 7.26 -6.58
N ALA A 330 -21.01 6.91 -7.85
CA ALA A 330 -19.74 7.11 -8.56
C ALA A 330 -20.01 8.02 -9.75
N PRO A 331 -20.13 9.32 -9.52
CA PRO A 331 -20.50 10.23 -10.62
C PRO A 331 -19.33 10.48 -11.55
N PRO A 332 -19.58 11.09 -12.70
CA PRO A 332 -18.52 11.80 -13.42
C PRO A 332 -17.78 12.84 -12.59
N GLU A 333 -16.55 13.15 -13.01
CA GLU A 333 -15.65 14.09 -12.35
C GLU A 333 -15.36 13.74 -10.89
N ARG A 334 -15.65 12.50 -10.48
CA ARG A 334 -15.29 12.04 -9.15
C ARG A 334 -13.78 12.09 -8.91
N LYS A 335 -12.99 12.23 -9.97
CA LYS A 335 -11.57 12.53 -9.83
C LYS A 335 -11.31 13.87 -9.14
N TYR A 336 -12.14 14.87 -9.41
CA TYR A 336 -11.98 16.19 -8.79
C TYR A 336 -12.88 16.42 -7.59
N SER A 337 -13.61 15.41 -7.13
CA SER A 337 -14.60 15.62 -6.07
C SER A 337 -13.98 16.09 -4.76
N VAL A 338 -12.75 15.67 -4.45
CA VAL A 338 -12.11 16.17 -3.24
C VAL A 338 -11.84 17.66 -3.32
N TRP A 339 -11.38 18.14 -4.48
CA TRP A 339 -11.20 19.58 -4.65
C TRP A 339 -12.53 20.31 -4.66
N ILE A 340 -13.54 19.78 -5.37
CA ILE A 340 -14.84 20.44 -5.38
C ILE A 340 -15.42 20.54 -3.98
N GLY A 341 -15.27 19.48 -3.18
CA GLY A 341 -15.68 19.53 -1.79
C GLY A 341 -14.93 20.57 -0.97
N GLY A 342 -13.64 20.74 -1.24
CA GLY A 342 -12.91 21.83 -0.60
C GLY A 342 -13.35 23.21 -1.06
N SER A 343 -13.70 23.34 -2.34
CA SER A 343 -14.22 24.59 -2.88
C SER A 343 -15.58 24.95 -2.28
N ILE A 344 -16.39 23.95 -1.97
CA ILE A 344 -17.62 24.19 -1.20
C ILE A 344 -17.27 24.60 0.23
N LEU A 345 -16.54 23.76 0.95
CA LEU A 345 -16.31 23.98 2.38
C LEU A 345 -15.62 25.32 2.65
N ALA A 346 -14.55 25.62 1.92
CA ALA A 346 -13.82 26.87 2.15
C ALA A 346 -14.67 28.10 1.88
N SER A 347 -15.73 28.00 1.10
CA SER A 347 -16.58 29.14 0.82
C SER A 347 -17.88 29.12 1.60
N LEU A 348 -18.07 28.10 2.43
CA LEU A 348 -19.29 27.96 3.22
C LEU A 348 -19.26 28.94 4.39
N SER A 349 -20.38 29.61 4.63
CA SER A 349 -20.41 30.74 5.57
C SER A 349 -20.21 30.30 7.01
N THR A 350 -20.62 29.08 7.34
CA THR A 350 -20.42 28.55 8.69
C THR A 350 -19.01 28.09 8.95
N PHE A 351 -18.23 27.80 7.90
CA PHE A 351 -16.86 27.34 8.06
C PHE A 351 -15.88 28.46 8.44
N GLN A 352 -16.25 29.72 8.25
CA GLN A 352 -15.33 30.82 8.53
C GLN A 352 -14.96 30.94 10.01
N GLN A 353 -15.68 30.24 10.89
CA GLN A 353 -15.25 30.11 12.28
C GLN A 353 -14.06 29.16 12.41
N MET A 354 -13.90 28.23 11.48
CA MET A 354 -13.09 27.04 11.65
C MET A 354 -11.61 27.25 11.31
N TRP A 355 -11.27 28.32 10.60
CA TRP A 355 -9.88 28.53 10.19
C TRP A 355 -8.96 28.58 11.42
N ILE A 356 -7.77 27.99 11.28
CA ILE A 356 -6.65 28.27 12.16
C ILE A 356 -6.12 29.67 11.83
N THR A 357 -6.38 30.64 12.70
CA THR A 357 -5.79 31.94 12.46
C THR A 357 -4.33 31.94 12.86
N LYS A 358 -3.56 32.87 12.26
CA LYS A 358 -2.15 32.98 12.61
C LYS A 358 -1.94 33.41 14.05
N GLN A 359 -2.90 34.15 14.62
CA GLN A 359 -2.86 34.45 16.06
C GLN A 359 -2.92 33.18 16.90
N GLU A 360 -3.79 32.24 16.53
CA GLU A 360 -3.83 30.97 17.25
C GLU A 360 -2.55 30.16 17.08
N TYR A 361 -1.90 30.23 15.92
CA TYR A 361 -0.61 29.56 15.77
C TYR A 361 0.48 30.23 16.59
N ASP A 362 0.52 31.56 16.61
CA ASP A 362 1.46 32.28 17.46
C ASP A 362 1.23 32.01 18.94
N GLU A 363 -0.01 31.69 19.34
CA GLU A 363 -0.28 31.33 20.72
C GLU A 363 0.03 29.86 21.04
N ALA A 364 -0.21 28.94 20.11
CA ALA A 364 -0.23 27.51 20.45
C ALA A 364 0.72 26.61 19.67
N GLY A 365 1.48 27.13 18.72
CA GLY A 365 2.42 26.35 17.95
C GLY A 365 1.73 25.28 17.12
N PRO A 366 2.51 24.38 16.51
CA PRO A 366 1.94 23.33 15.66
C PRO A 366 0.88 22.48 16.33
N SER A 367 0.90 22.38 17.66
CA SER A 367 -0.07 21.57 18.38
C SER A 367 -1.51 22.03 18.19
N ILE A 368 -1.73 23.28 17.75
CA ILE A 368 -3.10 23.79 17.62
C ILE A 368 -3.91 22.98 16.61
N VAL A 369 -3.25 22.44 15.57
CA VAL A 369 -3.99 21.82 14.46
C VAL A 369 -4.51 20.44 14.82
N HIS A 370 -4.11 19.89 15.96
CA HIS A 370 -4.77 18.71 16.50
C HIS A 370 -5.99 19.07 17.34
N ARG A 371 -6.04 20.28 17.88
CA ARG A 371 -7.15 20.67 18.75
C ARG A 371 -8.37 21.11 17.95
N LYS A 372 -8.16 21.92 16.90
CA LYS A 372 -9.29 22.45 16.14
C LYS A 372 -9.73 21.50 15.02
N CYS A 373 -8.81 21.13 14.14
CA CYS A 373 -9.18 20.30 12.99
C CYS A 373 -9.50 18.89 13.44
N PHE A 374 -10.45 18.26 12.75
CA PHE A 374 -10.85 16.89 13.08
C PHE A 374 -9.75 15.91 12.71
N ALA B 1 -26.97 11.38 -10.74
CA ALA B 1 -27.30 12.79 -10.89
C ALA B 1 -26.25 13.49 -11.75
N PRO B 2 -26.67 14.49 -12.54
CA PRO B 2 -25.73 15.21 -13.39
C PRO B 2 -24.84 16.14 -12.57
N ARG B 3 -23.80 16.64 -13.23
CA ARG B 3 -22.97 17.67 -12.62
C ARG B 3 -23.79 18.91 -12.27
N ARG B 4 -23.49 19.49 -11.12
CA ARG B 4 -24.09 20.75 -10.70
C ARG B 4 -23.02 21.62 -10.06
N SER B 5 -23.25 22.94 -10.10
CA SER B 5 -22.21 23.89 -9.71
C SER B 5 -22.01 23.89 -8.20
N VAL B 6 -20.84 24.39 -7.80
CA VAL B 6 -20.59 24.68 -6.39
C VAL B 6 -21.51 25.79 -5.89
N GLY B 7 -21.86 26.74 -6.76
CA GLY B 7 -22.88 27.72 -6.41
C GLY B 7 -24.23 27.11 -6.07
N GLU B 8 -24.58 26.01 -6.75
CA GLU B 8 -25.78 25.26 -6.38
C GLU B 8 -25.57 24.42 -5.12
N LEU B 9 -24.48 23.67 -5.06
CA LEU B 9 -24.25 22.76 -3.93
C LEU B 9 -24.16 23.50 -2.60
N ARG B 10 -23.48 24.65 -2.58
CA ARG B 10 -23.39 25.43 -1.35
C ARG B 10 -24.77 25.75 -0.77
N LEU B 11 -25.71 26.17 -1.60
CA LEU B 11 -27.04 26.54 -1.09
C LEU B 11 -27.81 25.34 -0.56
N LEU B 12 -27.48 24.13 -1.01
CA LEU B 12 -28.04 22.93 -0.40
C LEU B 12 -27.54 22.73 1.02
N PHE B 13 -26.26 23.00 1.26
CA PHE B 13 -25.71 22.86 2.61
C PHE B 13 -26.12 24.02 3.52
N GLU B 14 -26.30 25.21 2.99
CA GLU B 14 -26.93 26.28 3.76
C GLU B 14 -28.38 25.96 4.13
N ALA B 15 -29.14 25.36 3.21
CA ALA B 15 -30.48 24.89 3.56
C ALA B 15 -30.45 23.76 4.59
N ARG B 16 -29.52 22.82 4.45
CA ARG B 16 -29.39 21.77 5.46
C ARG B 16 -28.94 22.32 6.81
N ALA B 17 -28.10 23.36 6.82
CA ALA B 17 -27.76 24.05 8.06
C ALA B 17 -28.97 24.68 8.71
N ALA B 18 -29.84 25.31 7.92
CA ALA B 18 -31.09 25.84 8.45
C ALA B 18 -32.04 24.73 8.92
N SER B 19 -32.01 23.58 8.27
CA SER B 19 -32.82 22.44 8.73
C SER B 19 -32.28 21.86 10.04
N ALA B 20 -30.96 21.79 10.18
CA ALA B 20 -30.37 21.31 11.44
C ALA B 20 -30.56 22.32 12.57
N ALA B 21 -30.59 23.60 12.26
CA ALA B 21 -30.80 24.64 13.27
C ALA B 21 -32.12 24.45 14.01
N THR C 4 40.72 40.48 -24.67
CA THR C 4 41.06 40.27 -26.08
C THR C 4 40.18 39.17 -26.67
N THR C 5 39.87 39.30 -27.96
CA THR C 5 38.98 38.35 -28.62
C THR C 5 39.59 36.95 -28.62
N ALA C 6 38.79 35.96 -28.26
CA ALA C 6 39.28 34.59 -28.13
C ALA C 6 39.64 34.03 -29.50
N LEU C 7 40.33 32.88 -29.47
CA LEU C 7 40.83 32.25 -30.67
C LEU C 7 40.39 30.79 -30.70
N VAL C 8 39.87 30.36 -31.86
CA VAL C 8 39.33 29.03 -32.03
C VAL C 8 40.17 28.32 -33.09
N CYS C 9 40.72 27.16 -32.73
CA CYS C 9 41.65 26.44 -33.59
C CYS C 9 41.21 24.97 -33.58
N ASP C 10 40.43 24.60 -34.59
CA ASP C 10 39.93 23.22 -34.73
C ASP C 10 41.02 22.39 -35.39
N ASN C 11 41.95 21.92 -34.57
CA ASN C 11 42.85 20.84 -34.97
C ASN C 11 42.14 19.51 -35.07
N GLY C 12 41.11 19.44 -35.91
CA GLY C 12 40.65 18.17 -36.42
C GLY C 12 41.70 17.51 -37.30
N SER C 13 41.35 16.34 -37.81
CA SER C 13 42.20 15.65 -38.75
C SER C 13 42.06 16.24 -40.15
N GLY C 14 43.13 16.16 -40.92
CA GLY C 14 43.12 16.51 -42.32
C GLY C 14 43.19 18.00 -42.60
N LEU C 15 42.25 18.78 -42.09
CA LEU C 15 42.31 20.24 -42.22
C LEU C 15 42.31 20.88 -40.83
N VAL C 16 43.23 21.81 -40.61
CA VAL C 16 43.08 22.80 -39.55
C VAL C 16 42.08 23.87 -39.98
N LYS C 17 41.11 24.15 -39.12
CA LYS C 17 40.28 25.34 -39.22
C LYS C 17 40.58 26.24 -38.02
N ALA C 18 41.01 27.47 -38.29
CA ALA C 18 41.36 28.40 -37.23
C ALA C 18 40.94 29.81 -37.60
N GLY C 19 40.68 30.61 -36.57
CA GLY C 19 40.28 32.00 -36.76
C GLY C 19 39.80 32.59 -35.46
N PHE C 20 39.63 33.91 -35.49
CA PHE C 20 39.18 34.63 -34.31
C PHE C 20 37.70 34.34 -34.03
N ALA C 21 37.35 34.39 -32.75
CA ALA C 21 35.95 34.20 -32.37
C ALA C 21 35.11 35.37 -32.81
N GLY C 22 33.85 35.08 -33.18
CA GLY C 22 32.95 36.07 -33.71
C GLY C 22 32.99 36.23 -35.22
N ASP C 23 34.02 35.72 -35.88
CA ASP C 23 34.01 35.65 -37.34
C ASP C 23 33.05 34.57 -37.82
N ASP C 24 32.47 34.81 -39.00
CA ASP C 24 31.51 33.88 -39.58
C ASP C 24 32.17 32.64 -40.18
N ALA C 25 33.46 32.69 -40.49
CA ALA C 25 34.13 31.57 -41.13
C ALA C 25 35.60 31.59 -40.77
N PRO C 26 36.26 30.42 -40.70
CA PRO C 26 37.67 30.38 -40.33
C PRO C 26 38.54 31.02 -41.41
N ARG C 27 39.34 32.01 -41.01
CA ARG C 27 40.16 32.74 -41.97
C ARG C 27 41.45 32.02 -42.32
N ALA C 28 41.80 30.95 -41.61
CA ALA C 28 42.88 30.05 -42.02
C ALA C 28 42.34 28.64 -42.10
N VAL C 29 42.23 28.11 -43.31
CA VAL C 29 41.94 26.70 -43.55
C VAL C 29 43.04 26.14 -44.44
N PHE C 30 43.75 25.13 -43.94
CA PHE C 30 44.88 24.55 -44.65
C PHE C 30 45.07 23.12 -44.17
N PRO C 31 45.71 22.27 -44.97
CA PRO C 31 45.83 20.86 -44.57
C PRO C 31 46.80 20.65 -43.43
N SER C 32 46.44 19.74 -42.53
CA SER C 32 47.25 19.43 -41.35
C SER C 32 48.40 18.48 -41.72
N ILE C 33 49.24 18.95 -42.64
CA ILE C 33 50.29 18.14 -43.24
C ILE C 33 51.64 18.74 -42.88
N VAL C 34 52.60 17.86 -42.55
CA VAL C 34 54.01 18.21 -42.53
C VAL C 34 54.71 17.39 -43.60
N GLY C 35 55.45 18.08 -44.46
CA GLY C 35 56.21 17.42 -45.52
C GLY C 35 57.70 17.66 -45.38
N ARG C 36 58.48 16.61 -45.60
CA ARG C 36 59.92 16.68 -45.49
C ARG C 36 60.55 16.23 -46.80
N PRO C 37 61.58 16.92 -47.28
CA PRO C 37 62.15 16.59 -48.60
C PRO C 37 62.49 15.12 -48.75
N ARG C 38 62.03 14.53 -49.85
CA ARG C 38 62.24 13.10 -50.07
C ARG C 38 63.58 12.80 -50.71
N HIS C 39 64.09 13.71 -51.54
CA HIS C 39 65.24 13.44 -52.39
C HIS C 39 66.48 14.19 -51.92
N GLN C 40 67.55 14.05 -52.69
CA GLN C 40 68.81 14.73 -52.47
C GLN C 40 68.63 16.26 -52.48
N GLY C 41 69.66 16.94 -52.02
CA GLY C 41 69.67 18.39 -51.83
C GLY C 41 70.56 19.06 -52.86
N VAL C 42 70.44 18.62 -54.11
CA VAL C 42 71.47 18.83 -55.12
C VAL C 42 71.80 20.31 -55.30
N MET C 43 70.80 21.18 -55.24
CA MET C 43 70.94 22.55 -55.75
C MET C 43 71.05 23.53 -54.57
N VAL C 44 72.29 23.87 -54.24
CA VAL C 44 72.62 24.88 -53.24
C VAL C 44 72.27 26.27 -53.79
N GLY C 45 72.44 27.29 -52.96
CA GLY C 45 71.91 28.61 -53.25
C GLY C 45 70.44 28.78 -52.93
N MET C 46 69.85 27.85 -52.18
CA MET C 46 68.48 27.96 -51.70
C MET C 46 68.46 27.45 -50.26
N GLY C 47 67.45 27.89 -49.51
CA GLY C 47 67.31 27.41 -48.15
C GLY C 47 67.01 25.92 -48.08
N GLN C 48 66.28 25.38 -49.07
CA GLN C 48 65.94 23.97 -49.12
C GLN C 48 65.38 23.47 -47.79
N LYS C 49 64.59 24.33 -47.13
CA LYS C 49 64.37 24.21 -45.70
C LYS C 49 63.79 22.85 -45.32
N ASP C 50 64.10 22.43 -44.09
CA ASP C 50 63.89 21.05 -43.66
C ASP C 50 62.42 20.63 -43.69
N SER C 51 61.49 21.57 -43.58
CA SER C 51 60.10 21.18 -43.42
C SER C 51 59.18 22.24 -44.02
N TYR C 52 58.05 21.75 -44.55
CA TYR C 52 57.00 22.58 -45.13
C TYR C 52 55.67 22.10 -44.57
N VAL C 53 54.77 23.03 -44.28
CA VAL C 53 53.48 22.70 -43.69
C VAL C 53 52.37 23.42 -44.44
N GLY C 54 51.20 22.80 -44.45
CA GLY C 54 50.03 23.38 -45.10
C GLY C 54 50.18 23.57 -46.60
N ASP C 55 49.77 24.76 -47.06
CA ASP C 55 49.88 25.07 -48.48
C ASP C 55 51.33 25.02 -48.96
N GLU C 56 52.29 25.27 -48.08
CA GLU C 56 53.69 25.06 -48.45
C GLU C 56 53.90 23.61 -48.90
N ALA C 57 53.39 22.67 -48.11
CA ALA C 57 53.57 21.24 -48.40
C ALA C 57 52.79 20.82 -49.64
N GLN C 58 51.60 21.39 -49.84
CA GLN C 58 50.86 21.15 -51.07
C GLN C 58 51.57 21.70 -52.30
N SER C 59 52.15 22.90 -52.20
CA SER C 59 52.88 23.49 -53.31
C SER C 59 54.14 22.70 -53.68
N LYS C 60 54.65 21.87 -52.78
CA LYS C 60 55.84 21.06 -53.03
C LYS C 60 55.53 19.57 -53.02
N ARG C 61 54.25 19.21 -53.08
CA ARG C 61 53.76 17.87 -52.79
C ARG C 61 54.62 16.76 -53.36
N GLY C 62 54.98 16.87 -54.64
CA GLY C 62 55.64 15.78 -55.33
C GLY C 62 57.11 15.58 -55.04
N ILE C 63 57.70 16.33 -54.11
CA ILE C 63 59.06 16.07 -53.65
C ILE C 63 59.12 15.84 -52.15
N LEU C 64 57.96 15.77 -51.48
CA LEU C 64 57.91 15.64 -50.03
C LEU C 64 57.26 14.31 -49.66
N THR C 65 57.78 13.68 -48.61
CA THR C 65 57.06 12.62 -47.91
C THR C 65 56.06 13.26 -46.96
N LEU C 66 54.82 13.42 -47.43
CA LEU C 66 53.78 13.99 -46.61
C LEU C 66 53.41 13.04 -45.47
N LYS C 67 53.16 13.62 -44.29
CA LYS C 67 52.68 12.87 -43.14
C LYS C 67 51.64 13.68 -42.40
N TYR C 68 50.63 12.99 -41.84
CA TYR C 68 49.66 13.63 -40.98
C TYR C 68 50.01 13.32 -39.53
N PRO C 69 50.22 14.32 -38.67
CA PRO C 69 50.60 14.05 -37.28
C PRO C 69 49.43 13.75 -36.38
N ILE C 70 48.20 13.86 -36.87
CA ILE C 70 47.01 13.47 -36.14
C ILE C 70 46.30 12.36 -36.93
N GLU C 71 46.12 11.22 -36.29
CA GLU C 71 45.65 10.03 -36.96
C GLU C 71 44.55 9.37 -36.13
N GLY C 73 41.96 10.95 -35.24
CA GLY C 73 41.67 11.97 -34.26
C GLY C 73 42.66 12.04 -33.12
N ILE C 74 43.67 11.17 -33.15
CA ILE C 74 44.70 11.09 -32.11
C ILE C 74 45.97 11.71 -32.67
N ILE C 75 46.56 12.63 -31.92
CA ILE C 75 47.84 13.22 -32.28
C ILE C 75 48.94 12.23 -32.00
N THR C 76 49.57 11.71 -33.05
CA THR C 76 50.61 10.69 -32.94
C THR C 76 52.01 11.29 -32.90
N ASN C 77 52.18 12.57 -33.25
CA ASN C 77 53.49 13.13 -33.60
C ASN C 77 53.51 14.57 -33.10
N TRP C 78 53.72 14.73 -31.80
CA TRP C 78 53.64 16.03 -31.14
C TRP C 78 54.68 17.01 -31.66
N ASP C 79 55.85 16.51 -32.05
CA ASP C 79 56.90 17.38 -32.60
C ASP C 79 56.47 18.07 -33.88
N ASP C 80 55.67 17.41 -34.71
CA ASP C 80 55.14 18.02 -35.92
C ASP C 80 53.83 18.75 -35.70
N MET C 81 52.99 18.27 -34.78
CA MET C 81 51.78 19.01 -34.44
C MET C 81 52.14 20.38 -33.86
N GLU C 82 53.19 20.45 -33.03
CA GLU C 82 53.65 21.74 -32.53
C GLU C 82 54.15 22.65 -33.64
N LYS C 83 54.62 22.07 -34.75
CA LYS C 83 54.93 22.85 -35.94
C LYS C 83 53.66 23.35 -36.62
N ILE C 84 52.62 22.53 -36.64
CA ILE C 84 51.36 22.97 -37.25
C ILE C 84 50.73 24.09 -36.45
N TRP C 85 50.74 23.99 -35.12
CA TRP C 85 50.29 25.10 -34.27
C TRP C 85 51.15 26.35 -34.43
N HIS C 86 52.48 26.19 -34.47
CA HIS C 86 53.35 27.34 -34.72
C HIS C 86 53.00 28.01 -36.05
N HIS C 87 52.83 27.23 -37.12
CA HIS C 87 52.45 27.80 -38.40
C HIS C 87 51.11 28.51 -38.33
N THR C 88 50.14 27.87 -37.66
CA THR C 88 48.80 28.45 -37.52
C THR C 88 48.85 29.81 -36.85
N PHE C 89 49.57 29.91 -35.74
CA PHE C 89 49.58 31.16 -34.99
C PHE C 89 50.47 32.21 -35.64
N TYR C 90 51.71 31.88 -35.95
CA TYR C 90 52.67 32.89 -36.36
C TYR C 90 52.67 33.20 -37.86
N ASN C 91 52.37 32.24 -38.73
CA ASN C 91 52.43 32.49 -40.17
C ASN C 91 51.09 32.74 -40.81
N GLU C 92 50.06 32.00 -40.42
CA GLU C 92 48.73 32.17 -41.00
C GLU C 92 47.94 33.27 -40.29
N LEU C 93 47.67 33.09 -39.00
CA LEU C 93 46.94 34.12 -38.26
C LEU C 93 47.81 35.31 -37.89
N ARG C 94 49.13 35.14 -37.88
CA ARG C 94 50.07 36.25 -37.63
C ARG C 94 49.77 36.96 -36.30
N VAL C 95 49.70 36.17 -35.22
CA VAL C 95 49.25 36.64 -33.92
C VAL C 95 50.08 35.93 -32.85
N ALA C 96 50.31 36.63 -31.73
CA ALA C 96 51.08 36.07 -30.63
C ALA C 96 50.12 35.41 -29.65
N PRO C 97 50.18 34.10 -29.47
CA PRO C 97 49.14 33.42 -28.66
C PRO C 97 49.09 33.87 -27.21
N GLU C 98 50.17 34.44 -26.68
CA GLU C 98 50.19 34.90 -25.29
C GLU C 98 49.23 36.06 -25.01
N GLU C 99 48.48 36.53 -26.01
CA GLU C 99 47.42 37.50 -25.76
C GLU C 99 46.02 36.93 -25.97
N HIS C 100 45.89 35.75 -26.56
CA HIS C 100 44.61 35.25 -27.04
C HIS C 100 44.26 33.90 -26.42
N PRO C 101 43.24 33.83 -25.57
CA PRO C 101 42.84 32.53 -25.03
C PRO C 101 42.30 31.65 -26.15
N THR C 102 42.78 30.40 -26.19
CA THR C 102 42.61 29.52 -27.33
C THR C 102 41.64 28.40 -26.98
N LEU C 103 40.54 28.34 -27.72
CA LEU C 103 39.61 27.21 -27.67
C LEU C 103 40.10 26.14 -28.64
N LEU C 104 40.74 25.11 -28.10
CA LEU C 104 40.95 23.89 -28.87
C LEU C 104 39.68 23.05 -28.88
N THR C 105 39.70 22.00 -29.70
CA THR C 105 38.62 21.03 -29.69
C THR C 105 39.15 19.68 -30.17
N GLU C 106 38.49 18.62 -29.71
CA GLU C 106 38.87 17.26 -30.08
C GLU C 106 37.62 16.40 -30.13
N ALA C 107 37.76 15.22 -30.75
CA ALA C 107 36.68 14.27 -30.79
C ALA C 107 36.44 13.66 -29.41
N PRO C 108 35.24 13.16 -29.15
CA PRO C 108 34.97 12.48 -27.88
C PRO C 108 35.56 11.07 -27.89
N LEU C 109 35.56 10.46 -26.70
CA LEU C 109 36.10 9.13 -26.49
C LEU C 109 37.52 9.02 -27.05
N ASN C 110 38.40 9.88 -26.52
CA ASN C 110 39.73 10.09 -27.09
C ASN C 110 40.75 10.07 -25.96
N PRO C 111 41.92 9.49 -26.19
CA PRO C 111 42.89 9.29 -25.09
C PRO C 111 43.19 10.58 -24.34
N LYS C 112 43.11 10.49 -23.01
CA LYS C 112 43.38 11.64 -22.14
C LYS C 112 44.81 12.14 -22.26
N ALA C 113 45.75 11.30 -22.71
CA ALA C 113 47.09 11.77 -23.01
C ALA C 113 47.11 12.86 -24.07
N ASN C 114 46.18 12.84 -25.02
CA ASN C 114 46.15 13.89 -26.03
C ASN C 114 45.74 15.22 -25.40
N ARG C 115 44.61 15.24 -24.71
CA ARG C 115 44.13 16.44 -24.04
C ARG C 115 45.15 17.01 -23.06
N GLU C 116 45.88 16.14 -22.36
CA GLU C 116 46.98 16.58 -21.50
C GLU C 116 48.16 17.17 -22.27
N LYS C 117 48.58 16.52 -23.36
CA LYS C 117 49.72 17.08 -24.10
C LYS C 117 49.36 18.39 -24.79
N MET C 118 48.15 18.49 -25.34
CA MET C 118 47.66 19.77 -25.85
C MET C 118 47.67 20.85 -24.76
N THR C 119 47.28 20.50 -23.54
CA THR C 119 47.32 21.47 -22.45
C THR C 119 48.75 21.90 -22.14
N GLN C 120 49.65 20.93 -21.97
CA GLN C 120 51.06 21.23 -21.75
C GLN C 120 51.62 22.14 -22.83
N ILE C 121 51.35 21.82 -24.10
CA ILE C 121 51.92 22.57 -25.21
C ILE C 121 51.37 23.99 -25.24
N MET C 122 50.05 24.14 -25.07
CA MET C 122 49.45 25.46 -25.09
C MET C 122 49.96 26.34 -23.96
N PHE C 123 50.05 25.79 -22.75
CA PHE C 123 50.48 26.61 -21.61
C PHE C 123 51.98 26.79 -21.47
N GLU C 124 52.81 25.91 -22.03
CA GLU C 124 54.25 26.02 -21.83
C GLU C 124 55.04 26.37 -23.09
N THR C 125 54.57 25.99 -24.27
CA THR C 125 55.19 26.49 -25.49
C THR C 125 54.62 27.84 -25.91
N PHE C 126 53.29 27.97 -25.95
CA PHE C 126 52.68 29.19 -26.46
C PHE C 126 52.26 30.15 -25.36
N ASN C 127 52.42 29.77 -24.10
CA ASN C 127 52.17 30.65 -22.95
C ASN C 127 50.78 31.27 -22.96
N VAL C 128 49.83 30.62 -23.64
CA VAL C 128 48.52 31.25 -23.87
C VAL C 128 47.85 31.58 -22.55
N PRO C 129 47.11 32.70 -22.46
CA PRO C 129 46.49 33.06 -21.17
C PRO C 129 45.50 32.03 -20.67
N ALA C 130 44.74 31.40 -21.55
CA ALA C 130 43.76 30.40 -21.13
C ALA C 130 43.43 29.51 -22.33
N MET C 131 42.76 28.39 -22.04
CA MET C 131 42.57 27.34 -23.01
C MET C 131 41.29 26.58 -22.65
N TYR C 132 40.70 25.92 -23.65
CA TYR C 132 39.59 25.00 -23.41
C TYR C 132 39.56 23.96 -24.52
N VAL C 133 38.94 22.81 -24.24
CA VAL C 133 38.91 21.70 -25.20
C VAL C 133 37.49 21.17 -25.36
N ALA C 134 36.69 21.85 -26.18
CA ALA C 134 35.31 21.45 -26.39
C ALA C 134 35.22 20.21 -27.29
N ILE C 135 34.19 19.39 -27.05
CA ILE C 135 33.88 18.28 -27.94
C ILE C 135 33.31 18.81 -29.25
N GLN C 136 33.86 18.33 -30.37
CA GLN C 136 33.52 18.88 -31.69
C GLN C 136 32.03 18.79 -31.97
N ALA C 137 31.40 17.67 -31.59
CA ALA C 137 29.97 17.51 -31.84
C ALA C 137 29.13 18.48 -31.02
N VAL C 138 29.57 18.82 -29.80
CA VAL C 138 28.84 19.80 -29.02
C VAL C 138 28.90 21.16 -29.70
N LEU C 139 30.07 21.50 -30.24
CA LEU C 139 30.21 22.72 -31.04
C LEU C 139 29.28 22.72 -32.25
N SER C 140 29.13 21.55 -32.90
CA SER C 140 28.31 21.48 -34.11
C SER C 140 26.84 21.80 -33.88
N LEU C 141 26.32 21.67 -32.66
CA LEU C 141 24.97 22.16 -32.38
C LEU C 141 24.88 23.67 -32.48
N TYR C 142 25.80 24.40 -31.86
CA TYR C 142 25.74 25.85 -31.87
C TYR C 142 25.65 26.42 -33.28
N ALA C 143 26.40 25.86 -34.23
CA ALA C 143 26.33 26.35 -35.60
C ALA C 143 24.96 26.12 -36.24
N SER C 144 24.18 25.16 -35.75
CA SER C 144 22.83 24.96 -36.25
C SER C 144 21.78 25.75 -35.46
N GLY C 145 22.09 26.12 -34.22
CA GLY C 145 21.11 26.73 -33.34
C GLY C 145 20.26 25.76 -32.55
N ARG C 146 20.49 24.46 -32.69
CA ARG C 146 19.78 23.49 -31.88
C ARG C 146 20.22 23.56 -30.41
N THR C 147 19.33 23.10 -29.53
CA THR C 147 19.74 22.67 -28.20
C THR C 147 19.60 21.16 -28.01
N THR C 148 18.92 20.48 -28.94
CA THR C 148 18.58 19.08 -28.82
C THR C 148 18.82 18.43 -30.19
N GLY C 149 19.43 17.26 -30.19
CA GLY C 149 19.63 16.57 -31.46
C GLY C 149 20.67 15.48 -31.35
N ILE C 150 20.61 14.57 -32.32
CA ILE C 150 21.78 13.80 -32.70
C ILE C 150 22.71 14.70 -33.49
N VAL C 151 23.99 14.70 -33.15
CA VAL C 151 25.04 15.19 -34.04
C VAL C 151 25.76 14.01 -34.66
N LEU C 152 25.88 14.02 -35.98
CA LEU C 152 26.77 13.11 -36.69
C LEU C 152 27.92 13.94 -37.22
N ASP C 153 29.10 13.81 -36.61
CA ASP C 153 30.31 14.38 -37.15
C ASP C 153 31.11 13.30 -37.86
N SER C 154 31.54 13.60 -39.08
CA SER C 154 32.29 12.65 -39.90
C SER C 154 33.46 13.40 -40.53
N GLY C 155 34.64 13.23 -39.96
CA GLY C 155 35.79 14.03 -40.30
C GLY C 155 36.69 13.39 -41.33
N ASP C 156 37.98 13.70 -41.21
CA ASP C 156 39.02 12.98 -41.96
C ASP C 156 39.44 11.70 -41.25
N GLY C 157 39.49 11.72 -39.93
CA GLY C 157 40.02 10.60 -39.17
C GLY C 157 39.02 9.82 -38.34
N VAL C 158 37.97 10.48 -37.85
CA VAL C 158 36.99 9.83 -36.99
C VAL C 158 35.58 10.28 -37.34
N THR C 159 34.62 9.43 -37.01
CA THR C 159 33.19 9.72 -37.09
C THR C 159 32.59 9.41 -35.73
N HIS C 160 31.73 10.31 -35.24
CA HIS C 160 31.14 10.09 -33.92
C HIS C 160 29.73 10.66 -33.85
N ASN C 161 28.91 9.99 -33.03
CA ASN C 161 27.52 10.38 -32.76
C ASN C 161 27.42 10.83 -31.31
N VAL C 162 26.84 12.00 -31.08
CA VAL C 162 26.61 12.51 -29.73
C VAL C 162 25.18 13.03 -29.58
N PRO C 163 24.32 12.30 -28.88
CA PRO C 163 22.97 12.80 -28.59
C PRO C 163 22.94 13.78 -27.43
N ILE C 164 22.13 14.83 -27.60
CA ILE C 164 22.04 15.95 -26.67
C ILE C 164 20.57 16.35 -26.56
N TYR C 165 20.15 16.75 -25.36
CA TYR C 165 18.74 17.11 -25.11
C TYR C 165 18.66 18.29 -24.16
N GLU C 166 18.37 19.47 -24.71
CA GLU C 166 18.29 20.73 -23.96
C GLU C 166 19.58 21.01 -23.20
N GLY C 167 20.70 20.55 -23.75
CA GLY C 167 21.89 20.33 -22.94
C GLY C 167 22.08 18.85 -22.71
N TYR C 168 22.76 18.50 -21.63
CA TYR C 168 22.75 17.14 -21.06
C TYR C 168 23.05 16.10 -22.15
N ALA C 169 24.27 16.19 -22.70
CA ALA C 169 24.77 15.10 -23.54
C ALA C 169 24.75 13.78 -22.78
N LEU C 170 24.27 12.74 -23.44
CA LEU C 170 24.16 11.40 -22.85
C LEU C 170 25.43 10.59 -23.08
N PRO C 171 26.36 10.56 -22.12
CA PRO C 171 27.71 10.08 -22.44
C PRO C 171 27.78 8.59 -22.73
N HIS C 172 26.84 7.81 -22.20
CA HIS C 172 26.76 6.38 -22.52
C HIS C 172 26.30 6.12 -23.94
N ALA C 173 25.57 7.04 -24.55
CA ALA C 173 25.07 6.87 -25.91
C ALA C 173 25.99 7.42 -26.98
N ILE C 174 27.07 8.11 -26.60
CA ILE C 174 28.09 8.50 -27.57
C ILE C 174 28.69 7.25 -28.22
N MET C 175 28.92 7.33 -29.53
CA MET C 175 29.62 6.29 -30.29
C MET C 175 30.64 6.94 -31.21
N ARG C 176 31.80 6.30 -31.36
CA ARG C 176 32.85 6.74 -32.26
C ARG C 176 33.34 5.57 -33.11
N LEU C 177 33.55 5.82 -34.41
CA LEU C 177 33.62 4.75 -35.39
C LEU C 177 35.02 4.50 -35.95
N ASP C 178 35.94 5.46 -35.84
CA ASP C 178 37.28 5.36 -36.44
C ASP C 178 37.26 5.13 -37.95
N LEU C 179 36.14 5.40 -38.62
CA LEU C 179 36.02 5.28 -40.06
C LEU C 179 35.66 6.64 -40.63
N ALA C 180 36.50 7.16 -41.54
CA ALA C 180 36.24 8.47 -42.11
C ALA C 180 37.00 8.64 -43.42
N GLY C 181 37.15 9.90 -43.85
CA GLY C 181 37.67 10.24 -45.17
C GLY C 181 39.01 9.63 -45.58
N ARG C 182 39.89 9.33 -44.62
CA ARG C 182 41.11 8.64 -45.00
C ARG C 182 40.86 7.19 -45.41
N ASP C 183 39.99 6.49 -44.68
CA ASP C 183 39.63 5.14 -45.08
C ASP C 183 38.88 5.12 -46.41
N LEU C 184 38.10 6.16 -46.68
CA LEU C 184 37.46 6.33 -47.99
C LEU C 184 38.47 6.60 -49.09
N THR C 185 39.49 7.42 -48.81
CA THR C 185 40.55 7.65 -49.79
C THR C 185 41.31 6.37 -50.10
N ASP C 186 41.71 5.63 -49.07
CA ASP C 186 42.48 4.41 -49.29
C ASP C 186 41.65 3.33 -50.01
N TYR C 187 40.35 3.22 -49.70
CA TYR C 187 39.52 2.30 -50.45
C TYR C 187 39.30 2.77 -51.90
N LEU C 188 39.16 4.07 -52.11
CA LEU C 188 39.09 4.59 -53.48
C LEU C 188 40.36 4.27 -54.26
N MET C 189 41.52 4.39 -53.63
CA MET C 189 42.77 3.97 -54.27
C MET C 189 42.76 2.47 -54.61
N LYS C 190 42.29 1.64 -53.67
CA LYS C 190 42.23 0.21 -53.89
C LYS C 190 41.29 -0.16 -55.05
N ILE C 191 40.16 0.51 -55.16
CA ILE C 191 39.27 0.20 -56.28
C ILE C 191 39.68 0.88 -57.59
N LEU C 192 40.33 2.05 -57.54
CA LEU C 192 40.90 2.61 -58.76
C LEU C 192 42.02 1.74 -59.31
N THR C 193 42.66 0.94 -58.46
CA THR C 193 43.60 -0.07 -58.94
C THR C 193 42.91 -1.11 -59.83
N GLU C 194 41.60 -1.32 -59.66
CA GLU C 194 40.88 -2.29 -60.48
C GLU C 194 40.86 -1.97 -61.97
N ARG C 195 41.07 -0.71 -62.36
CA ARG C 195 41.28 -0.40 -63.78
C ARG C 195 42.65 0.24 -64.04
N GLY C 196 43.59 0.10 -63.10
CA GLY C 196 44.99 0.33 -63.37
C GLY C 196 45.53 1.72 -63.12
N TYR C 197 44.78 2.59 -62.44
CA TYR C 197 45.36 3.85 -61.97
C TYR C 197 46.10 3.54 -60.68
N SER C 198 47.36 3.14 -60.81
CA SER C 198 48.18 2.82 -59.65
C SER C 198 48.58 4.10 -58.93
N PHE C 199 47.98 4.33 -57.76
CA PHE C 199 48.35 5.40 -56.85
C PHE C 199 48.95 4.80 -55.60
N VAL C 200 50.16 5.23 -55.24
CA VAL C 200 50.91 4.58 -54.16
C VAL C 200 51.65 5.61 -53.32
N THR C 201 52.14 6.68 -53.94
CA THR C 201 52.77 7.75 -53.18
C THR C 201 51.73 8.54 -52.38
N THR C 202 52.23 9.27 -51.39
CA THR C 202 51.37 10.16 -50.61
C THR C 202 50.88 11.34 -51.44
N ALA C 203 51.68 11.79 -52.40
CA ALA C 203 51.21 12.75 -53.39
C ALA C 203 50.01 12.20 -54.16
N GLU C 204 50.05 10.92 -54.51
CA GLU C 204 48.90 10.32 -55.19
C GLU C 204 47.73 10.13 -54.23
N ARG C 205 48.00 9.78 -52.97
CA ARG C 205 46.93 9.80 -51.98
C ARG C 205 46.25 11.17 -51.90
N GLU C 206 47.04 12.24 -51.98
CA GLU C 206 46.53 13.61 -51.97
C GLU C 206 45.81 13.98 -53.25
N ILE C 207 46.08 13.28 -54.35
CA ILE C 207 45.30 13.48 -55.57
C ILE C 207 44.00 12.69 -55.53
N VAL C 208 44.04 11.47 -55.02
CA VAL C 208 42.82 10.69 -54.87
C VAL C 208 41.87 11.32 -53.84
N ARG C 209 42.39 12.06 -52.86
CA ARG C 209 41.51 12.88 -52.04
C ARG C 209 40.75 13.91 -52.87
N ASP C 210 41.40 14.50 -53.86
CA ASP C 210 40.71 15.46 -54.72
C ASP C 210 39.71 14.77 -55.63
N ILE C 211 40.09 13.62 -56.18
CA ILE C 211 39.15 12.84 -56.98
C ILE C 211 37.91 12.48 -56.18
N LYS C 212 38.11 12.04 -54.93
CA LYS C 212 37.02 11.76 -54.01
C LYS C 212 36.13 12.98 -53.79
N GLU C 213 36.72 14.15 -53.56
CA GLU C 213 35.91 15.33 -53.32
C GLU C 213 35.17 15.81 -54.56
N LYS C 214 35.82 15.73 -55.73
CA LYS C 214 35.22 16.27 -56.95
C LYS C 214 34.15 15.34 -57.54
N LEU C 215 34.43 14.04 -57.63
CA LEU C 215 33.58 13.14 -58.40
C LEU C 215 32.60 12.33 -57.57
N CYS C 216 33.00 11.87 -56.37
CA CYS C 216 32.21 10.86 -55.68
C CYS C 216 30.88 11.40 -55.20
N TYR C 217 29.91 10.49 -55.07
CA TYR C 217 28.59 10.77 -54.52
C TYR C 217 28.06 9.49 -53.89
N VAL C 218 27.05 9.63 -53.04
CA VAL C 218 26.46 8.50 -52.35
C VAL C 218 25.21 8.04 -53.12
N ALA C 219 25.20 6.76 -53.49
CA ALA C 219 24.07 6.19 -54.20
C ALA C 219 22.83 6.16 -53.32
N LEU C 220 21.67 6.47 -53.93
CA LEU C 220 20.41 6.40 -53.19
C LEU C 220 19.95 4.95 -53.02
N ASP C 221 20.31 4.07 -53.96
CA ASP C 221 19.84 2.68 -53.98
C ASP C 221 20.96 1.83 -54.59
N PHE C 222 21.90 1.43 -53.72
CA PHE C 222 23.23 1.00 -54.18
C PHE C 222 23.14 -0.14 -55.18
N GLU C 223 22.26 -1.12 -54.96
CA GLU C 223 22.14 -2.24 -55.89
C GLU C 223 21.70 -1.79 -57.28
N ASN C 224 20.74 -0.86 -57.35
CA ASN C 224 20.28 -0.37 -58.63
C ASN C 224 21.25 0.59 -59.29
N GLU C 225 21.99 1.38 -58.51
CA GLU C 225 23.05 2.19 -59.09
C GLU C 225 24.19 1.33 -59.62
N MET C 226 24.57 0.29 -58.89
CA MET C 226 25.56 -0.67 -59.38
C MET C 226 25.11 -1.35 -60.67
N ALA C 227 23.84 -1.76 -60.75
CA ALA C 227 23.32 -2.33 -61.98
C ALA C 227 23.28 -1.31 -63.12
N THR C 228 22.97 -0.05 -62.82
CA THR C 228 22.97 0.97 -63.86
C THR C 228 24.37 1.27 -64.38
N ALA C 229 25.35 1.39 -63.47
CA ALA C 229 26.73 1.55 -63.89
C ALA C 229 27.27 0.32 -64.63
N ALA C 230 26.72 -0.85 -64.36
CA ALA C 230 27.10 -2.03 -65.13
C ALA C 230 26.46 -2.03 -66.51
N SER C 231 25.22 -1.56 -66.62
CA SER C 231 24.50 -1.57 -67.89
C SER C 231 24.78 -0.35 -68.76
N SER C 232 25.17 0.78 -68.18
CA SER C 232 25.37 1.98 -69.00
C SER C 232 26.52 2.82 -68.44
N SER C 233 27.17 3.55 -69.35
CA SER C 233 28.28 4.45 -69.04
C SER C 233 27.81 5.82 -68.56
N SER C 234 26.50 6.01 -68.40
CA SER C 234 25.97 7.33 -68.05
C SER C 234 26.51 7.83 -66.72
N LEU C 235 26.84 6.92 -65.81
CA LEU C 235 27.41 7.32 -64.52
C LEU C 235 28.91 7.56 -64.57
N GLU C 236 29.56 7.25 -65.69
CA GLU C 236 31.00 7.48 -65.79
C GLU C 236 31.32 8.96 -65.94
N LYS C 237 32.40 9.39 -65.30
CA LYS C 237 32.91 10.74 -65.37
C LYS C 237 34.40 10.70 -65.66
N SER C 238 34.89 11.71 -66.38
CA SER C 238 36.30 11.81 -66.70
C SER C 238 36.93 12.94 -65.90
N TYR C 239 38.16 12.71 -65.44
CA TYR C 239 38.90 13.65 -64.61
C TYR C 239 40.31 13.76 -65.17
N GLU C 240 40.93 14.93 -64.99
CA GLU C 240 42.23 15.22 -65.57
C GLU C 240 43.26 15.38 -64.46
N LEU C 241 44.24 14.48 -64.43
CA LEU C 241 45.28 14.49 -63.42
C LEU C 241 46.17 15.72 -63.58
N PRO C 242 46.96 16.06 -62.55
CA PRO C 242 47.81 17.26 -62.64
C PRO C 242 48.74 17.28 -63.84
N ASP C 243 49.10 16.12 -64.38
CA ASP C 243 49.93 16.04 -65.57
C ASP C 243 49.13 15.93 -66.86
N GLY C 244 47.81 16.16 -66.80
CA GLY C 244 46.96 16.07 -67.98
C GLY C 244 46.55 14.69 -68.42
N GLN C 245 46.99 13.63 -67.73
CA GLN C 245 46.45 12.30 -67.98
C GLN C 245 44.99 12.26 -67.57
N VAL C 246 44.11 11.93 -68.52
CA VAL C 246 42.69 11.71 -68.23
C VAL C 246 42.51 10.33 -67.62
N ILE C 247 41.68 10.26 -66.58
CA ILE C 247 41.18 9.01 -66.02
C ILE C 247 39.67 9.00 -66.15
N THR C 248 39.09 7.81 -66.22
CA THR C 248 37.63 7.66 -66.23
C THR C 248 37.21 6.72 -65.11
N ILE C 249 36.11 7.06 -64.45
CA ILE C 249 35.66 6.45 -63.21
C ILE C 249 34.18 6.13 -63.35
N GLY C 250 33.75 5.00 -62.81
CA GLY C 250 32.39 4.53 -63.01
C GLY C 250 31.71 4.11 -61.72
N ASN C 251 31.48 2.82 -61.52
CA ASN C 251 30.88 2.37 -60.28
C ASN C 251 31.74 2.66 -59.06
N GLU C 252 33.04 2.92 -59.25
CA GLU C 252 33.89 3.38 -58.15
C GLU C 252 33.38 4.68 -57.55
N ARG C 253 32.67 5.47 -58.34
CA ARG C 253 32.23 6.81 -57.96
C ARG C 253 31.28 6.76 -56.77
N PHE C 254 30.47 5.72 -56.66
CA PHE C 254 29.61 5.57 -55.50
C PHE C 254 29.99 4.38 -54.62
N ARG C 255 30.73 3.41 -55.15
CA ARG C 255 31.29 2.37 -54.29
C ARG C 255 32.22 2.94 -53.23
N CYS C 256 32.93 4.04 -53.53
CA CYS C 256 33.78 4.65 -52.51
C CYS C 256 33.02 5.12 -51.28
N PRO C 257 32.09 6.09 -51.36
CA PRO C 257 31.39 6.53 -50.14
C PRO C 257 30.36 5.55 -49.60
N GLU C 258 29.94 4.56 -50.39
CA GLU C 258 29.10 3.49 -49.87
C GLU C 258 29.72 2.77 -48.68
N THR C 259 31.04 2.72 -48.59
CA THR C 259 31.69 2.05 -47.47
C THR C 259 31.35 2.69 -46.12
N LEU C 260 30.87 3.93 -46.10
CA LEU C 260 30.33 4.48 -44.87
C LEU C 260 29.11 3.70 -44.40
N PHE C 261 28.26 3.29 -45.33
CA PHE C 261 27.07 2.49 -45.02
C PHE C 261 27.35 1.00 -44.97
N GLN C 262 28.43 0.53 -45.59
CA GLN C 262 28.82 -0.88 -45.58
C GLN C 262 30.30 -0.99 -45.25
N PRO C 263 30.66 -0.80 -43.98
CA PRO C 263 32.09 -0.82 -43.58
C PRO C 263 32.79 -2.12 -43.92
N SER C 264 32.05 -3.23 -44.06
CA SER C 264 32.64 -4.50 -44.45
C SER C 264 33.38 -4.43 -45.78
N PHE C 265 33.11 -3.41 -46.61
CA PHE C 265 33.89 -3.25 -47.83
C PHE C 265 35.36 -3.00 -47.54
N ILE C 266 35.67 -2.28 -46.46
CA ILE C 266 37.05 -2.09 -46.04
C ILE C 266 37.46 -3.09 -44.97
N GLY C 267 36.67 -4.15 -44.78
CA GLY C 267 36.90 -5.12 -43.73
C GLY C 267 36.59 -4.65 -42.33
N MET C 268 36.11 -3.42 -42.15
CA MET C 268 35.65 -2.98 -40.85
C MET C 268 34.39 -3.74 -40.46
N GLU C 269 34.39 -4.32 -39.26
CA GLU C 269 33.27 -5.13 -38.81
C GLU C 269 32.07 -4.30 -38.35
N SER C 270 32.30 -3.05 -37.94
CA SER C 270 31.26 -2.28 -37.25
C SER C 270 30.01 -2.12 -38.11
N ALA C 271 28.89 -1.87 -37.42
CA ALA C 271 27.67 -1.41 -38.06
C ALA C 271 27.92 -0.10 -38.80
N GLY C 272 27.10 0.14 -39.84
CA GLY C 272 27.25 1.33 -40.63
C GLY C 272 26.87 2.58 -39.86
N ILE C 273 27.02 3.73 -40.53
CA ILE C 273 26.74 5.00 -39.87
C ILE C 273 25.25 5.21 -39.63
N HIS C 274 24.40 4.65 -40.49
CA HIS C 274 22.96 4.67 -40.22
C HIS C 274 22.61 3.76 -39.05
N GLU C 275 23.21 2.57 -39.01
CA GLU C 275 22.96 1.65 -37.91
C GLU C 275 23.52 2.18 -36.59
N THR C 276 24.73 2.76 -36.61
CA THR C 276 25.25 3.33 -35.37
C THR C 276 24.50 4.60 -34.94
N THR C 277 23.93 5.35 -35.89
CA THR C 277 23.02 6.43 -35.54
C THR C 277 21.76 5.91 -34.85
N TYR C 278 21.14 4.90 -35.44
CA TYR C 278 19.96 4.30 -34.82
C TYR C 278 20.28 3.71 -33.45
N ASN C 279 21.36 2.93 -33.35
CA ASN C 279 21.75 2.34 -32.06
C ASN C 279 22.09 3.40 -31.01
N SER C 280 22.60 4.55 -31.44
CA SER C 280 22.81 5.67 -30.51
C SER C 280 21.50 6.25 -30.02
N ILE C 281 20.53 6.43 -30.91
CA ILE C 281 19.19 6.82 -30.48
C ILE C 281 18.58 5.75 -29.55
N MET C 282 18.79 4.48 -29.86
CA MET C 282 18.31 3.38 -29.01
C MET C 282 19.01 3.32 -27.66
N LYS C 283 20.19 3.90 -27.51
CA LYS C 283 20.76 4.02 -26.17
C LYS C 283 20.11 5.14 -25.36
N CYS C 284 19.42 6.06 -26.02
CA CYS C 284 18.74 7.16 -25.35
C CYS C 284 17.42 6.72 -24.74
N ASP C 285 17.02 7.42 -23.67
CA ASP C 285 15.76 7.15 -22.99
C ASP C 285 14.57 7.39 -23.93
N ILE C 286 13.55 6.54 -23.80
CA ILE C 286 12.56 6.38 -24.86
C ILE C 286 11.74 7.65 -25.09
N ASP C 287 11.69 8.55 -24.11
CA ASP C 287 10.91 9.77 -24.27
C ASP C 287 11.54 10.74 -25.27
N ILE C 288 12.87 10.80 -25.35
CA ILE C 288 13.55 11.83 -26.13
C ILE C 288 13.81 11.41 -27.57
N ARG C 289 13.66 10.12 -27.89
CA ARG C 289 14.00 9.60 -29.21
C ARG C 289 13.26 10.33 -30.33
N LYS C 290 12.00 10.70 -30.12
CA LYS C 290 11.25 11.43 -31.15
C LYS C 290 11.91 12.76 -31.52
N ASP C 291 12.53 13.44 -30.58
CA ASP C 291 13.21 14.70 -30.89
C ASP C 291 14.59 14.48 -31.49
N LEU C 292 15.22 13.35 -31.17
CA LEU C 292 16.46 13.02 -31.86
C LEU C 292 16.18 12.66 -33.32
N TYR C 293 15.14 11.86 -33.56
CA TYR C 293 14.74 11.60 -34.94
C TYR C 293 14.39 12.90 -35.65
N ALA C 294 13.76 13.84 -34.95
CA ALA C 294 13.43 15.12 -35.55
C ALA C 294 14.63 16.07 -35.64
N ASN C 295 15.79 15.69 -35.13
CA ASN C 295 16.92 16.61 -35.07
C ASN C 295 18.24 15.88 -35.28
N ASN C 296 18.37 15.11 -36.36
CA ASN C 296 19.68 14.62 -36.78
C ASN C 296 20.46 15.76 -37.42
N VAL C 297 21.59 16.12 -36.82
CA VAL C 297 22.49 17.14 -37.34
C VAL C 297 23.72 16.46 -37.95
N MET C 298 24.02 16.80 -39.20
CA MET C 298 25.17 16.25 -39.91
C MET C 298 26.26 17.30 -40.00
N SER C 299 27.50 16.89 -39.73
CA SER C 299 28.63 17.82 -39.83
C SER C 299 29.88 17.04 -40.25
N GLY C 300 30.89 17.78 -40.65
CA GLY C 300 32.16 17.24 -41.11
C GLY C 300 32.20 17.02 -42.60
N GLY C 301 33.40 17.14 -43.16
CA GLY C 301 33.56 17.19 -44.61
C GLY C 301 33.02 15.97 -45.34
N THR C 302 33.16 14.79 -44.76
CA THR C 302 32.65 13.58 -45.39
C THR C 302 31.14 13.45 -45.31
N THR C 303 30.41 14.41 -44.76
CA THR C 303 28.97 14.50 -44.95
C THR C 303 28.59 15.37 -46.15
N MET C 304 29.56 15.83 -46.94
CA MET C 304 29.27 16.72 -48.06
C MET C 304 28.88 15.97 -49.32
N TYR C 305 29.01 14.64 -49.35
CA TYR C 305 28.72 13.88 -50.56
C TYR C 305 27.29 14.14 -51.02
N PRO C 306 27.08 14.43 -52.31
CA PRO C 306 25.71 14.50 -52.84
C PRO C 306 24.89 13.25 -52.55
N GLY C 307 23.65 13.46 -52.11
CA GLY C 307 22.76 12.35 -51.83
C GLY C 307 22.95 11.65 -50.49
N ILE C 308 23.93 12.05 -49.70
CA ILE C 308 24.15 11.37 -48.42
C ILE C 308 22.99 11.61 -47.46
N ALA C 309 22.39 12.80 -47.50
CA ALA C 309 21.23 13.07 -46.67
C ALA C 309 20.02 12.23 -47.09
N ASP C 310 19.79 12.09 -48.39
CA ASP C 310 18.70 11.25 -48.89
C ASP C 310 18.90 9.78 -48.52
N ARG C 311 20.10 9.25 -48.73
CA ARG C 311 20.39 7.88 -48.32
C ARG C 311 20.25 7.67 -46.83
N MET C 312 20.78 8.61 -46.03
CA MET C 312 20.66 8.49 -44.58
C MET C 312 19.20 8.53 -44.13
N GLN C 313 18.39 9.40 -44.74
CA GLN C 313 16.98 9.48 -44.40
C GLN C 313 16.24 8.21 -44.80
N LYS C 314 16.50 7.67 -45.98
CA LYS C 314 15.94 6.38 -46.37
C LYS C 314 16.29 5.29 -45.39
N GLU C 315 17.58 5.18 -45.03
CA GLU C 315 18.01 4.08 -44.18
C GLU C 315 17.48 4.20 -42.76
N ILE C 316 17.48 5.41 -42.18
CA ILE C 316 16.89 5.54 -40.85
C ILE C 316 15.37 5.40 -40.87
N THR C 317 14.70 5.87 -41.93
CA THR C 317 13.26 5.66 -42.03
C THR C 317 12.93 4.18 -42.18
N ALA C 318 13.85 3.38 -42.73
CA ALA C 318 13.65 1.94 -42.76
C ALA C 318 13.93 1.31 -41.40
N LEU C 319 14.88 1.88 -40.65
CA LEU C 319 15.21 1.38 -39.32
C LEU C 319 14.19 1.84 -38.28
N ALA C 320 13.88 3.13 -38.26
CA ALA C 320 13.05 3.70 -37.21
C ALA C 320 11.57 3.37 -37.40
N PRO C 321 10.79 3.38 -36.31
CA PRO C 321 9.36 3.08 -36.41
C PRO C 321 8.62 4.01 -37.37
N SER C 322 7.64 3.43 -38.06
CA SER C 322 7.03 4.04 -39.24
C SER C 322 6.43 5.41 -38.96
N THR C 323 6.02 5.68 -37.72
CA THR C 323 5.42 6.97 -37.40
C THR C 323 6.44 8.09 -37.27
N MET C 324 7.69 7.77 -36.93
CA MET C 324 8.64 8.81 -36.55
C MET C 324 8.97 9.70 -37.75
N LYS C 325 8.88 11.01 -37.55
CA LYS C 325 9.20 12.01 -38.57
C LYS C 325 10.71 12.20 -38.63
N ILE C 326 11.36 11.26 -39.32
CA ILE C 326 12.81 11.31 -39.46
C ILE C 326 13.20 12.53 -40.27
N LYS C 327 14.00 13.41 -39.69
CA LYS C 327 14.46 14.63 -40.33
C LYS C 327 15.96 14.76 -40.13
N ILE C 328 16.66 15.16 -41.19
CA ILE C 328 18.11 15.33 -41.14
C ILE C 328 18.44 16.79 -41.44
N ILE C 329 19.14 17.42 -40.49
CA ILE C 329 19.59 18.81 -40.65
C ILE C 329 21.02 18.71 -41.18
N ALA C 330 21.16 18.72 -42.52
CA ALA C 330 22.45 18.71 -43.20
C ALA C 330 22.53 19.99 -44.03
N PRO C 331 22.81 21.12 -43.41
CA PRO C 331 22.81 22.39 -44.13
C PRO C 331 24.04 22.54 -45.01
N PRO C 332 24.05 23.53 -45.89
CA PRO C 332 25.32 24.07 -46.42
C PRO C 332 26.29 24.51 -45.32
N GLU C 333 27.56 24.62 -45.68
CA GLU C 333 28.71 24.94 -44.83
C GLU C 333 28.84 24.02 -43.62
N ARG C 334 28.14 22.89 -43.60
CA ARG C 334 28.29 21.93 -42.51
C ARG C 334 29.71 21.40 -42.39
N LYS C 335 30.53 21.60 -43.42
CA LYS C 335 31.97 21.36 -43.32
C LYS C 335 32.63 22.26 -42.27
N TYR C 336 32.20 23.51 -42.17
CA TYR C 336 32.75 24.45 -41.20
C TYR C 336 31.93 24.60 -39.93
N SER C 337 30.88 23.79 -39.74
CA SER C 337 29.98 23.99 -38.60
C SER C 337 30.68 23.80 -37.26
N VAL C 338 31.68 22.93 -37.17
CA VAL C 338 32.40 22.78 -35.92
C VAL C 338 33.19 24.04 -35.57
N TRP C 339 33.82 24.66 -36.56
CA TRP C 339 34.49 25.93 -36.30
C TRP C 339 33.50 27.04 -35.99
N ILE C 340 32.41 27.13 -36.74
CA ILE C 340 31.40 28.16 -36.46
C ILE C 340 30.83 27.99 -35.05
N GLY C 341 30.63 26.74 -34.62
CA GLY C 341 30.22 26.49 -33.25
C GLY C 341 31.24 26.93 -32.22
N GLY C 342 32.53 26.72 -32.52
CA GLY C 342 33.55 27.27 -31.65
C GLY C 342 33.61 28.78 -31.63
N SER C 343 33.36 29.41 -32.79
CA SER C 343 33.32 30.86 -32.88
C SER C 343 32.16 31.44 -32.08
N ILE C 344 31.03 30.73 -32.04
CA ILE C 344 29.94 31.09 -31.13
C ILE C 344 30.37 30.91 -29.68
N LEU C 345 30.75 29.69 -29.31
CA LEU C 345 31.00 29.36 -27.91
C LEU C 345 32.08 30.25 -27.30
N ALA C 346 33.20 30.45 -28.01
CA ALA C 346 34.29 31.26 -27.49
C ALA C 346 33.90 32.72 -27.29
N SER C 347 32.86 33.20 -27.97
CA SER C 347 32.43 34.58 -27.82
C SER C 347 31.18 34.70 -26.97
N LEU C 348 30.65 33.58 -26.48
CA LEU C 348 29.52 33.62 -25.57
C LEU C 348 29.95 34.12 -24.20
N SER C 349 29.17 35.06 -23.64
CA SER C 349 29.56 35.70 -22.40
C SER C 349 29.48 34.76 -21.22
N THR C 350 28.60 33.76 -21.29
CA THR C 350 28.52 32.74 -20.25
C THR C 350 29.76 31.85 -20.23
N PHE C 351 30.44 31.69 -21.37
CA PHE C 351 31.58 30.78 -21.45
C PHE C 351 32.85 31.35 -20.81
N GLN C 352 32.94 32.66 -20.58
CA GLN C 352 34.16 33.24 -20.06
C GLN C 352 34.48 32.78 -18.63
N GLN C 353 33.53 32.14 -17.95
CA GLN C 353 33.82 31.45 -16.69
C GLN C 353 34.61 30.16 -16.91
N MET C 354 34.46 29.55 -18.08
CA MET C 354 34.84 28.15 -18.30
C MET C 354 36.30 27.96 -18.66
N TRP C 355 37.00 29.00 -19.09
CA TRP C 355 38.39 28.86 -19.50
C TRP C 355 39.24 28.24 -18.39
N ILE C 356 40.16 27.37 -18.79
CA ILE C 356 41.30 26.99 -17.96
C ILE C 356 42.25 28.18 -17.89
N THR C 357 42.29 28.88 -16.76
CA THR C 357 43.27 29.94 -16.67
C THR C 357 44.67 29.37 -16.41
N LYS C 358 45.68 30.14 -16.79
CA LYS C 358 47.05 29.71 -16.55
C LYS C 358 47.38 29.59 -15.07
N GLN C 359 46.71 30.38 -14.22
CA GLN C 359 46.84 30.19 -12.78
C GLN C 359 46.36 28.81 -12.34
N GLU C 360 45.23 28.35 -12.89
CA GLU C 360 44.75 27.00 -12.59
C GLU C 360 45.68 25.93 -13.11
N TYR C 361 46.33 26.15 -14.26
CA TYR C 361 47.32 25.19 -14.73
C TYR C 361 48.56 25.17 -13.86
N ASP C 362 49.04 26.34 -13.43
CA ASP C 362 50.16 26.40 -12.50
C ASP C 362 49.83 25.76 -11.16
N GLU C 363 48.56 25.76 -10.77
CA GLU C 363 48.16 25.07 -9.54
C GLU C 363 47.96 23.57 -9.72
N ALA C 364 47.43 23.11 -10.86
CA ALA C 364 46.93 21.75 -10.95
C ALA C 364 47.52 20.88 -12.07
N GLY C 365 48.42 21.41 -12.90
CA GLY C 365 49.03 20.65 -13.97
C GLY C 365 48.02 20.17 -15.00
N PRO C 366 48.47 19.32 -15.91
CA PRO C 366 47.57 18.81 -16.97
C PRO C 366 46.29 18.16 -16.48
N SER C 367 46.28 17.63 -15.25
CA SER C 367 45.08 16.98 -14.72
C SER C 367 43.87 17.91 -14.63
N ILE C 368 44.07 19.24 -14.63
CA ILE C 368 42.94 20.16 -14.48
C ILE C 368 41.94 20.01 -15.62
N VAL C 369 42.41 19.67 -16.83
CA VAL C 369 41.55 19.70 -18.00
C VAL C 369 40.60 18.52 -18.07
N HIS C 370 40.77 17.53 -17.20
CA HIS C 370 39.76 16.51 -16.99
C HIS C 370 38.70 16.93 -15.99
N ARG C 371 39.03 17.85 -15.09
CA ARG C 371 38.08 18.26 -14.05
C ARG C 371 37.08 19.29 -14.58
N LYS C 372 37.56 20.28 -15.32
CA LYS C 372 36.69 21.36 -15.80
C LYS C 372 36.01 21.01 -17.12
N CYS C 373 36.79 20.66 -18.14
CA CYS C 373 36.22 20.39 -19.45
C CYS C 373 35.44 19.08 -19.45
N PHE C 374 34.40 19.03 -20.26
CA PHE C 374 33.64 17.80 -20.43
C PHE C 374 34.43 16.79 -21.26
N THR D 4 -60.98 27.16 28.83
CA THR D 4 -60.15 26.59 27.78
C THR D 4 -60.08 25.07 27.97
N THR D 5 -59.99 24.34 26.86
CA THR D 5 -59.98 22.88 26.92
C THR D 5 -58.76 22.38 27.67
N ALA D 6 -58.99 21.43 28.59
CA ALA D 6 -57.92 20.94 29.44
C ALA D 6 -56.92 20.12 28.63
N LEU D 7 -55.78 19.84 29.26
CA LEU D 7 -54.68 19.15 28.60
C LEU D 7 -54.26 17.96 29.45
N VAL D 8 -54.09 16.81 28.80
CA VAL D 8 -53.77 15.55 29.47
C VAL D 8 -52.42 15.09 28.95
N CYS D 9 -51.46 14.89 29.86
CA CYS D 9 -50.08 14.55 29.48
C CYS D 9 -49.63 13.39 30.36
N ASP D 10 -49.77 12.16 29.85
CA ASP D 10 -49.36 10.95 30.56
C ASP D 10 -47.86 10.75 30.37
N ASN D 11 -47.08 11.44 31.19
CA ASN D 11 -45.67 11.11 31.36
C ASN D 11 -45.47 9.80 32.10
N GLY D 12 -46.03 8.71 31.60
CA GLY D 12 -45.54 7.40 31.96
C GLY D 12 -44.12 7.16 31.48
N SER D 13 -43.63 5.96 31.79
CA SER D 13 -42.32 5.55 31.31
C SER D 13 -42.40 5.08 29.86
N GLY D 14 -41.30 5.26 29.15
CA GLY D 14 -41.14 4.72 27.81
C GLY D 14 -41.85 5.51 26.72
N LEU D 15 -43.15 5.69 26.82
CA LEU D 15 -43.89 6.54 25.88
C LEU D 15 -44.60 7.65 26.63
N VAL D 16 -44.45 8.88 26.16
CA VAL D 16 -45.38 9.95 26.47
C VAL D 16 -46.66 9.77 25.66
N LYS D 17 -47.81 9.81 26.34
CA LYS D 17 -49.10 9.97 25.69
C LYS D 17 -49.66 11.33 26.12
N ALA D 18 -49.94 12.19 25.14
CA ALA D 18 -50.45 13.52 25.43
C ALA D 18 -51.49 13.93 24.40
N GLY D 19 -52.38 14.80 24.83
CA GLY D 19 -53.43 15.29 23.95
C GLY D 19 -54.47 16.05 24.75
N PHE D 20 -55.34 16.73 24.03
CA PHE D 20 -56.40 17.51 24.67
C PHE D 20 -57.45 16.59 25.30
N ALA D 21 -58.06 17.06 26.38
CA ALA D 21 -59.11 16.30 27.02
C ALA D 21 -60.35 16.27 26.15
N GLY D 22 -61.07 15.15 26.20
CA GLY D 22 -62.22 14.94 25.35
C GLY D 22 -61.94 14.27 24.03
N ASP D 23 -60.67 14.23 23.61
CA ASP D 23 -60.31 13.42 22.45
C ASP D 23 -60.35 11.93 22.80
N ASP D 24 -60.66 11.12 21.80
CA ASP D 24 -60.76 9.67 22.00
C ASP D 24 -59.40 8.99 22.09
N ALA D 25 -58.34 9.62 21.61
CA ALA D 25 -57.02 9.00 21.60
C ALA D 25 -55.95 10.07 21.66
N PRO D 26 -54.79 9.78 22.25
CA PRO D 26 -53.72 10.78 22.36
C PRO D 26 -53.15 11.11 20.99
N ARG D 27 -53.16 12.40 20.63
CA ARG D 27 -52.71 12.81 19.32
C ARG D 27 -51.19 12.95 19.24
N ALA D 28 -50.49 12.89 20.36
CA ALA D 28 -49.03 12.78 20.38
C ALA D 28 -48.64 11.56 21.21
N VAL D 29 -48.12 10.54 20.54
CA VAL D 29 -47.49 9.39 21.19
C VAL D 29 -46.08 9.24 20.64
N PHE D 30 -45.09 9.33 21.51
CA PHE D 30 -43.70 9.29 21.10
C PHE D 30 -42.87 8.80 22.29
N PRO D 31 -41.69 8.25 22.05
CA PRO D 31 -40.91 7.68 23.14
C PRO D 31 -40.32 8.75 24.04
N SER D 32 -40.31 8.46 25.35
CA SER D 32 -39.80 9.38 26.36
C SER D 32 -38.27 9.29 26.41
N ILE D 33 -37.66 9.58 25.27
CA ILE D 33 -36.22 9.40 25.07
C ILE D 33 -35.60 10.76 24.81
N VAL D 34 -34.45 11.01 25.43
CA VAL D 34 -33.54 12.08 25.02
C VAL D 34 -32.25 11.43 24.54
N GLY D 35 -31.83 11.77 23.33
CA GLY D 35 -30.61 11.22 22.77
C GLY D 35 -29.56 12.29 22.50
N ARG D 36 -28.32 12.03 22.91
CA ARG D 36 -27.25 12.97 22.70
C ARG D 36 -26.17 12.36 21.81
N PRO D 37 -25.61 13.13 20.88
CA PRO D 37 -24.67 12.55 19.91
C PRO D 37 -23.51 11.84 20.58
N ARG D 38 -23.16 10.67 20.05
CA ARG D 38 -22.08 9.87 20.58
C ARG D 38 -20.73 10.13 19.92
N HIS D 39 -20.70 10.76 18.75
CA HIS D 39 -19.52 10.71 17.89
C HIS D 39 -19.04 12.10 17.51
N GLN D 40 -17.86 12.13 16.91
CA GLN D 40 -17.24 13.37 16.46
C GLN D 40 -17.96 13.94 15.24
N GLY D 41 -18.55 15.12 15.41
CA GLY D 41 -19.26 15.81 14.35
C GLY D 41 -18.33 16.52 13.39
N VAL D 42 -18.02 15.89 12.26
CA VAL D 42 -17.02 16.43 11.34
C VAL D 42 -17.64 17.40 10.35
N MET D 43 -18.84 17.13 9.83
CA MET D 43 -19.39 18.04 8.84
C MET D 43 -19.99 19.25 9.54
N VAL D 44 -20.16 20.33 8.78
CA VAL D 44 -20.84 21.53 9.26
C VAL D 44 -22.22 21.60 8.62
N GLY D 45 -23.22 21.90 9.44
CA GLY D 45 -24.60 21.53 9.19
C GLY D 45 -25.12 20.55 10.21
N MET D 46 -24.46 20.53 11.36
CA MET D 46 -24.86 19.72 12.51
C MET D 46 -24.30 20.36 13.77
N GLY D 47 -24.73 19.84 14.91
CA GLY D 47 -24.10 20.20 16.18
C GLY D 47 -24.62 21.49 16.77
N GLN D 48 -25.13 22.39 15.93
CA GLN D 48 -25.97 23.48 16.42
C GLN D 48 -27.16 22.93 17.20
N LYS D 49 -27.69 21.79 16.76
CA LYS D 49 -28.66 21.01 17.53
C LYS D 49 -27.96 19.76 18.06
N ASP D 50 -28.04 19.56 19.37
CA ASP D 50 -27.12 18.68 20.10
C ASP D 50 -27.86 17.74 21.04
N SER D 51 -29.17 17.64 20.93
CA SER D 51 -29.99 16.81 21.81
C SER D 51 -31.29 16.54 21.07
N TYR D 52 -31.62 15.27 20.89
CA TYR D 52 -32.80 14.86 20.15
C TYR D 52 -33.81 14.19 21.08
N VAL D 53 -35.09 14.45 20.82
CA VAL D 53 -36.18 14.03 21.70
C VAL D 53 -37.20 13.24 20.90
N GLY D 54 -37.72 12.18 21.50
CA GLY D 54 -38.84 11.46 20.93
C GLY D 54 -38.56 10.74 19.64
N ASP D 55 -39.49 10.87 18.68
CA ASP D 55 -39.32 10.28 17.35
C ASP D 55 -38.07 10.77 16.63
N GLU D 56 -37.59 11.98 16.95
CA GLU D 56 -36.34 12.42 16.34
C GLU D 56 -35.17 11.57 16.81
N ALA D 57 -35.19 11.18 18.09
CA ALA D 57 -34.13 10.31 18.62
C ALA D 57 -34.19 8.91 18.01
N GLN D 58 -35.39 8.44 17.67
CA GLN D 58 -35.52 7.20 16.91
C GLN D 58 -35.02 7.36 15.47
N SER D 59 -35.30 8.49 14.84
CA SER D 59 -34.82 8.72 13.47
C SER D 59 -33.30 8.81 13.38
N LYS D 60 -32.62 9.08 14.50
CA LYS D 60 -31.17 9.18 14.54
C LYS D 60 -30.56 8.14 15.48
N ARG D 61 -31.33 7.08 15.77
CA ARG D 61 -31.03 6.12 16.83
C ARG D 61 -29.57 5.67 16.82
N GLY D 62 -29.03 5.35 15.65
CA GLY D 62 -27.71 4.75 15.58
C GLY D 62 -26.52 5.67 15.78
N ILE D 63 -26.73 6.96 16.05
CA ILE D 63 -25.64 7.86 16.39
C ILE D 63 -25.81 8.50 17.77
N LEU D 64 -26.81 8.08 18.52
CA LEU D 64 -27.16 8.74 19.77
C LEU D 64 -27.01 7.79 20.95
N THR D 65 -26.50 8.32 22.06
CA THR D 65 -26.65 7.71 23.38
C THR D 65 -28.06 8.03 23.89
N LEU D 66 -29.00 7.13 23.61
CA LEU D 66 -30.34 7.28 24.13
C LEU D 66 -30.37 7.13 25.65
N LYS D 67 -31.19 7.95 26.29
CA LYS D 67 -31.42 7.86 27.73
C LYS D 67 -32.89 8.08 28.03
N TYR D 68 -33.40 7.37 29.05
CA TYR D 68 -34.73 7.62 29.54
C TYR D 68 -34.66 8.43 30.82
N PRO D 69 -35.29 9.60 30.89
CA PRO D 69 -35.18 10.43 32.10
C PRO D 69 -36.15 10.02 33.21
N ILE D 70 -37.04 9.08 32.94
CA ILE D 70 -37.93 8.50 33.94
C ILE D 70 -37.63 7.01 34.04
N GLU D 71 -37.28 6.57 35.24
CA GLU D 71 -36.77 5.21 35.46
C GLU D 71 -37.46 4.60 36.66
N GLY D 73 -40.67 4.49 36.93
CA GLY D 73 -41.71 5.46 37.19
C GLY D 73 -41.25 6.70 37.94
N ILE D 74 -39.96 6.76 38.27
CA ILE D 74 -39.39 7.88 38.99
C ILE D 74 -38.59 8.71 38.01
N ILE D 75 -38.82 10.02 37.99
CA ILE D 75 -38.04 10.92 37.15
C ILE D 75 -36.68 11.12 37.80
N THR D 76 -35.64 10.59 37.16
CA THR D 76 -34.28 10.65 37.66
C THR D 76 -33.49 11.85 37.13
N ASN D 77 -33.99 12.51 36.07
CA ASN D 77 -33.17 13.41 35.26
C ASN D 77 -34.08 14.55 34.80
N TRP D 78 -34.30 15.49 35.72
CA TRP D 78 -35.24 16.58 35.51
C TRP D 78 -34.82 17.49 34.35
N ASP D 79 -33.52 17.64 34.12
CA ASP D 79 -33.05 18.47 33.01
C ASP D 79 -33.49 17.93 31.66
N ASP D 80 -33.57 16.61 31.50
CA ASP D 80 -34.07 16.01 30.27
C ASP D 80 -35.58 15.82 30.26
N MET D 81 -36.18 15.55 31.41
CA MET D 81 -37.64 15.49 31.46
C MET D 81 -38.26 16.83 31.09
N GLU D 82 -37.65 17.93 31.56
CA GLU D 82 -38.14 19.25 31.17
C GLU D 82 -37.98 19.49 29.66
N LYS D 83 -37.03 18.82 29.03
CA LYS D 83 -36.96 18.84 27.56
C LYS D 83 -38.08 18.04 26.94
N ILE D 84 -38.43 16.91 27.54
CA ILE D 84 -39.53 16.11 27.00
C ILE D 84 -40.86 16.84 27.13
N TRP D 85 -41.09 17.51 28.26
CA TRP D 85 -42.27 18.36 28.39
C TRP D 85 -42.26 19.53 27.42
N HIS D 86 -41.13 20.21 27.26
CA HIS D 86 -41.04 21.26 26.26
C HIS D 86 -41.38 20.75 24.87
N HIS D 87 -40.81 19.61 24.48
CA HIS D 87 -41.13 19.02 23.18
C HIS D 87 -42.61 18.67 23.07
N THR D 88 -43.17 18.07 24.12
CA THR D 88 -44.58 17.68 24.14
C THR D 88 -45.48 18.88 23.89
N PHE D 89 -45.25 19.97 24.61
CA PHE D 89 -46.15 21.11 24.50
C PHE D 89 -45.89 21.91 23.22
N TYR D 90 -44.65 22.29 22.95
CA TYR D 90 -44.38 23.23 21.86
C TYR D 90 -44.22 22.61 20.48
N ASN D 91 -43.69 21.38 20.38
CA ASN D 91 -43.43 20.78 19.07
C ASN D 91 -44.49 19.79 18.64
N GLU D 92 -44.99 18.96 19.55
CA GLU D 92 -46.00 17.98 19.19
C GLU D 92 -47.41 18.56 19.26
N LEU D 93 -47.84 19.01 20.44
CA LEU D 93 -49.16 19.60 20.55
C LEU D 93 -49.23 21.03 20.05
N ARG D 94 -48.08 21.71 19.94
CA ARG D 94 -48.01 23.07 19.38
C ARG D 94 -48.96 24.04 20.09
N VAL D 95 -48.84 24.10 21.42
CA VAL D 95 -49.76 24.84 22.27
C VAL D 95 -48.96 25.46 23.41
N ALA D 96 -49.43 26.62 23.88
CA ALA D 96 -48.76 27.32 24.97
C ALA D 96 -49.39 26.89 26.29
N PRO D 97 -48.66 26.20 27.17
CA PRO D 97 -49.31 25.63 28.36
C PRO D 97 -49.91 26.65 29.30
N GLU D 98 -49.47 27.91 29.26
CA GLU D 98 -50.04 28.93 30.13
C GLU D 98 -51.50 29.24 29.86
N GLU D 99 -52.13 28.60 28.89
CA GLU D 99 -53.58 28.70 28.71
C GLU D 99 -54.32 27.42 29.05
N HIS D 100 -53.62 26.31 29.21
CA HIS D 100 -54.24 24.98 29.27
C HIS D 100 -53.89 24.26 30.57
N PRO D 101 -54.86 24.04 31.46
CA PRO D 101 -54.58 23.27 32.67
C PRO D 101 -54.21 21.83 32.33
N THR D 102 -53.12 21.35 32.93
CA THR D 102 -52.47 20.11 32.52
C THR D 102 -52.68 19.05 33.58
N LEU D 103 -53.33 17.96 33.20
CA LEU D 103 -53.44 16.76 34.02
C LEU D 103 -52.22 15.88 33.79
N LEU D 104 -51.27 15.92 34.72
CA LEU D 104 -50.24 14.90 34.78
C LEU D 104 -50.78 13.66 35.46
N THR D 105 -49.98 12.59 35.42
CA THR D 105 -50.30 11.38 36.18
C THR D 105 -49.02 10.64 36.49
N GLU D 106 -49.05 9.87 37.58
CA GLU D 106 -47.89 9.11 38.01
C GLU D 106 -48.36 7.82 38.67
N ALA D 107 -47.42 6.88 38.82
CA ALA D 107 -47.70 5.64 39.53
C ALA D 107 -47.88 5.89 41.02
N PRO D 108 -48.59 5.01 41.71
CA PRO D 108 -48.72 5.12 43.17
C PRO D 108 -47.46 4.64 43.87
N LEU D 109 -47.41 4.91 45.18
CA LEU D 109 -46.27 4.57 46.02
C LEU D 109 -44.96 5.06 45.43
N ASN D 110 -44.88 6.38 45.24
CA ASN D 110 -43.82 7.00 44.47
C ASN D 110 -43.30 8.20 45.26
N PRO D 111 -41.99 8.45 45.24
CA PRO D 111 -41.42 9.49 46.12
C PRO D 111 -42.11 10.84 45.94
N LYS D 112 -42.48 11.44 47.07
CA LYS D 112 -43.14 12.74 47.07
C LYS D 112 -42.28 13.85 46.49
N ALA D 113 -40.96 13.68 46.49
CA ALA D 113 -40.08 14.61 45.80
C ALA D 113 -40.38 14.72 44.31
N ASN D 114 -40.84 13.62 43.69
CA ASN D 114 -41.19 13.68 42.29
C ASN D 114 -42.41 14.55 42.06
N ARG D 115 -43.50 14.26 42.78
CA ARG D 115 -44.73 15.04 42.68
C ARG D 115 -44.49 16.52 42.99
N GLU D 116 -43.60 16.81 43.93
CA GLU D 116 -43.22 18.20 44.19
C GLU D 116 -42.42 18.84 43.06
N LYS D 117 -41.45 18.12 42.50
CA LYS D 117 -40.68 18.73 41.41
C LYS D 117 -41.52 18.90 40.14
N MET D 118 -42.40 17.94 39.84
CA MET D 118 -43.37 18.12 38.77
C MET D 118 -44.25 19.35 39.01
N THR D 119 -44.67 19.57 40.25
CA THR D 119 -45.46 20.76 40.56
C THR D 119 -44.67 22.04 40.34
N GLN D 120 -43.45 22.11 40.89
CA GLN D 120 -42.58 23.25 40.67
C GLN D 120 -42.38 23.54 39.19
N ILE D 121 -42.08 22.50 38.41
CA ILE D 121 -41.79 22.70 36.99
C ILE D 121 -43.01 23.18 36.24
N MET D 122 -44.16 22.56 36.49
CA MET D 122 -45.39 22.95 35.81
C MET D 122 -45.80 24.39 36.13
N PHE D 123 -45.73 24.77 37.41
CA PHE D 123 -46.16 26.11 37.80
C PHE D 123 -45.13 27.21 37.58
N GLU D 124 -43.84 26.90 37.51
CA GLU D 124 -42.82 27.94 37.37
C GLU D 124 -42.09 27.96 36.04
N THR D 125 -41.95 26.83 35.37
CA THR D 125 -41.44 26.86 34.00
C THR D 125 -42.56 27.12 32.99
N PHE D 126 -43.66 26.38 33.08
CA PHE D 126 -44.71 26.49 32.07
C PHE D 126 -45.86 27.39 32.50
N ASN D 127 -45.85 27.93 33.72
CA ASN D 127 -46.84 28.90 34.18
C ASN D 127 -48.29 28.43 34.01
N VAL D 128 -48.51 27.12 33.96
CA VAL D 128 -49.82 26.60 33.57
C VAL D 128 -50.89 27.10 34.53
N PRO D 129 -52.11 27.38 34.05
CA PRO D 129 -53.15 27.90 34.94
C PRO D 129 -53.50 26.97 36.09
N ALA D 130 -53.50 25.66 35.84
CA ALA D 130 -53.82 24.69 36.88
C ALA D 130 -53.26 23.32 36.48
N MET D 131 -53.23 22.42 37.45
CA MET D 131 -52.52 21.16 37.28
C MET D 131 -53.17 20.12 38.19
N TYR D 132 -52.99 18.85 37.85
CA TYR D 132 -53.39 17.76 38.73
C TYR D 132 -52.54 16.53 38.46
N VAL D 133 -52.43 15.65 39.46
CA VAL D 133 -51.58 14.48 39.35
C VAL D 133 -52.35 13.23 39.77
N ALA D 134 -53.16 12.70 38.86
CA ALA D 134 -53.97 11.53 39.15
C ALA D 134 -53.13 10.26 39.19
N ILE D 135 -53.55 9.31 40.02
CA ILE D 135 -52.94 7.98 40.03
C ILE D 135 -53.36 7.23 38.77
N GLN D 136 -52.37 6.65 38.08
CA GLN D 136 -52.61 6.05 36.75
C GLN D 136 -53.68 4.97 36.82
N ALA D 137 -53.65 4.15 37.88
CA ALA D 137 -54.65 3.08 38.00
C ALA D 137 -56.06 3.63 38.23
N VAL D 138 -56.17 4.75 38.93
CA VAL D 138 -57.50 5.35 39.09
C VAL D 138 -58.04 5.84 37.75
N LEU D 139 -57.16 6.43 36.94
CA LEU D 139 -57.53 6.81 35.58
C LEU D 139 -57.97 5.60 34.75
N SER D 140 -57.28 4.46 34.91
CA SER D 140 -57.60 3.29 34.11
C SER D 140 -59.00 2.75 34.32
N LEU D 141 -59.64 3.03 35.46
CA LEU D 141 -61.05 2.68 35.62
C LEU D 141 -61.95 3.49 34.70
N TYR D 142 -61.77 4.81 34.65
CA TYR D 142 -62.64 5.65 33.83
C TYR D 142 -62.69 5.19 32.37
N ALA D 143 -61.56 4.79 31.80
CA ALA D 143 -61.57 4.32 30.42
C ALA D 143 -62.36 3.04 30.23
N SER D 144 -62.56 2.25 31.28
CA SER D 144 -63.41 1.07 31.18
C SER D 144 -64.87 1.33 31.52
N GLY D 145 -65.14 2.37 32.29
CA GLY D 145 -66.48 2.61 32.79
C GLY D 145 -66.81 1.91 34.10
N ARG D 146 -65.85 1.19 34.69
CA ARG D 146 -66.07 0.58 35.99
C ARG D 146 -66.13 1.65 37.08
N THR D 147 -66.80 1.29 38.18
CA THR D 147 -66.59 1.95 39.46
C THR D 147 -65.90 1.06 40.47
N THR D 148 -65.79 -0.24 40.20
CA THR D 148 -65.28 -1.23 41.13
C THR D 148 -64.37 -2.18 40.37
N GLY D 149 -63.23 -2.50 40.95
CA GLY D 149 -62.35 -3.45 40.29
C GLY D 149 -60.95 -3.41 40.84
N ILE D 150 -60.22 -4.51 40.59
CA ILE D 150 -58.77 -4.46 40.55
C ILE D 150 -58.35 -3.79 39.26
N VAL D 151 -57.43 -2.83 39.35
CA VAL D 151 -56.66 -2.38 38.20
C VAL D 151 -55.27 -2.98 38.26
N LEU D 152 -54.85 -3.61 37.17
CA LEU D 152 -53.47 -4.00 36.97
C LEU D 152 -52.89 -3.10 35.89
N ASP D 153 -52.04 -2.16 36.28
CA ASP D 153 -51.27 -1.38 35.33
C ASP D 153 -49.86 -1.94 35.25
N SER D 154 -49.39 -2.17 34.02
CA SER D 154 -48.07 -2.74 33.78
C SER D 154 -47.42 -1.93 32.66
N GLY D 155 -46.52 -1.04 33.01
CA GLY D 155 -45.99 -0.06 32.08
C GLY D 155 -44.67 -0.48 31.46
N ASP D 156 -43.85 0.52 31.16
CA ASP D 156 -42.47 0.28 30.78
C ASP D 156 -41.56 0.14 32.00
N GLY D 157 -41.83 0.90 33.06
CA GLY D 157 -40.94 0.94 34.19
C GLY D 157 -41.47 0.32 35.48
N VAL D 158 -42.79 0.37 35.69
CA VAL D 158 -43.39 -0.14 36.92
C VAL D 158 -44.69 -0.88 36.61
N THR D 159 -45.05 -1.78 37.52
CA THR D 159 -46.33 -2.47 37.53
C THR D 159 -46.94 -2.29 38.90
N HIS D 160 -48.24 -1.97 38.95
CA HIS D 160 -48.89 -1.74 40.23
C HIS D 160 -50.34 -2.19 40.20
N ASN D 161 -50.81 -2.65 41.36
CA ASN D 161 -52.19 -3.09 41.58
C ASN D 161 -52.87 -2.11 42.52
N VAL D 162 -54.05 -1.62 42.13
CA VAL D 162 -54.84 -0.72 42.97
C VAL D 162 -56.29 -1.18 43.00
N PRO D 163 -56.74 -1.78 44.10
CA PRO D 163 -58.16 -2.13 44.25
C PRO D 163 -59.03 -0.95 44.63
N ILE D 164 -60.21 -0.88 44.02
CA ILE D 164 -61.14 0.23 44.16
C ILE D 164 -62.54 -0.35 44.23
N TYR D 165 -63.40 0.27 45.06
CA TYR D 165 -64.77 -0.22 45.26
C TYR D 165 -65.73 0.96 45.39
N GLU D 166 -66.49 1.21 44.32
CA GLU D 166 -67.44 2.33 44.25
C GLU D 166 -66.77 3.66 44.53
N GLY D 167 -65.49 3.77 44.17
CA GLY D 167 -64.63 4.76 44.77
C GLY D 167 -63.68 4.12 45.76
N TYR D 168 -63.21 4.89 46.74
CA TYR D 168 -62.58 4.37 47.95
C TYR D 168 -61.48 3.36 47.60
N ALA D 169 -60.45 3.86 46.92
CA ALA D 169 -59.23 3.08 46.77
C ALA D 169 -58.69 2.67 48.14
N LEU D 170 -58.32 1.40 48.26
CA LEU D 170 -57.80 0.85 49.51
C LEU D 170 -56.28 0.99 49.61
N PRO D 171 -55.78 2.02 50.29
CA PRO D 171 -54.36 2.38 50.12
C PRO D 171 -53.40 1.35 50.70
N HIS D 172 -53.85 0.60 51.71
CA HIS D 172 -53.03 -0.48 52.27
C HIS D 172 -52.90 -1.67 51.33
N ALA D 173 -53.86 -1.85 50.42
CA ALA D 173 -53.83 -2.97 49.49
C ALA D 173 -53.15 -2.64 48.16
N ILE D 174 -52.77 -1.39 47.93
CA ILE D 174 -51.95 -1.07 46.77
C ILE D 174 -50.63 -1.82 46.85
N MET D 175 -50.17 -2.32 45.70
CA MET D 175 -48.87 -2.96 45.57
C MET D 175 -48.20 -2.45 44.30
N ARG D 176 -46.88 -2.26 44.36
CA ARG D 176 -46.09 -1.85 43.21
C ARG D 176 -44.84 -2.73 43.10
N LEU D 177 -44.52 -3.15 41.87
CA LEU D 177 -43.64 -4.29 41.67
C LEU D 177 -42.25 -3.93 41.13
N ASP D 178 -42.06 -2.74 40.55
CA ASP D 178 -40.80 -2.34 39.91
C ASP D 178 -40.34 -3.30 38.82
N LEU D 179 -41.24 -4.13 38.28
CA LEU D 179 -40.92 -5.04 37.18
C LEU D 179 -41.83 -4.73 36.01
N ALA D 180 -41.24 -4.38 34.86
CA ALA D 180 -42.05 -4.03 33.70
C ALA D 180 -41.22 -4.17 32.42
N GLY D 181 -41.70 -3.53 31.35
CA GLY D 181 -41.16 -3.72 30.00
C GLY D 181 -39.67 -3.50 29.81
N ARG D 182 -39.04 -2.66 30.64
CA ARG D 182 -37.58 -2.56 30.55
C ARG D 182 -36.89 -3.81 31.07
N ASP D 183 -37.37 -4.35 32.20
CA ASP D 183 -36.81 -5.60 32.70
C ASP D 183 -37.06 -6.76 31.74
N LEU D 184 -38.21 -6.74 31.06
CA LEU D 184 -38.48 -7.72 30.01
C LEU D 184 -37.56 -7.54 28.80
N THR D 185 -37.29 -6.30 28.40
CA THR D 185 -36.35 -6.06 27.31
C THR D 185 -34.94 -6.54 27.67
N ASP D 186 -34.46 -6.19 28.86
CA ASP D 186 -33.12 -6.59 29.27
C ASP D 186 -32.99 -8.11 29.44
N TYR D 187 -34.02 -8.77 29.96
CA TYR D 187 -33.98 -10.24 29.99
C TYR D 187 -34.05 -10.85 28.61
N LEU D 188 -34.85 -10.27 27.71
CA LEU D 188 -34.84 -10.74 26.32
C LEU D 188 -33.47 -10.59 25.67
N MET D 189 -32.78 -9.49 25.96
CA MET D 189 -31.40 -9.34 25.48
C MET D 189 -30.48 -10.42 26.06
N LYS D 190 -30.62 -10.70 27.36
CA LYS D 190 -29.80 -11.72 28.00
C LYS D 190 -30.05 -13.11 27.41
N ILE D 191 -31.30 -13.44 27.09
CA ILE D 191 -31.55 -14.75 26.50
C ILE D 191 -31.27 -14.79 25.00
N LEU D 192 -31.42 -13.67 24.28
CA LEU D 192 -30.99 -13.65 22.88
C LEU D 192 -29.48 -13.80 22.77
N THR D 193 -28.74 -13.44 23.81
CA THR D 193 -27.31 -13.75 23.86
C THR D 193 -27.05 -15.25 23.83
N GLU D 194 -28.01 -16.07 24.29
CA GLU D 194 -27.83 -17.52 24.30
C GLU D 194 -27.67 -18.14 22.92
N ARG D 195 -28.12 -17.49 21.85
CA ARG D 195 -27.77 -17.94 20.51
C ARG D 195 -26.99 -16.90 19.71
N GLY D 196 -26.41 -15.91 20.38
CA GLY D 196 -25.37 -15.07 19.82
C GLY D 196 -25.78 -13.80 19.13
N TYR D 197 -27.03 -13.36 19.26
CA TYR D 197 -27.40 -12.02 18.81
C TYR D 197 -27.00 -11.05 19.91
N SER D 198 -25.74 -10.61 19.86
CA SER D 198 -25.23 -9.67 20.87
C SER D 198 -25.81 -8.29 20.63
N PHE D 199 -26.71 -7.88 21.52
CA PHE D 199 -27.25 -6.52 21.59
C PHE D 199 -26.77 -5.87 22.87
N VAL D 200 -26.13 -4.70 22.74
CA VAL D 200 -25.45 -4.08 23.88
C VAL D 200 -25.65 -2.57 23.88
N THR D 201 -25.70 -1.96 22.70
CA THR D 201 -25.97 -0.53 22.62
C THR D 201 -27.43 -0.24 22.95
N THR D 202 -27.70 1.04 23.26
CA THR D 202 -29.07 1.46 23.50
C THR D 202 -29.90 1.45 22.23
N ALA D 203 -29.27 1.70 21.07
CA ALA D 203 -29.94 1.44 19.79
C ALA D 203 -30.37 -0.02 19.68
N GLU D 204 -29.53 -0.95 20.10
CA GLU D 204 -29.92 -2.35 20.07
C GLU D 204 -30.95 -2.66 21.14
N ARG D 205 -30.86 -2.05 22.32
CA ARG D 205 -31.95 -2.14 23.28
C ARG D 205 -33.28 -1.71 22.67
N GLU D 206 -33.25 -0.63 21.89
CA GLU D 206 -34.43 -0.11 21.20
C GLU D 206 -34.90 -1.01 20.06
N ILE D 207 -34.01 -1.85 19.53
CA ILE D 207 -34.44 -2.85 18.56
C ILE D 207 -35.02 -4.08 19.24
N VAL D 208 -34.43 -4.50 20.35
CA VAL D 208 -34.97 -5.61 21.12
C VAL D 208 -36.33 -5.24 21.72
N ARG D 209 -36.58 -3.97 22.00
CA ARG D 209 -37.94 -3.56 22.33
C ARG D 209 -38.92 -3.84 21.19
N ASP D 210 -38.49 -3.63 19.95
CA ASP D 210 -39.35 -3.93 18.82
C ASP D 210 -39.53 -5.43 18.64
N ILE D 211 -38.46 -6.20 18.81
CA ILE D 211 -38.56 -7.66 18.75
C ILE D 211 -39.54 -8.16 19.81
N LYS D 212 -39.44 -7.62 21.03
CA LYS D 212 -40.37 -7.93 22.11
C LYS D 212 -41.82 -7.63 21.72
N GLU D 213 -42.06 -6.45 21.12
CA GLU D 213 -43.42 -6.10 20.76
C GLU D 213 -43.97 -6.94 19.61
N LYS D 214 -43.12 -7.25 18.62
CA LYS D 214 -43.59 -7.96 17.44
C LYS D 214 -43.77 -9.45 17.68
N LEU D 215 -42.81 -10.11 18.32
CA LEU D 215 -42.79 -11.57 18.37
C LEU D 215 -43.33 -12.18 19.67
N CYS D 216 -43.05 -11.56 20.82
CA CYS D 216 -43.27 -12.26 22.07
C CYS D 216 -44.75 -12.46 22.38
N TYR D 217 -45.04 -13.50 23.14
CA TYR D 217 -46.37 -13.81 23.64
C TYR D 217 -46.21 -14.56 24.95
N VAL D 218 -47.30 -14.63 25.73
CA VAL D 218 -47.28 -15.29 27.03
C VAL D 218 -47.83 -16.71 26.86
N ALA D 219 -47.03 -17.69 27.28
CA ALA D 219 -47.44 -19.08 27.21
C ALA D 219 -48.61 -19.36 28.15
N LEU D 220 -49.56 -20.17 27.67
CA LEU D 220 -50.69 -20.56 28.51
C LEU D 220 -50.29 -21.61 29.54
N ASP D 221 -49.28 -22.44 29.23
CA ASP D 221 -48.86 -23.56 30.05
C ASP D 221 -47.36 -23.74 29.87
N PHE D 222 -46.59 -22.96 30.64
CA PHE D 222 -45.20 -22.68 30.29
C PHE D 222 -44.37 -23.96 30.13
N GLU D 223 -44.57 -24.94 31.00
CA GLU D 223 -43.80 -26.18 30.88
C GLU D 223 -44.08 -26.90 29.57
N ASN D 224 -45.35 -26.97 29.15
CA ASN D 224 -45.68 -27.64 27.89
C ASN D 224 -45.31 -26.83 26.66
N GLU D 225 -45.37 -25.50 26.74
CA GLU D 225 -44.88 -24.67 25.64
C GLU D 225 -43.36 -24.78 25.51
N MET D 226 -42.65 -24.77 26.62
CA MET D 226 -41.20 -24.99 26.61
C MET D 226 -40.84 -26.35 26.03
N ALA D 227 -41.56 -27.40 26.41
CA ALA D 227 -41.32 -28.72 25.82
C ALA D 227 -41.65 -28.75 24.33
N THR D 228 -42.70 -28.04 23.90
CA THR D 228 -43.03 -28.00 22.48
C THR D 228 -41.97 -27.25 21.68
N ALA D 229 -41.52 -26.10 22.18
CA ALA D 229 -40.42 -25.38 21.53
C ALA D 229 -39.12 -26.15 21.55
N ALA D 230 -38.93 -27.03 22.53
CA ALA D 230 -37.76 -27.91 22.52
C ALA D 230 -37.90 -29.03 21.50
N SER D 231 -39.11 -29.56 21.34
CA SER D 231 -39.33 -30.68 20.44
C SER D 231 -39.57 -30.28 18.99
N SER D 232 -40.06 -29.07 18.73
CA SER D 232 -40.36 -28.70 17.35
C SER D 232 -40.11 -27.21 17.13
N SER D 233 -39.74 -26.88 15.89
CA SER D 233 -39.48 -25.52 15.44
C SER D 233 -40.75 -24.75 15.09
N SER D 234 -41.93 -25.34 15.27
CA SER D 234 -43.18 -24.72 14.85
C SER D 234 -43.41 -23.37 15.53
N LEU D 235 -42.90 -23.20 16.75
CA LEU D 235 -43.03 -21.94 17.47
C LEU D 235 -41.97 -20.91 17.09
N GLU D 236 -40.99 -21.28 16.29
CA GLU D 236 -39.95 -20.33 15.89
C GLU D 236 -40.48 -19.33 14.86
N LYS D 237 -40.04 -18.09 15.00
CA LYS D 237 -40.37 -17.00 14.08
C LYS D 237 -39.09 -16.29 13.68
N SER D 238 -39.07 -15.78 12.45
CA SER D 238 -37.94 -15.03 11.94
C SER D 238 -38.28 -13.55 11.85
N TYR D 239 -37.29 -12.72 12.18
CA TYR D 239 -37.44 -11.27 12.22
C TYR D 239 -36.25 -10.66 11.49
N GLU D 240 -36.46 -9.50 10.89
CA GLU D 240 -35.45 -8.85 10.04
C GLU D 240 -34.98 -7.56 10.68
N LEU D 241 -33.70 -7.52 11.04
CA LEU D 241 -33.11 -6.36 11.68
C LEU D 241 -33.05 -5.18 10.71
N PRO D 242 -32.84 -3.96 11.23
CA PRO D 242 -32.82 -2.79 10.34
C PRO D 242 -31.83 -2.88 9.19
N ASP D 243 -30.77 -3.67 9.33
CA ASP D 243 -29.82 -3.85 8.24
C ASP D 243 -30.11 -5.07 7.38
N GLY D 244 -31.28 -5.68 7.53
CA GLY D 244 -31.64 -6.85 6.76
C GLY D 244 -31.07 -8.17 7.22
N GLN D 245 -30.26 -8.19 8.28
CA GLN D 245 -29.87 -9.45 8.88
C GLN D 245 -31.08 -10.12 9.51
N VAL D 246 -31.39 -11.33 9.07
CA VAL D 246 -32.45 -12.14 9.68
C VAL D 246 -31.93 -12.78 10.96
N ILE D 247 -32.78 -12.75 11.99
CA ILE D 247 -32.59 -13.51 13.23
C ILE D 247 -33.76 -14.47 13.37
N THR D 248 -33.53 -15.58 14.08
CA THR D 248 -34.60 -16.52 14.39
C THR D 248 -34.67 -16.76 15.89
N ILE D 249 -35.89 -16.83 16.40
CA ILE D 249 -36.19 -16.82 17.82
C ILE D 249 -37.17 -17.94 18.12
N GLY D 250 -37.00 -18.60 19.27
CA GLY D 250 -37.78 -19.77 19.59
C GLY D 250 -38.38 -19.74 20.98
N ASN D 251 -37.89 -20.56 21.91
CA ASN D 251 -38.42 -20.52 23.27
C ASN D 251 -38.18 -19.20 23.97
N GLU D 252 -37.26 -18.37 23.47
CA GLU D 252 -37.10 -17.01 23.98
C GLU D 252 -38.38 -16.19 23.82
N ARG D 253 -39.19 -16.56 22.83
CA ARG D 253 -40.39 -15.82 22.47
C ARG D 253 -41.40 -15.76 23.60
N PHE D 254 -41.49 -16.83 24.40
CA PHE D 254 -42.37 -16.80 25.55
C PHE D 254 -41.62 -16.84 26.88
N ARG D 255 -40.36 -17.28 26.88
CA ARG D 255 -39.55 -17.13 28.09
C ARG D 255 -39.38 -15.67 28.49
N CYS D 256 -39.36 -14.74 27.52
CA CYS D 256 -39.25 -13.33 27.88
C CYS D 256 -40.43 -12.84 28.73
N PRO D 257 -41.69 -12.84 28.26
CA PRO D 257 -42.79 -12.34 29.10
C PRO D 257 -43.19 -13.26 30.24
N GLU D 258 -42.78 -14.54 30.22
CA GLU D 258 -42.99 -15.41 31.38
C GLU D 258 -42.40 -14.83 32.66
N THR D 259 -41.34 -14.02 32.56
CA THR D 259 -40.75 -13.43 33.76
C THR D 259 -41.70 -12.53 34.54
N LEU D 260 -42.79 -12.07 33.92
CA LEU D 260 -43.84 -11.40 34.68
C LEU D 260 -44.46 -12.35 35.69
N PHE D 261 -44.66 -13.61 35.31
CA PHE D 261 -45.23 -14.60 36.20
C PHE D 261 -44.18 -15.30 37.06
N GLN D 262 -42.91 -15.28 36.65
CA GLN D 262 -41.82 -15.88 37.42
C GLN D 262 -40.65 -14.90 37.51
N PRO D 263 -40.78 -13.87 38.36
CA PRO D 263 -39.73 -12.84 38.45
C PRO D 263 -38.37 -13.39 38.83
N SER D 264 -38.31 -14.55 39.48
CA SER D 264 -37.02 -15.17 39.81
C SER D 264 -36.15 -15.43 38.58
N PHE D 265 -36.74 -15.45 37.38
CA PHE D 265 -35.92 -15.56 36.18
C PHE D 265 -34.95 -14.39 36.02
N ILE D 266 -35.37 -13.18 36.42
CA ILE D 266 -34.49 -12.02 36.41
C ILE D 266 -33.87 -11.78 37.79
N GLY D 267 -33.93 -12.78 38.66
CA GLY D 267 -33.47 -12.67 40.02
C GLY D 267 -34.33 -11.83 40.93
N MET D 268 -35.41 -11.24 40.42
CA MET D 268 -36.33 -10.50 41.27
C MET D 268 -37.00 -11.45 42.26
N GLU D 269 -36.98 -11.08 43.54
CA GLU D 269 -37.44 -11.98 44.59
C GLU D 269 -38.95 -12.11 44.62
N SER D 270 -39.67 -11.07 44.22
CA SER D 270 -41.08 -10.95 44.56
C SER D 270 -41.92 -12.09 43.98
N ALA D 271 -43.13 -12.21 44.52
CA ALA D 271 -44.20 -12.98 43.89
C ALA D 271 -44.56 -12.41 42.53
N GLY D 272 -45.08 -13.27 41.66
CA GLY D 272 -45.45 -12.87 40.32
C GLY D 272 -46.65 -11.94 40.31
N ILE D 273 -47.01 -11.51 39.11
CA ILE D 273 -48.11 -10.56 38.97
C ILE D 273 -49.46 -11.20 39.27
N HIS D 274 -49.61 -12.50 39.02
CA HIS D 274 -50.83 -13.20 39.45
C HIS D 274 -50.87 -13.32 40.97
N GLU D 275 -49.74 -13.67 41.57
CA GLU D 275 -49.69 -13.78 43.03
C GLU D 275 -49.85 -12.42 43.71
N THR D 276 -49.23 -11.37 43.18
CA THR D 276 -49.43 -10.05 43.78
C THR D 276 -50.85 -9.51 43.53
N THR D 277 -51.49 -9.90 42.44
CA THR D 277 -52.90 -9.60 42.25
C THR D 277 -53.77 -10.29 43.30
N TYR D 278 -53.53 -11.59 43.51
CA TYR D 278 -54.26 -12.32 44.54
C TYR D 278 -53.99 -11.76 45.94
N ASN D 279 -52.73 -11.53 46.28
CA ASN D 279 -52.39 -10.95 47.59
C ASN D 279 -52.99 -9.56 47.79
N SER D 280 -53.14 -8.78 46.71
CA SER D 280 -53.83 -7.50 46.81
C SER D 280 -55.32 -7.67 47.09
N ILE D 281 -55.97 -8.63 46.42
CA ILE D 281 -57.35 -8.95 46.77
C ILE D 281 -57.45 -9.48 48.20
N MET D 282 -56.49 -10.28 48.64
CA MET D 282 -56.45 -10.76 50.02
C MET D 282 -56.18 -9.67 51.05
N LYS D 283 -55.62 -8.53 50.64
CA LYS D 283 -55.57 -7.41 51.57
C LYS D 283 -56.90 -6.68 51.69
N CYS D 284 -57.81 -6.90 50.74
CA CYS D 284 -59.12 -6.27 50.77
C CYS D 284 -60.08 -6.98 51.73
N ASP D 285 -61.04 -6.22 52.24
CA ASP D 285 -62.05 -6.74 53.15
C ASP D 285 -62.91 -7.81 52.45
N ILE D 286 -63.29 -8.84 53.19
CA ILE D 286 -63.72 -10.09 52.59
C ILE D 286 -65.03 -9.94 51.81
N ASP D 287 -65.81 -8.89 52.09
CA ASP D 287 -67.07 -8.70 51.37
C ASP D 287 -66.87 -8.31 49.91
N ILE D 288 -65.82 -7.54 49.61
CA ILE D 288 -65.68 -6.96 48.27
C ILE D 288 -64.89 -7.84 47.31
N ARG D 289 -64.20 -8.87 47.83
CA ARG D 289 -63.33 -9.72 47.00
C ARG D 289 -64.07 -10.33 45.81
N LYS D 290 -65.33 -10.73 45.98
CA LYS D 290 -66.08 -11.31 44.87
C LYS D 290 -66.24 -10.33 43.70
N ASP D 291 -66.37 -9.04 43.97
CA ASP D 291 -66.48 -8.06 42.89
C ASP D 291 -65.13 -7.68 42.31
N LEU D 292 -64.06 -7.78 43.10
CA LEU D 292 -62.74 -7.61 42.52
C LEU D 292 -62.40 -8.77 41.60
N TYR D 293 -62.68 -10.00 42.03
CA TYR D 293 -62.51 -11.14 41.13
C TYR D 293 -63.35 -10.97 39.87
N ALA D 294 -64.57 -10.42 40.02
CA ALA D 294 -65.42 -10.20 38.86
C ALA D 294 -65.01 -8.98 38.05
N ASN D 295 -64.01 -8.21 38.48
CA ASN D 295 -63.68 -6.96 37.79
C ASN D 295 -62.17 -6.70 37.85
N ASN D 296 -61.37 -7.67 37.40
CA ASN D 296 -59.96 -7.38 37.14
C ASN D 296 -59.82 -6.60 35.84
N VAL D 297 -59.29 -5.38 35.94
CA VAL D 297 -59.03 -4.53 34.79
C VAL D 297 -57.53 -4.51 34.52
N MET D 298 -57.14 -4.82 33.29
CA MET D 298 -55.74 -4.84 32.87
C MET D 298 -55.46 -3.61 32.01
N SER D 299 -54.34 -2.95 32.27
CA SER D 299 -53.95 -1.79 31.48
C SER D 299 -52.42 -1.72 31.42
N GLY D 300 -51.93 -0.89 30.50
CA GLY D 300 -50.51 -0.69 30.25
C GLY D 300 -49.97 -1.62 29.18
N GLY D 301 -48.96 -1.12 28.46
CA GLY D 301 -48.50 -1.77 27.25
C GLY D 301 -48.04 -3.21 27.44
N THR D 302 -47.39 -3.52 28.56
CA THR D 302 -46.96 -4.88 28.78
C THR D 302 -48.10 -5.84 29.16
N THR D 303 -49.35 -5.37 29.18
CA THR D 303 -50.49 -6.27 29.19
C THR D 303 -51.00 -6.59 27.79
N MET D 304 -50.31 -6.15 26.74
CA MET D 304 -50.77 -6.37 25.37
C MET D 304 -50.36 -7.73 24.81
N TYR D 305 -49.50 -8.47 25.51
CA TYR D 305 -49.04 -9.74 24.99
C TYR D 305 -50.21 -10.68 24.70
N PRO D 306 -50.24 -11.30 23.52
CA PRO D 306 -51.25 -12.34 23.26
C PRO D 306 -51.27 -13.42 24.33
N GLY D 307 -52.47 -13.79 24.78
CA GLY D 307 -52.62 -14.84 25.76
C GLY D 307 -52.38 -14.45 27.20
N ILE D 308 -52.00 -13.20 27.49
CA ILE D 308 -51.72 -12.82 28.87
C ILE D 308 -52.99 -12.84 29.70
N ALA D 309 -54.13 -12.48 29.12
CA ALA D 309 -55.40 -12.55 29.85
C ALA D 309 -55.79 -13.99 30.16
N ASP D 310 -55.60 -14.90 29.20
CA ASP D 310 -55.88 -16.32 29.44
C ASP D 310 -54.99 -16.91 30.54
N ARG D 311 -53.68 -16.64 30.45
CA ARG D 311 -52.77 -17.09 31.50
C ARG D 311 -53.10 -16.49 32.86
N MET D 312 -53.41 -15.19 32.90
CA MET D 312 -53.77 -14.55 34.16
C MET D 312 -55.04 -15.15 34.75
N GLN D 313 -56.03 -15.44 33.89
CA GLN D 313 -57.27 -16.05 34.35
C GLN D 313 -57.04 -17.46 34.89
N LYS D 314 -56.24 -18.26 34.17
CA LYS D 314 -55.87 -19.58 34.67
C LYS D 314 -55.19 -19.50 36.03
N GLU D 315 -54.22 -18.61 36.17
CA GLU D 315 -53.45 -18.54 37.42
C GLU D 315 -54.29 -18.03 38.58
N ILE D 316 -55.11 -17.00 38.37
CA ILE D 316 -55.97 -16.56 39.47
C ILE D 316 -57.08 -17.56 39.76
N THR D 317 -57.62 -18.25 38.74
CA THR D 317 -58.60 -19.28 39.02
C THR D 317 -57.99 -20.45 39.80
N ALA D 318 -56.68 -20.67 39.65
CA ALA D 318 -56.01 -21.65 40.49
C ALA D 318 -55.78 -21.11 41.89
N LEU D 319 -55.53 -19.81 42.02
CA LEU D 319 -55.33 -19.19 43.32
C LEU D 319 -56.64 -18.95 44.06
N ALA D 320 -57.63 -18.38 43.39
CA ALA D 320 -58.86 -17.96 44.04
C ALA D 320 -59.79 -19.14 44.33
N PRO D 321 -60.67 -18.99 45.32
CA PRO D 321 -61.61 -20.06 45.66
C PRO D 321 -62.48 -20.50 44.48
N SER D 322 -62.76 -21.81 44.45
CA SER D 322 -63.30 -22.46 43.25
C SER D 322 -64.61 -21.86 42.78
N THR D 323 -65.38 -21.27 43.70
CA THR D 323 -66.67 -20.70 43.30
C THR D 323 -66.54 -19.36 42.59
N MET D 324 -65.46 -18.61 42.84
CA MET D 324 -65.40 -17.22 42.38
C MET D 324 -65.33 -17.18 40.86
N LYS D 325 -66.20 -16.37 40.26
CA LYS D 325 -66.24 -16.17 38.80
C LYS D 325 -65.15 -15.19 38.39
N ILE D 326 -63.93 -15.71 38.30
CA ILE D 326 -62.79 -14.88 37.93
C ILE D 326 -62.97 -14.38 36.50
N LYS D 327 -62.99 -13.06 36.35
CA LYS D 327 -63.16 -12.41 35.06
C LYS D 327 -62.12 -11.31 34.91
N ILE D 328 -61.52 -11.21 33.73
CA ILE D 328 -60.50 -10.21 33.45
C ILE D 328 -60.99 -9.30 32.32
N ILE D 329 -61.05 -8.00 32.61
CA ILE D 329 -61.43 -6.99 31.62
C ILE D 329 -60.12 -6.47 31.03
N ALA D 330 -59.69 -7.10 29.93
CA ALA D 330 -58.50 -6.70 29.19
C ALA D 330 -58.95 -6.32 27.77
N PRO D 331 -59.52 -5.15 27.59
CA PRO D 331 -60.06 -4.77 26.29
C PRO D 331 -58.96 -4.41 25.31
N PRO D 332 -59.29 -4.29 24.02
CA PRO D 332 -58.49 -3.49 23.09
C PRO D 332 -58.22 -2.07 23.59
N GLU D 333 -57.19 -1.44 23.04
CA GLU D 333 -56.67 -0.11 23.36
C GLU D 333 -56.31 0.05 24.84
N ARG D 334 -56.23 -1.05 25.60
CA ARG D 334 -55.84 -0.95 27.00
C ARG D 334 -54.44 -0.35 27.16
N LYS D 335 -53.65 -0.30 26.08
CA LYS D 335 -52.42 0.47 26.08
C LYS D 335 -52.67 1.97 26.30
N TYR D 336 -53.75 2.50 25.76
CA TYR D 336 -54.10 3.91 25.93
C TYR D 336 -55.13 4.18 27.01
N SER D 337 -55.54 3.17 27.77
CA SER D 337 -56.64 3.34 28.72
C SER D 337 -56.33 4.36 29.81
N VAL D 338 -55.07 4.50 30.22
CA VAL D 338 -54.73 5.51 31.21
C VAL D 338 -54.92 6.91 30.65
N TRP D 339 -54.53 7.12 29.39
CA TRP D 339 -54.79 8.42 28.77
C TRP D 339 -56.27 8.65 28.54
N ILE D 340 -57.00 7.65 28.05
CA ILE D 340 -58.44 7.82 27.84
C ILE D 340 -59.15 8.13 29.15
N GLY D 341 -58.73 7.48 30.24
CA GLY D 341 -59.25 7.83 31.55
C GLY D 341 -58.94 9.24 31.98
N GLY D 342 -57.74 9.73 31.66
CA GLY D 342 -57.45 11.13 31.90
C GLY D 342 -58.25 12.08 31.03
N SER D 343 -58.50 11.69 29.78
CA SER D 343 -59.33 12.49 28.88
C SER D 343 -60.77 12.58 29.36
N ILE D 344 -61.28 11.51 29.95
CA ILE D 344 -62.58 11.58 30.64
C ILE D 344 -62.49 12.48 31.86
N LEU D 345 -61.61 12.16 32.81
CA LEU D 345 -61.59 12.86 34.09
C LEU D 345 -61.37 14.36 33.92
N ALA D 346 -60.41 14.76 33.10
CA ALA D 346 -60.12 16.18 32.90
C ALA D 346 -61.30 16.94 32.28
N SER D 347 -62.20 16.25 31.59
CA SER D 347 -63.34 16.90 30.99
C SER D 347 -64.62 16.67 31.78
N LEU D 348 -64.54 15.94 32.89
CA LEU D 348 -65.69 15.75 33.76
C LEU D 348 -65.99 17.04 34.52
N SER D 349 -67.28 17.42 34.54
CA SER D 349 -67.65 18.71 35.12
C SER D 349 -67.48 18.71 36.64
N THR D 350 -67.59 17.54 37.27
CA THR D 350 -67.33 17.43 38.71
C THR D 350 -65.87 17.66 39.03
N PHE D 351 -64.97 17.38 38.10
CA PHE D 351 -63.54 17.48 38.35
C PHE D 351 -63.02 18.91 38.35
N GLN D 352 -63.76 19.87 37.79
CA GLN D 352 -63.26 21.24 37.69
C GLN D 352 -63.07 21.91 39.04
N GLN D 353 -63.60 21.32 40.11
CA GLN D 353 -63.26 21.75 41.47
C GLN D 353 -61.85 21.31 41.88
N MET D 354 -61.35 20.24 41.29
CA MET D 354 -60.21 19.50 41.82
C MET D 354 -58.85 20.07 41.40
N TRP D 355 -58.79 20.89 40.36
CA TRP D 355 -57.51 21.41 39.88
C TRP D 355 -56.76 22.11 41.02
N ILE D 356 -55.45 21.93 41.03
CA ILE D 356 -54.53 22.82 41.76
C ILE D 356 -54.46 24.14 41.01
N THR D 357 -55.07 25.19 41.55
CA THR D 357 -54.91 26.48 40.89
C THR D 357 -53.55 27.07 41.24
N LYS D 358 -53.06 27.94 40.36
CA LYS D 358 -51.78 28.61 40.61
C LYS D 358 -51.82 29.50 41.84
N GLN D 359 -52.99 30.05 42.18
CA GLN D 359 -53.13 30.77 43.45
C GLN D 359 -52.86 29.87 44.65
N GLU D 360 -53.37 28.64 44.64
CA GLU D 360 -53.07 27.71 45.72
C GLU D 360 -51.59 27.34 45.77
N TYR D 361 -50.92 27.25 44.63
CA TYR D 361 -49.49 27.00 44.64
C TYR D 361 -48.71 28.20 45.18
N ASP D 362 -49.10 29.41 44.78
CA ASP D 362 -48.47 30.62 45.32
C ASP D 362 -48.72 30.76 46.82
N GLU D 363 -49.81 30.20 47.33
CA GLU D 363 -50.04 30.22 48.77
C GLU D 363 -49.31 29.10 49.52
N ALA D 364 -49.18 27.91 48.94
CA ALA D 364 -48.78 26.73 49.71
C ALA D 364 -47.55 25.97 49.22
N GLY D 365 -46.92 26.39 48.12
CA GLY D 365 -45.75 25.73 47.61
C GLY D 365 -46.03 24.30 47.19
N PRO D 366 -44.97 23.55 46.87
CA PRO D 366 -45.13 22.16 46.43
C PRO D 366 -45.93 21.27 47.38
N SER D 367 -45.96 21.60 48.68
CA SER D 367 -46.69 20.77 49.64
C SER D 367 -48.18 20.68 49.35
N ILE D 368 -48.75 21.61 48.56
CA ILE D 368 -50.19 21.59 48.32
C ILE D 368 -50.63 20.31 47.62
N VAL D 369 -49.76 19.72 46.78
CA VAL D 369 -50.17 18.60 45.94
C VAL D 369 -50.25 17.29 46.71
N HIS D 370 -49.80 17.27 47.96
CA HIS D 370 -50.09 16.16 48.85
C HIS D 370 -51.44 16.32 49.55
N ARG D 371 -51.92 17.56 49.70
CA ARG D 371 -53.16 17.79 50.41
C ARG D 371 -54.38 17.54 49.52
N LYS D 372 -54.36 18.02 48.29
CA LYS D 372 -55.53 17.90 47.42
C LYS D 372 -55.56 16.58 46.66
N CYS D 373 -54.50 16.27 45.92
CA CYS D 373 -54.50 15.06 45.11
C CYS D 373 -54.40 13.82 45.99
N PHE D 374 -55.01 12.73 45.54
CA PHE D 374 -54.89 11.46 46.25
C PHE D 374 -53.49 10.86 46.02
N THR E 4 16.22 -43.07 -16.40
CA THR E 4 17.48 -42.60 -16.93
C THR E 4 17.91 -41.34 -16.16
N THR E 5 19.22 -41.16 -16.01
CA THR E 5 19.74 -40.04 -15.24
C THR E 5 19.36 -38.72 -15.91
N ALA E 6 18.86 -37.79 -15.10
CA ALA E 6 18.36 -36.53 -15.64
C ALA E 6 19.51 -35.69 -16.19
N LEU E 7 19.16 -34.64 -16.92
CA LEU E 7 20.13 -33.78 -17.59
C LEU E 7 19.85 -32.33 -17.22
N VAL E 8 20.90 -31.60 -16.86
CA VAL E 8 20.78 -30.22 -16.42
C VAL E 8 21.55 -29.35 -17.40
N CYS E 9 20.87 -28.37 -17.99
CA CYS E 9 21.45 -27.55 -19.05
C CYS E 9 21.12 -26.09 -18.72
N ASP E 10 22.06 -25.41 -18.06
CA ASP E 10 21.89 -24.01 -17.68
C ASP E 10 22.26 -23.14 -18.89
N ASN E 11 21.28 -22.98 -19.79
CA ASN E 11 21.38 -21.92 -20.79
C ASN E 11 21.21 -20.54 -20.18
N GLY E 12 22.06 -20.19 -19.22
CA GLY E 12 22.29 -18.81 -18.90
C GLY E 12 22.94 -18.07 -20.05
N SER E 13 23.18 -16.78 -19.81
CA SER E 13 23.90 -15.97 -20.78
C SER E 13 25.40 -16.22 -20.68
N GLY E 14 26.09 -16.06 -21.80
CA GLY E 14 27.53 -16.08 -21.85
C GLY E 14 28.16 -17.46 -21.82
N LEU E 15 27.90 -18.27 -20.79
CA LEU E 15 28.37 -19.65 -20.75
C LEU E 15 27.21 -20.60 -20.62
N VAL E 16 27.19 -21.64 -21.46
CA VAL E 16 26.43 -22.85 -21.18
C VAL E 16 27.15 -23.68 -20.13
N LYS E 17 26.42 -24.08 -19.09
CA LYS E 17 26.85 -25.13 -18.17
C LYS E 17 25.91 -26.31 -18.34
N ALA E 18 26.46 -27.47 -18.69
CA ALA E 18 25.65 -28.65 -18.90
C ALA E 18 26.35 -29.90 -18.37
N GLY E 19 25.55 -30.89 -18.00
CA GLY E 19 26.05 -32.15 -17.49
C GLY E 19 24.92 -32.95 -16.89
N PHE E 20 25.24 -34.21 -16.59
CA PHE E 20 24.22 -35.08 -16.02
C PHE E 20 23.92 -34.69 -14.58
N ALA E 21 22.68 -34.94 -14.15
CA ALA E 21 22.31 -34.65 -12.78
C ALA E 21 23.00 -35.61 -11.83
N GLY E 22 23.34 -35.11 -10.65
CA GLY E 22 24.09 -35.89 -9.68
C GLY E 22 25.60 -35.74 -9.79
N ASP E 23 26.10 -35.22 -10.90
CA ASP E 23 27.50 -34.87 -10.98
C ASP E 23 27.80 -33.62 -10.13
N ASP E 24 29.03 -33.56 -9.61
CA ASP E 24 29.44 -32.45 -8.76
C ASP E 24 29.75 -31.18 -9.55
N ALA E 25 30.01 -31.27 -10.85
CA ALA E 25 30.38 -30.09 -11.61
C ALA E 25 29.98 -30.28 -13.07
N PRO E 26 29.65 -29.21 -13.79
CA PRO E 26 29.22 -29.35 -15.19
C PRO E 26 30.39 -29.81 -16.05
N ARG E 27 30.19 -30.92 -16.78
CA ARG E 27 31.25 -31.47 -17.59
C ARG E 27 31.38 -30.81 -18.95
N ALA E 28 30.42 -29.96 -19.34
CA ALA E 28 30.57 -29.08 -20.50
C ALA E 28 30.34 -27.64 -20.08
N VAL E 29 31.40 -26.84 -20.09
CA VAL E 29 31.31 -25.39 -19.93
C VAL E 29 31.98 -24.74 -21.14
N PHE E 30 31.21 -23.96 -21.89
CA PHE E 30 31.70 -23.34 -23.12
C PHE E 30 30.86 -22.10 -23.38
N PRO E 31 31.39 -21.14 -24.15
CA PRO E 31 30.65 -19.90 -24.36
C PRO E 31 29.45 -20.08 -25.26
N SER E 32 28.36 -19.39 -24.92
CA SER E 32 27.11 -19.46 -25.67
C SER E 32 27.17 -18.57 -26.92
N ILE E 33 28.13 -18.87 -27.78
CA ILE E 33 28.45 -18.04 -28.94
C ILE E 33 28.18 -18.83 -30.20
N VAL E 34 27.60 -18.18 -31.20
CA VAL E 34 27.60 -18.65 -32.57
C VAL E 34 28.39 -17.66 -33.41
N GLY E 35 29.36 -18.16 -34.15
CA GLY E 35 30.18 -17.34 -35.03
C GLY E 35 30.05 -17.74 -36.48
N ARG E 36 29.95 -16.74 -37.36
CA ARG E 36 29.82 -17.00 -38.78
C ARG E 36 30.94 -16.29 -39.53
N PRO E 37 31.55 -16.95 -40.51
CA PRO E 37 32.72 -16.36 -41.18
C PRO E 37 32.49 -14.95 -41.69
N ARG E 38 33.42 -14.05 -41.36
CA ARG E 38 33.27 -12.65 -41.71
C ARG E 38 33.79 -12.36 -43.12
N HIS E 39 34.80 -13.09 -43.58
CA HIS E 39 35.56 -12.76 -44.77
C HIS E 39 35.24 -13.72 -45.92
N GLN E 40 35.96 -13.50 -47.02
CA GLN E 40 35.89 -14.33 -48.22
C GLN E 40 36.25 -15.79 -47.91
N GLY E 41 35.94 -16.66 -48.87
CA GLY E 41 36.07 -18.11 -48.77
C GLY E 41 37.22 -18.62 -49.63
N VAL E 42 38.35 -17.91 -49.59
CA VAL E 42 39.37 -17.99 -50.64
C VAL E 42 39.84 -19.42 -50.86
N MET E 43 40.00 -20.20 -49.79
CA MET E 43 40.78 -21.44 -49.85
C MET E 43 39.85 -22.66 -49.84
N VAL E 44 39.59 -23.18 -51.04
CA VAL E 44 38.84 -24.41 -51.25
C VAL E 44 39.69 -25.59 -50.80
N GLY E 45 39.12 -26.79 -50.86
CA GLY E 45 39.74 -27.95 -50.24
C GLY E 45 39.50 -28.06 -48.76
N MET E 46 38.58 -27.29 -48.22
CA MET E 46 38.16 -27.38 -46.82
C MET E 46 36.65 -27.24 -46.76
N GLY E 47 36.07 -27.74 -45.67
CA GLY E 47 34.63 -27.60 -45.49
C GLY E 47 34.21 -26.15 -45.33
N GLN E 48 35.07 -25.33 -44.73
CA GLN E 48 34.80 -23.90 -44.52
C GLN E 48 33.43 -23.66 -43.92
N LYS E 49 33.03 -24.55 -42.99
CA LYS E 49 31.63 -24.75 -42.67
C LYS E 49 30.97 -23.45 -42.21
N ASP E 50 29.66 -23.37 -42.46
CA ASP E 50 28.91 -22.12 -42.35
C ASP E 50 28.91 -21.53 -40.95
N SER E 51 29.09 -22.35 -39.92
CA SER E 51 28.91 -21.86 -38.56
C SER E 51 29.79 -22.62 -37.60
N TYR E 52 30.25 -21.92 -36.56
CA TYR E 52 31.07 -22.48 -35.49
C TYR E 52 30.48 -22.02 -34.17
N VAL E 53 30.48 -22.91 -33.18
CA VAL E 53 29.87 -22.62 -31.88
C VAL E 53 30.82 -23.01 -30.77
N GLY E 54 30.71 -22.30 -29.64
CA GLY E 54 31.51 -22.57 -28.45
C GLY E 54 33.01 -22.39 -28.62
N ASP E 55 33.75 -23.38 -28.10
CA ASP E 55 35.20 -23.34 -28.22
C ASP E 55 35.67 -23.35 -29.67
N GLU E 56 34.87 -23.90 -30.59
CA GLU E 56 35.18 -23.75 -32.01
C GLU E 56 35.27 -22.27 -32.36
N ALA E 57 34.27 -21.49 -31.93
CA ALA E 57 34.20 -20.08 -32.26
C ALA E 57 35.30 -19.29 -31.56
N GLN E 58 35.64 -19.66 -30.32
CA GLN E 58 36.77 -19.03 -29.65
C GLN E 58 38.10 -19.36 -30.34
N SER E 59 38.28 -20.61 -30.79
CA SER E 59 39.49 -21.01 -31.49
C SER E 59 39.62 -20.34 -32.85
N LYS E 60 38.52 -19.81 -33.40
CA LYS E 60 38.52 -19.14 -34.69
C LYS E 60 38.17 -17.66 -34.55
N ARG E 61 38.20 -17.15 -33.32
CA ARG E 61 37.63 -15.86 -32.93
C ARG E 61 37.87 -14.75 -33.94
N GLY E 62 39.11 -14.61 -34.40
CA GLY E 62 39.48 -13.47 -35.22
C GLY E 62 39.08 -13.50 -36.67
N ILE E 63 38.31 -14.49 -37.11
CA ILE E 63 37.73 -14.46 -38.45
C ILE E 63 36.21 -14.58 -38.42
N LEU E 64 35.61 -14.56 -37.24
CA LEU E 64 34.17 -14.75 -37.10
C LEU E 64 33.54 -13.48 -36.51
N THR E 65 32.35 -13.15 -37.01
CA THR E 65 31.46 -12.21 -36.32
C THR E 65 30.73 -12.96 -35.22
N LEU E 66 31.28 -12.92 -34.01
CA LEU E 66 30.64 -13.58 -32.88
C LEU E 66 29.35 -12.87 -32.51
N LYS E 67 28.33 -13.67 -32.15
CA LYS E 67 27.07 -13.15 -31.65
C LYS E 67 26.58 -14.05 -30.52
N TYR E 68 25.93 -13.43 -29.53
CA TYR E 68 25.26 -14.19 -28.48
C TYR E 68 23.76 -14.22 -28.77
N PRO E 69 23.15 -15.40 -28.89
CA PRO E 69 21.73 -15.46 -29.21
C PRO E 69 20.82 -15.31 -28.01
N ILE E 70 21.37 -15.25 -26.81
CA ILE E 70 20.62 -14.96 -25.59
C ILE E 70 21.17 -13.68 -24.98
N GLU E 71 20.30 -12.69 -24.82
CA GLU E 71 20.74 -11.35 -24.43
C GLU E 71 19.84 -10.81 -23.32
N GLY E 73 19.34 -12.41 -20.57
CA GLY E 73 18.57 -13.59 -20.21
C GLY E 73 17.43 -13.94 -21.14
N ILE E 74 17.25 -13.17 -22.20
CA ILE E 74 16.18 -13.39 -23.17
C ILE E 74 16.81 -13.97 -24.42
N ILE E 75 16.26 -15.07 -24.92
CA ILE E 75 16.71 -15.67 -26.17
C ILE E 75 16.17 -14.83 -27.33
N THR E 76 17.06 -14.14 -28.03
CA THR E 76 16.69 -13.28 -29.13
C THR E 76 16.74 -13.97 -30.50
N ASN E 77 17.39 -15.13 -30.59
CA ASN E 77 17.81 -15.68 -31.89
C ASN E 77 17.67 -17.20 -31.80
N TRP E 78 16.43 -17.66 -31.96
CA TRP E 78 16.11 -19.08 -31.78
C TRP E 78 16.81 -19.97 -32.79
N ASP E 79 17.05 -19.48 -34.01
CA ASP E 79 17.74 -20.27 -35.02
C ASP E 79 19.16 -20.62 -34.60
N ASP E 80 19.84 -19.72 -33.88
CA ASP E 80 21.18 -19.99 -33.36
C ASP E 80 21.16 -20.66 -31.99
N MET E 81 20.17 -20.34 -31.15
CA MET E 81 20.03 -21.05 -29.89
C MET E 81 19.80 -22.54 -30.11
N GLU E 82 18.99 -22.90 -31.12
CA GLU E 82 18.81 -24.30 -31.44
C GLU E 82 20.10 -24.96 -31.89
N LYS E 83 21.02 -24.18 -32.46
CA LYS E 83 22.36 -24.68 -32.75
C LYS E 83 23.17 -24.89 -31.46
N ILE E 84 23.01 -23.98 -30.50
CA ILE E 84 23.73 -24.13 -29.24
C ILE E 84 23.23 -25.35 -28.47
N TRP E 85 21.91 -25.57 -28.44
CA TRP E 85 21.40 -26.80 -27.83
C TRP E 85 21.83 -28.05 -28.59
N HIS E 86 21.79 -28.04 -29.92
CA HIS E 86 22.30 -29.17 -30.68
C HIS E 86 23.76 -29.46 -30.33
N HIS E 87 24.60 -28.43 -30.31
CA HIS E 87 26.00 -28.61 -29.94
C HIS E 87 26.15 -29.15 -28.53
N THR E 88 25.38 -28.60 -27.59
CA THR E 88 25.42 -29.03 -26.20
C THR E 88 25.13 -30.52 -26.06
N PHE E 89 24.06 -30.97 -26.70
CA PHE E 89 23.67 -32.37 -26.53
C PHE E 89 24.56 -33.32 -27.34
N TYR E 90 24.74 -33.06 -28.63
CA TYR E 90 25.39 -34.04 -29.49
C TYR E 90 26.91 -33.95 -29.53
N ASN E 91 27.53 -32.78 -29.39
CA ASN E 91 28.97 -32.66 -29.52
C ASN E 91 29.70 -32.61 -28.18
N GLU E 92 29.16 -31.89 -27.20
CA GLU E 92 29.81 -31.78 -25.90
C GLU E 92 29.43 -32.94 -24.98
N LEU E 93 28.14 -33.07 -24.67
CA LEU E 93 27.70 -34.17 -23.82
C LEU E 93 27.60 -35.50 -24.58
N ARG E 94 27.51 -35.45 -25.91
CA ARG E 94 27.51 -36.67 -26.74
C ARG E 94 26.42 -37.64 -26.32
N VAL E 95 25.18 -37.15 -26.28
CA VAL E 95 24.04 -37.89 -25.74
C VAL E 95 22.81 -37.54 -26.55
N ALA E 96 21.90 -38.50 -26.68
CA ALA E 96 20.67 -38.30 -27.44
C ALA E 96 19.58 -37.84 -26.49
N PRO E 97 19.07 -36.62 -26.62
CA PRO E 97 18.16 -36.08 -25.60
C PRO E 97 16.86 -36.85 -25.46
N GLU E 98 16.45 -37.62 -26.47
CA GLU E 98 15.21 -38.40 -26.37
C GLU E 98 15.25 -39.49 -25.31
N GLU E 99 16.36 -39.67 -24.59
CA GLU E 99 16.39 -40.57 -23.44
C GLU E 99 16.51 -39.85 -22.11
N HIS E 100 16.83 -38.55 -22.11
CA HIS E 100 17.23 -37.85 -20.89
C HIS E 100 16.33 -36.65 -20.60
N PRO E 101 15.53 -36.68 -19.55
CA PRO E 101 14.72 -35.51 -19.21
C PRO E 101 15.63 -34.35 -18.82
N THR E 102 15.35 -33.18 -19.39
CA THR E 102 16.27 -32.05 -19.35
C THR E 102 15.69 -30.96 -18.45
N LEU E 103 16.42 -30.62 -17.40
CA LEU E 103 16.13 -29.47 -16.56
C LEU E 103 16.80 -28.24 -17.18
N LEU E 104 16.01 -27.42 -17.86
CA LEU E 104 16.44 -26.09 -18.21
C LEU E 104 16.28 -25.15 -17.02
N THR E 105 16.81 -23.94 -17.16
CA THR E 105 16.58 -22.90 -16.16
C THR E 105 16.69 -21.54 -16.83
N GLU E 106 16.01 -20.55 -16.25
CA GLU E 106 16.01 -19.19 -16.77
C GLU E 106 15.88 -18.22 -15.61
N ALA E 107 16.19 -16.95 -15.89
CA ALA E 107 16.03 -15.90 -14.92
C ALA E 107 14.55 -15.63 -14.66
N PRO E 108 14.22 -15.08 -13.50
CA PRO E 108 12.83 -14.69 -13.21
C PRO E 108 12.47 -13.39 -13.92
N LEU E 109 11.18 -13.08 -13.91
CA LEU E 109 10.63 -11.89 -14.56
C LEU E 109 11.09 -11.82 -16.03
N ASN E 110 10.74 -12.85 -16.78
CA ASN E 110 11.27 -13.08 -18.11
C ASN E 110 10.12 -13.42 -19.05
N PRO E 111 10.15 -12.93 -20.28
CA PRO E 111 9.00 -13.09 -21.18
C PRO E 111 8.54 -14.54 -21.32
N LYS E 112 7.24 -14.75 -21.16
CA LYS E 112 6.65 -16.08 -21.26
C LYS E 112 6.82 -16.70 -22.65
N ALA E 113 7.01 -15.86 -23.67
CA ALA E 113 7.36 -16.38 -25.00
C ALA E 113 8.65 -17.19 -24.99
N ASN E 114 9.60 -16.83 -24.14
CA ASN E 114 10.84 -17.61 -24.07
C ASN E 114 10.57 -19.01 -23.51
N ARG E 115 9.95 -19.08 -22.35
CA ARG E 115 9.62 -20.36 -21.73
C ARG E 115 8.76 -21.25 -22.64
N GLU E 116 7.85 -20.63 -23.41
CA GLU E 116 7.09 -21.38 -24.40
C GLU E 116 7.93 -21.87 -25.57
N LYS E 117 8.80 -21.02 -26.12
CA LYS E 117 9.61 -21.49 -27.25
C LYS E 117 10.63 -22.55 -26.82
N MET E 118 11.22 -22.39 -25.64
CA MET E 118 12.06 -23.46 -25.08
C MET E 118 11.28 -24.77 -24.93
N THR E 119 10.02 -24.69 -24.50
CA THR E 119 9.20 -25.89 -24.40
C THR E 119 8.95 -26.52 -25.77
N GLN E 120 8.53 -25.70 -26.74
CA GLN E 120 8.33 -26.19 -28.10
C GLN E 120 9.58 -26.85 -28.65
N ILE E 121 10.73 -26.21 -28.49
CA ILE E 121 11.97 -26.72 -29.07
C ILE E 121 12.38 -28.03 -28.39
N MET E 122 12.31 -28.08 -27.06
CA MET E 122 12.70 -29.29 -26.35
C MET E 122 11.80 -30.47 -26.69
N PHE E 123 10.48 -30.25 -26.75
CA PHE E 123 9.56 -31.35 -27.01
C PHE E 123 9.39 -31.71 -28.48
N GLU E 124 9.66 -30.81 -29.43
CA GLU E 124 9.43 -31.10 -30.83
C GLU E 124 10.68 -31.21 -31.68
N THR E 125 11.77 -30.50 -31.34
CA THR E 125 13.03 -30.76 -32.01
C THR E 125 13.80 -31.91 -31.36
N PHE E 126 13.95 -31.89 -30.04
CA PHE E 126 14.77 -32.88 -29.37
C PHE E 126 13.97 -34.03 -28.78
N ASN E 127 12.63 -33.98 -28.86
CA ASN E 127 11.76 -35.08 -28.46
C ASN E 127 12.00 -35.53 -27.01
N VAL E 128 12.54 -34.65 -26.17
CA VAL E 128 13.00 -35.07 -24.84
C VAL E 128 11.83 -35.66 -24.05
N PRO E 129 12.06 -36.67 -23.21
CA PRO E 129 10.95 -37.27 -22.46
C PRO E 129 10.24 -36.31 -21.53
N ALA E 130 10.98 -35.40 -20.90
CA ALA E 130 10.39 -34.43 -19.98
C ALA E 130 11.34 -33.25 -19.80
N MET E 131 10.81 -32.18 -19.23
CA MET E 131 11.50 -30.90 -19.20
C MET E 131 11.01 -30.14 -17.97
N TYR E 132 11.84 -29.20 -17.50
CA TYR E 132 11.42 -28.27 -16.47
C TYR E 132 12.23 -26.98 -16.60
N VAL E 133 11.69 -25.88 -16.06
CA VAL E 133 12.35 -24.59 -16.20
C VAL E 133 12.41 -23.89 -14.84
N ALA E 134 13.40 -24.27 -14.03
CA ALA E 134 13.57 -23.71 -12.71
C ALA E 134 14.12 -22.28 -12.77
N ILE E 135 13.73 -21.46 -11.78
CA ILE E 135 14.33 -20.15 -11.61
C ILE E 135 15.75 -20.28 -11.08
N GLN E 136 16.69 -19.61 -11.72
CA GLN E 136 18.11 -19.78 -11.43
C GLN E 136 18.42 -19.50 -9.95
N ALA E 137 17.80 -18.47 -9.38
CA ALA E 137 18.05 -18.14 -7.99
C ALA E 137 17.52 -19.20 -7.04
N VAL E 138 16.41 -19.85 -7.39
CA VAL E 138 15.90 -20.93 -6.56
C VAL E 138 16.90 -22.10 -6.56
N LEU E 139 17.47 -22.40 -7.72
CA LEU E 139 18.53 -23.39 -7.82
C LEU E 139 19.74 -23.02 -6.96
N SER E 140 20.09 -21.73 -6.92
CA SER E 140 21.26 -21.30 -6.18
C SER E 140 21.19 -21.55 -4.67
N LEU E 141 20.00 -21.69 -4.10
CA LEU E 141 19.91 -22.11 -2.70
C LEU E 141 20.38 -23.55 -2.50
N TYR E 142 19.91 -24.47 -3.34
CA TYR E 142 20.27 -25.87 -3.18
C TYR E 142 21.78 -26.08 -3.14
N ALA E 143 22.53 -25.38 -3.99
CA ALA E 143 23.98 -25.52 -3.97
C ALA E 143 24.61 -25.03 -2.68
N SER E 144 23.95 -24.15 -1.93
CA SER E 144 24.47 -23.73 -0.64
C SER E 144 23.97 -24.59 0.52
N GLY E 145 22.85 -25.27 0.36
CA GLY E 145 22.22 -25.99 1.45
C GLY E 145 21.28 -25.17 2.31
N ARG E 146 21.06 -23.91 1.97
CA ARG E 146 20.09 -23.09 2.68
C ARG E 146 18.67 -23.56 2.38
N THR E 147 17.76 -23.27 3.30
CA THR E 147 16.34 -23.23 2.99
C THR E 147 15.79 -21.81 3.00
N THR E 148 16.52 -20.85 3.54
CA THR E 148 16.04 -19.50 3.74
C THR E 148 17.12 -18.52 3.35
N GLY E 149 16.75 -17.47 2.62
CA GLY E 149 17.71 -16.45 2.26
C GLY E 149 17.22 -15.60 1.13
N ILE E 150 17.82 -14.42 1.03
CA ILE E 150 17.89 -13.72 -0.24
C ILE E 150 18.95 -14.42 -1.10
N VAL E 151 18.62 -14.68 -2.35
CA VAL E 151 19.62 -14.99 -3.37
C VAL E 151 19.86 -13.78 -4.25
N LEU E 152 21.13 -13.42 -4.41
CA LEU E 152 21.56 -12.47 -5.42
C LEU E 152 22.32 -13.25 -6.48
N ASP E 153 21.70 -13.42 -7.64
CA ASP E 153 22.37 -13.98 -8.81
C ASP E 153 22.77 -12.86 -9.76
N SER E 154 24.02 -12.88 -10.20
CA SER E 154 24.55 -11.84 -11.09
C SER E 154 25.33 -12.54 -12.20
N GLY E 155 24.72 -12.65 -13.37
CA GLY E 155 25.24 -13.46 -14.44
C GLY E 155 26.04 -12.68 -15.46
N ASP E 156 25.99 -13.14 -16.71
CA ASP E 156 26.51 -12.38 -17.84
C ASP E 156 25.52 -11.35 -18.36
N GLY E 157 24.23 -11.69 -18.35
CA GLY E 157 23.23 -10.84 -18.96
C GLY E 157 22.26 -10.16 -18.00
N VAL E 158 21.97 -10.79 -16.87
CA VAL E 158 21.01 -10.24 -15.91
C VAL E 158 21.51 -10.45 -14.50
N THR E 159 21.02 -9.61 -13.60
CA THR E 159 21.21 -9.72 -12.17
C THR E 159 19.84 -9.66 -11.52
N HIS E 160 19.57 -10.56 -10.57
CA HIS E 160 18.27 -10.59 -9.93
C HIS E 160 18.38 -11.01 -8.48
N ASN E 161 17.47 -10.47 -7.67
CA ASN E 161 17.36 -10.77 -6.24
C ASN E 161 16.07 -11.54 -6.00
N VAL E 162 16.17 -12.67 -5.31
CA VAL E 162 15.00 -13.46 -4.94
C VAL E 162 15.07 -13.85 -3.47
N PRO E 163 14.27 -13.22 -2.61
CA PRO E 163 14.18 -13.64 -1.21
C PRO E 163 13.30 -14.86 -1.01
N ILE E 164 13.75 -15.76 -0.14
CA ILE E 164 13.11 -17.06 0.09
C ILE E 164 13.17 -17.34 1.59
N TYR E 165 12.12 -17.96 2.14
CA TYR E 165 12.03 -18.23 3.57
C TYR E 165 11.39 -19.59 3.81
N GLU E 166 12.22 -20.58 4.17
CA GLU E 166 11.80 -21.96 4.41
C GLU E 166 11.07 -22.54 3.20
N GLY E 167 11.44 -22.09 2.01
CA GLY E 167 10.56 -22.18 0.87
C GLY E 167 9.95 -20.84 0.56
N TYR E 168 8.78 -20.84 -0.07
CA TYR E 168 7.90 -19.67 -0.14
C TYR E 168 8.67 -18.44 -0.61
N ALA E 169 9.18 -18.50 -1.84
CA ALA E 169 9.69 -17.30 -2.49
C ALA E 169 8.63 -16.21 -2.53
N LEU E 170 9.02 -15.00 -2.18
CA LEU E 170 8.13 -13.85 -2.16
C LEU E 170 8.11 -13.13 -3.51
N PRO E 171 7.13 -13.43 -4.37
CA PRO E 171 7.26 -13.04 -5.77
C PRO E 171 7.19 -11.54 -6.00
N HIS E 172 6.52 -10.80 -5.11
CA HIS E 172 6.48 -9.35 -5.18
C HIS E 172 7.82 -8.70 -4.83
N ALA E 173 8.66 -9.36 -4.05
CA ALA E 173 9.95 -8.81 -3.67
C ALA E 173 11.09 -9.19 -4.61
N ILE E 174 10.85 -10.06 -5.60
CA ILE E 174 11.84 -10.30 -6.63
C ILE E 174 12.14 -9.00 -7.37
N MET E 175 13.42 -8.79 -7.67
CA MET E 175 13.88 -7.68 -8.50
C MET E 175 14.89 -8.19 -9.52
N ARG E 176 14.85 -7.63 -10.72
CA ARG E 176 15.80 -7.95 -11.79
C ARG E 176 16.32 -6.67 -12.41
N LEU E 177 17.64 -6.62 -12.68
CA LEU E 177 18.33 -5.37 -12.88
C LEU E 177 18.77 -5.11 -14.31
N ASP E 178 18.85 -6.13 -15.17
CA ASP E 178 19.34 -6.02 -16.54
C ASP E 178 20.76 -5.45 -16.63
N LEU E 179 21.52 -5.47 -15.54
CA LEU E 179 22.92 -5.03 -15.52
C LEU E 179 23.80 -6.18 -15.10
N ALA E 180 24.75 -6.55 -15.96
CA ALA E 180 25.63 -7.67 -15.65
C ALA E 180 26.90 -7.60 -16.48
N GLY E 181 27.60 -8.74 -16.57
CA GLY E 181 28.93 -8.80 -17.15
C GLY E 181 29.12 -8.25 -18.55
N ARG E 182 28.08 -8.24 -19.38
CA ARG E 182 28.22 -7.58 -20.68
C ARG E 182 28.28 -6.06 -20.55
N ASP E 183 27.45 -5.48 -19.69
CA ASP E 183 27.52 -4.05 -19.44
C ASP E 183 28.84 -3.65 -18.79
N LEU E 184 29.38 -4.53 -17.94
CA LEU E 184 30.72 -4.34 -17.38
C LEU E 184 31.81 -4.43 -18.44
N THR E 185 31.69 -5.38 -19.36
CA THR E 185 32.65 -5.46 -20.46
C THR E 185 32.62 -4.22 -21.33
N ASP E 186 31.43 -3.78 -21.73
CA ASP E 186 31.31 -2.61 -22.59
C ASP E 186 31.79 -1.33 -21.90
N TYR E 187 31.51 -1.18 -20.60
CA TYR E 187 32.07 -0.04 -19.88
C TYR E 187 33.58 -0.13 -19.72
N LEU E 188 34.12 -1.34 -19.50
CA LEU E 188 35.57 -1.50 -19.49
C LEU E 188 36.20 -1.12 -20.82
N MET E 189 35.55 -1.49 -21.93
CA MET E 189 36.00 -1.04 -23.25
C MET E 189 35.97 0.48 -23.38
N LYS E 190 34.89 1.10 -22.91
CA LYS E 190 34.76 2.55 -22.97
C LYS E 190 35.83 3.26 -22.16
N ILE E 191 36.17 2.74 -20.98
CA ILE E 191 37.22 3.39 -20.20
C ILE E 191 38.63 3.01 -20.65
N LEU E 192 38.84 1.80 -21.20
CA LEU E 192 40.13 1.51 -21.80
C LEU E 192 40.40 2.38 -23.02
N THR E 193 39.34 2.87 -23.66
CA THR E 193 39.51 3.88 -24.71
C THR E 193 40.14 5.17 -24.16
N GLU E 194 39.98 5.45 -22.87
CA GLU E 194 40.55 6.67 -22.28
C GLU E 194 42.07 6.73 -22.33
N ARG E 195 42.77 5.60 -22.45
CA ARG E 195 44.20 5.65 -22.74
C ARG E 195 44.57 4.97 -24.05
N GLY E 196 43.60 4.77 -24.94
CA GLY E 196 43.86 4.48 -26.33
C GLY E 196 43.96 3.03 -26.74
N TYR E 197 43.58 2.08 -25.89
CA TYR E 197 43.43 0.69 -26.32
C TYR E 197 42.06 0.59 -26.97
N SER E 198 42.00 0.89 -28.27
CA SER E 198 40.75 0.82 -29.01
C SER E 198 40.36 -0.63 -29.26
N PHE E 199 39.33 -1.09 -28.55
CA PHE E 199 38.70 -2.38 -28.79
C PHE E 199 37.30 -2.14 -29.31
N VAL E 200 36.97 -2.74 -30.47
CA VAL E 200 35.73 -2.44 -31.16
C VAL E 200 35.11 -3.70 -31.77
N THR E 201 35.95 -4.62 -32.24
CA THR E 201 35.43 -5.89 -32.75
C THR E 201 34.92 -6.77 -31.62
N THR E 202 34.09 -7.75 -31.99
CA THR E 202 33.59 -8.71 -31.01
C THR E 202 34.70 -9.62 -30.51
N ALA E 203 35.70 -9.91 -31.34
CA ALA E 203 36.92 -10.55 -30.87
C ALA E 203 37.58 -9.73 -29.77
N GLU E 204 37.62 -8.41 -29.94
CA GLU E 204 38.18 -7.57 -28.89
C GLU E 204 37.26 -7.50 -27.68
N ARG E 205 35.94 -7.48 -27.89
CA ARG E 205 35.02 -7.63 -26.76
C ARG E 205 35.31 -8.90 -25.97
N GLU E 206 35.61 -10.00 -26.68
CA GLU E 206 35.93 -11.27 -26.04
C GLU E 206 37.30 -11.28 -25.38
N ILE E 207 38.19 -10.37 -25.78
CA ILE E 207 39.46 -10.22 -25.07
C ILE E 207 39.29 -9.33 -23.83
N VAL E 208 38.51 -8.27 -23.95
CA VAL E 208 38.23 -7.43 -22.80
C VAL E 208 37.43 -8.17 -21.73
N ARG E 209 36.61 -9.17 -22.12
CA ARG E 209 36.04 -10.06 -21.11
C ARG E 209 37.12 -10.80 -20.33
N ASP E 210 38.20 -11.22 -20.99
CA ASP E 210 39.29 -11.88 -20.29
C ASP E 210 40.06 -10.91 -19.40
N ILE E 211 40.30 -9.70 -19.91
CA ILE E 211 40.95 -8.68 -19.10
C ILE E 211 40.14 -8.39 -17.84
N LYS E 212 38.82 -8.27 -18.00
CA LYS E 212 37.91 -8.09 -16.88
C LYS E 212 38.02 -9.24 -15.88
N GLU E 213 38.05 -10.48 -16.35
CA GLU E 213 38.12 -11.61 -15.43
C GLU E 213 39.48 -11.69 -14.73
N LYS E 214 40.56 -11.41 -15.45
CA LYS E 214 41.89 -11.57 -14.87
C LYS E 214 42.28 -10.44 -13.93
N LEU E 215 42.05 -9.19 -14.31
CA LEU E 215 42.61 -8.05 -13.58
C LEU E 215 41.64 -7.38 -12.63
N CYS E 216 40.36 -7.25 -12.99
CA CYS E 216 39.49 -6.34 -12.24
C CYS E 216 39.19 -6.87 -10.85
N TYR E 217 38.90 -5.94 -9.94
CA TYR E 217 38.47 -6.23 -8.58
C TYR E 217 37.59 -5.08 -8.11
N VAL E 218 36.82 -5.31 -7.05
CA VAL E 218 35.91 -4.31 -6.51
C VAL E 218 36.59 -3.58 -5.35
N ALA E 219 36.67 -2.27 -5.45
CA ALA E 219 37.25 -1.44 -4.41
C ALA E 219 36.42 -1.49 -3.13
N LEU E 220 37.10 -1.57 -1.98
CA LEU E 220 36.40 -1.55 -0.70
C LEU E 220 35.90 -0.15 -0.35
N ASP E 221 36.60 0.89 -0.83
CA ASP E 221 36.32 2.29 -0.48
C ASP E 221 36.68 3.14 -1.70
N PHE E 222 35.72 3.25 -2.63
CA PHE E 222 36.02 3.63 -4.00
C PHE E 222 36.73 4.97 -4.08
N GLU E 223 36.31 5.95 -3.28
CA GLU E 223 36.96 7.26 -3.31
C GLU E 223 38.43 7.18 -2.92
N ASN E 224 38.76 6.40 -1.89
CA ASN E 224 40.14 6.26 -1.46
C ASN E 224 40.98 5.39 -2.40
N GLU E 225 40.38 4.37 -3.00
CA GLU E 225 41.10 3.60 -4.02
C GLU E 225 41.36 4.44 -5.26
N MET E 226 40.38 5.23 -5.69
CA MET E 226 40.58 6.15 -6.80
C MET E 226 41.67 7.18 -6.50
N ALA E 227 41.69 7.73 -5.29
CA ALA E 227 42.77 8.63 -4.92
C ALA E 227 44.13 7.93 -4.85
N THR E 228 44.16 6.68 -4.40
CA THR E 228 45.42 5.95 -4.38
C THR E 228 45.95 5.64 -5.78
N ALA E 229 45.06 5.20 -6.68
CA ALA E 229 45.45 5.00 -8.08
C ALA E 229 45.83 6.30 -8.77
N ALA E 230 45.28 7.44 -8.32
CA ALA E 230 45.71 8.72 -8.86
C ALA E 230 47.06 9.13 -8.31
N SER E 231 47.34 8.83 -7.05
CA SER E 231 48.59 9.24 -6.42
C SER E 231 49.74 8.27 -6.67
N SER E 232 49.47 6.99 -6.92
CA SER E 232 50.56 6.03 -7.08
C SER E 232 50.20 4.97 -8.11
N SER E 233 51.23 4.44 -8.77
CA SER E 233 51.13 3.39 -9.78
C SER E 233 51.04 2.00 -9.17
N SER E 234 51.01 1.89 -7.84
CA SER E 234 51.04 0.59 -7.17
C SER E 234 49.87 -0.30 -7.56
N LEU E 235 48.73 0.30 -7.92
CA LEU E 235 47.56 -0.45 -8.35
C LEU E 235 47.60 -0.85 -9.82
N GLU E 236 48.56 -0.36 -10.60
CA GLU E 236 48.62 -0.73 -12.00
C GLU E 236 49.11 -2.16 -12.19
N LYS E 237 48.52 -2.84 -13.17
CA LYS E 237 48.89 -4.20 -13.56
C LYS E 237 49.05 -4.23 -15.07
N SER E 238 49.96 -5.08 -15.54
CA SER E 238 50.19 -5.26 -16.96
C SER E 238 49.64 -6.61 -17.44
N TYR E 239 49.07 -6.60 -18.63
CA TYR E 239 48.44 -7.76 -19.24
C TYR E 239 48.93 -7.85 -20.68
N GLU E 240 49.00 -9.07 -21.21
CA GLU E 240 49.57 -9.31 -22.53
C GLU E 240 48.49 -9.79 -23.49
N LEU E 241 48.22 -8.97 -24.51
CA LEU E 241 47.21 -9.28 -25.51
C LEU E 241 47.63 -10.49 -26.35
N PRO E 242 46.69 -11.10 -27.07
CA PRO E 242 47.02 -12.30 -27.86
C PRO E 242 48.17 -12.10 -28.84
N ASP E 243 48.43 -10.88 -29.29
CA ASP E 243 49.56 -10.61 -30.17
C ASP E 243 50.82 -10.16 -29.43
N GLY E 244 50.84 -10.29 -28.11
CA GLY E 244 51.99 -9.89 -27.32
C GLY E 244 52.13 -8.40 -27.04
N GLN E 245 51.22 -7.57 -27.53
CA GLN E 245 51.18 -6.18 -27.09
C GLN E 245 50.81 -6.10 -25.61
N VAL E 246 51.69 -5.50 -24.82
CA VAL E 246 51.41 -5.24 -23.41
C VAL E 246 50.51 -4.01 -23.30
N ILE E 247 49.52 -4.10 -22.42
CA ILE E 247 48.70 -2.99 -21.98
C ILE E 247 48.89 -2.81 -20.48
N THR E 248 48.69 -1.57 -20.01
CA THR E 248 48.72 -1.29 -18.58
C THR E 248 47.43 -0.59 -18.17
N ILE E 249 46.92 -0.98 -17.01
CA ILE E 249 45.59 -0.63 -16.53
C ILE E 249 45.71 -0.14 -15.10
N GLY E 250 44.92 0.87 -14.74
CA GLY E 250 45.06 1.50 -13.45
C GLY E 250 43.73 1.66 -12.73
N ASN E 251 43.24 2.89 -12.59
CA ASN E 251 41.93 3.07 -11.95
C ASN E 251 40.80 2.41 -12.71
N GLU E 252 41.00 2.10 -13.99
CA GLU E 252 40.01 1.31 -14.74
C GLU E 252 39.78 -0.06 -14.11
N ARG E 253 40.78 -0.57 -13.40
CA ARG E 253 40.76 -1.91 -12.83
C ARG E 253 39.64 -2.09 -11.82
N PHE E 254 39.30 -1.04 -11.07
CA PHE E 254 38.19 -1.12 -10.14
C PHE E 254 37.03 -0.21 -10.52
N ARG E 255 37.27 0.81 -11.35
CA ARG E 255 36.16 1.57 -11.91
C ARG E 255 35.23 0.69 -12.74
N CYS E 256 35.75 -0.34 -13.40
CA CYS E 256 34.87 -1.24 -14.16
C CYS E 256 33.83 -1.94 -13.28
N PRO E 257 34.18 -2.78 -12.31
CA PRO E 257 33.15 -3.44 -11.50
C PRO E 257 32.44 -2.55 -10.50
N GLU E 258 33.00 -1.38 -10.19
CA GLU E 258 32.28 -0.39 -9.38
C GLU E 258 30.92 -0.02 -9.95
N THR E 259 30.74 -0.10 -11.27
CA THR E 259 29.46 0.23 -11.88
C THR E 259 28.31 -0.66 -11.40
N LEU E 260 28.62 -1.83 -10.83
CA LEU E 260 27.57 -2.59 -10.15
C LEU E 260 26.98 -1.83 -8.98
N PHE E 261 27.84 -1.12 -8.23
CA PHE E 261 27.40 -0.33 -7.10
C PHE E 261 26.98 1.10 -7.48
N GLN E 262 27.42 1.60 -8.63
CA GLN E 262 27.05 2.92 -9.13
C GLN E 262 26.63 2.81 -10.59
N PRO E 263 25.43 2.29 -10.86
CA PRO E 263 24.98 2.09 -12.25
C PRO E 263 24.95 3.37 -13.08
N SER E 264 24.84 4.53 -12.44
CA SER E 264 24.87 5.80 -13.16
C SER E 264 26.14 6.00 -13.98
N PHE E 265 27.21 5.25 -13.70
CA PHE E 265 28.39 5.31 -14.54
C PHE E 265 28.10 4.87 -15.97
N ILE E 266 27.21 3.88 -16.15
CA ILE E 266 26.79 3.47 -17.49
C ILE E 266 25.49 4.13 -17.89
N GLY E 267 25.08 5.18 -17.18
CA GLY E 267 23.82 5.84 -17.42
C GLY E 267 22.59 5.07 -16.98
N MET E 268 22.75 3.88 -16.42
CA MET E 268 21.63 3.14 -15.85
C MET E 268 21.10 3.89 -14.63
N GLU E 269 19.78 4.11 -14.59
CA GLU E 269 19.18 4.91 -13.54
C GLU E 269 19.01 4.14 -12.23
N SER E 270 18.86 2.81 -12.32
CA SER E 270 18.44 2.02 -11.17
C SER E 270 19.39 2.15 -9.99
N ALA E 271 18.84 1.88 -8.81
CA ALA E 271 19.63 1.71 -7.59
C ALA E 271 20.69 0.62 -7.77
N GLY E 272 21.78 0.74 -7.01
CA GLY E 272 22.86 -0.20 -7.10
C GLY E 272 22.46 -1.58 -6.57
N ILE E 273 23.40 -2.51 -6.67
CA ILE E 273 23.11 -3.87 -6.25
C ILE E 273 22.97 -3.99 -4.74
N HIS E 274 23.69 -3.16 -3.98
CA HIS E 274 23.48 -3.10 -2.53
C HIS E 274 22.13 -2.48 -2.21
N GLU E 275 21.78 -1.40 -2.89
CA GLU E 275 20.49 -0.76 -2.67
C GLU E 275 19.33 -1.64 -3.10
N THR E 276 19.44 -2.33 -4.25
CA THR E 276 18.37 -3.24 -4.63
C THR E 276 18.30 -4.48 -3.74
N THR E 277 19.43 -4.92 -3.17
CA THR E 277 19.37 -5.95 -2.14
C THR E 277 18.62 -5.48 -0.89
N TYR E 278 18.96 -4.28 -0.40
CA TYR E 278 18.25 -3.74 0.74
C TYR E 278 16.77 -3.52 0.45
N ASN E 279 16.44 -2.91 -0.69
CA ASN E 279 15.03 -2.70 -1.05
C ASN E 279 14.27 -4.00 -1.22
N SER E 280 14.94 -5.07 -1.66
CA SER E 280 14.30 -6.38 -1.71
C SER E 280 14.02 -6.93 -0.32
N ILE E 281 14.97 -6.79 0.60
CA ILE E 281 14.68 -7.14 2.00
C ILE E 281 13.57 -6.27 2.58
N MET E 282 13.54 -4.98 2.23
CA MET E 282 12.48 -4.09 2.67
C MET E 282 11.12 -4.40 2.05
N LYS E 283 11.06 -5.11 0.94
CA LYS E 283 9.77 -5.59 0.48
C LYS E 283 9.27 -6.79 1.26
N CYS E 284 10.15 -7.47 1.98
CA CYS E 284 9.76 -8.62 2.79
C CYS E 284 9.12 -8.22 4.12
N ASP E 285 8.28 -9.11 4.63
CA ASP E 285 7.61 -8.90 5.90
C ASP E 285 8.61 -8.81 7.05
N ILE E 286 8.31 -7.93 8.01
CA ILE E 286 9.34 -7.44 8.93
C ILE E 286 9.90 -8.55 9.82
N ASP E 287 9.18 -9.65 9.99
CA ASP E 287 9.66 -10.74 10.84
C ASP E 287 10.85 -11.47 10.23
N ILE E 288 10.88 -11.61 8.90
CA ILE E 288 11.86 -12.47 8.25
C ILE E 288 13.14 -11.73 7.87
N ARG E 289 13.13 -10.40 7.90
CA ARG E 289 14.27 -9.60 7.45
C ARG E 289 15.56 -9.97 8.18
N LYS E 290 15.48 -10.26 9.47
CA LYS E 290 16.67 -10.64 10.23
C LYS E 290 17.34 -11.91 9.68
N ASP E 291 16.55 -12.86 9.17
CA ASP E 291 17.14 -14.06 8.59
C ASP E 291 17.60 -13.85 7.15
N LEU E 292 17.01 -12.89 6.45
CA LEU E 292 17.55 -12.54 5.15
C LEU E 292 18.90 -11.83 5.31
N TYR E 293 18.99 -10.90 6.25
CA TYR E 293 20.28 -10.29 6.56
C TYR E 293 21.29 -11.35 6.96
N ALA E 294 20.85 -12.36 7.72
CA ALA E 294 21.73 -13.44 8.13
C ALA E 294 22.00 -14.46 7.03
N ASN E 295 21.38 -14.31 5.86
CA ASN E 295 21.49 -15.33 4.81
C ASN E 295 21.48 -14.69 3.43
N ASN E 296 22.37 -13.72 3.18
CA ASN E 296 22.63 -13.27 1.82
C ASN E 296 23.47 -14.31 1.08
N VAL E 297 22.91 -14.89 0.02
CA VAL E 297 23.61 -15.84 -0.83
C VAL E 297 23.99 -15.17 -2.14
N MET E 298 25.28 -15.22 -2.49
CA MET E 298 25.77 -14.63 -3.73
C MET E 298 26.07 -15.74 -4.73
N SER E 299 25.66 -15.53 -5.98
CA SER E 299 25.93 -16.51 -7.03
C SER E 299 26.10 -15.80 -8.36
N GLY E 300 26.63 -16.53 -9.33
CA GLY E 300 26.88 -16.02 -10.68
C GLY E 300 28.27 -15.43 -10.83
N GLY E 301 28.78 -15.54 -12.06
CA GLY E 301 30.19 -15.24 -12.31
C GLY E 301 30.61 -13.83 -11.94
N THR E 302 29.75 -12.85 -12.16
CA THR E 302 30.08 -11.48 -11.80
C THR E 302 30.04 -11.21 -10.30
N THR E 303 29.78 -12.20 -9.46
CA THR E 303 30.05 -12.12 -8.03
C THR E 303 31.43 -12.63 -7.66
N MET E 304 32.27 -12.98 -8.63
CA MET E 304 33.58 -13.54 -8.35
C MET E 304 34.64 -12.48 -8.10
N TYR E 305 34.34 -11.22 -8.34
CA TYR E 305 35.35 -10.17 -8.19
C TYR E 305 35.92 -10.17 -6.77
N PRO E 306 37.24 -10.13 -6.62
CA PRO E 306 37.83 -9.94 -5.28
C PRO E 306 37.26 -8.73 -4.56
N GLY E 307 36.95 -8.92 -3.27
CA GLY E 307 36.44 -7.83 -2.45
C GLY E 307 34.98 -7.50 -2.61
N ILE E 308 34.25 -8.16 -3.52
CA ILE E 308 32.84 -7.81 -3.71
C ILE E 308 32.02 -8.17 -2.48
N ALA E 309 32.36 -9.27 -1.80
CA ALA E 309 31.67 -9.63 -0.57
C ALA E 309 31.93 -8.62 0.55
N ASP E 310 33.16 -8.17 0.69
CA ASP E 310 33.49 -7.15 1.68
C ASP E 310 32.79 -5.83 1.41
N ARG E 311 32.81 -5.36 0.16
CA ARG E 311 32.09 -4.14 -0.20
C ARG E 311 30.58 -4.29 0.02
N MET E 312 30.01 -5.43 -0.40
CA MET E 312 28.58 -5.65 -0.19
C MET E 312 28.21 -5.67 1.29
N GLN E 313 29.05 -6.28 2.12
CA GLN E 313 28.80 -6.32 3.55
C GLN E 313 28.90 -4.94 4.17
N LYS E 314 29.92 -4.17 3.80
CA LYS E 314 30.02 -2.78 4.25
C LYS E 314 28.78 -1.98 3.87
N GLU E 315 28.37 -2.07 2.61
CA GLU E 315 27.26 -1.24 2.13
C GLU E 315 25.93 -1.65 2.77
N ILE E 316 25.66 -2.95 2.89
CA ILE E 316 24.41 -3.34 3.56
C ILE E 316 24.47 -3.06 5.05
N THR E 317 25.63 -3.21 5.70
CA THR E 317 25.72 -2.84 7.10
C THR E 317 25.53 -1.35 7.31
N ALA E 318 25.83 -0.53 6.29
CA ALA E 318 25.51 0.89 6.38
C ALA E 318 24.03 1.13 6.12
N LEU E 319 23.41 0.31 5.27
CA LEU E 319 21.98 0.45 4.99
C LEU E 319 21.12 -0.15 6.11
N ALA E 320 21.43 -1.37 6.53
CA ALA E 320 20.60 -2.11 7.47
C ALA E 320 20.75 -1.59 8.90
N PRO E 321 19.73 -1.80 9.74
CA PRO E 321 19.80 -1.37 11.14
C PRO E 321 20.99 -1.95 11.89
N SER E 322 21.54 -1.13 12.79
CA SER E 322 22.86 -1.37 13.37
C SER E 322 22.95 -2.72 14.09
N THR E 323 21.83 -3.24 14.57
CA THR E 323 21.86 -4.52 15.30
C THR E 323 21.98 -5.71 14.36
N MET E 324 21.53 -5.59 13.12
CA MET E 324 21.39 -6.77 12.25
C MET E 324 22.76 -7.35 11.91
N LYS E 325 22.87 -8.66 12.11
CA LYS E 325 24.09 -9.42 11.80
C LYS E 325 24.16 -9.71 10.31
N ILE E 326 24.58 -8.70 9.55
CA ILE E 326 24.68 -8.84 8.09
C ILE E 326 25.75 -9.87 7.78
N LYS E 327 25.35 -10.93 7.07
CA LYS E 327 26.24 -12.00 6.68
C LYS E 327 26.02 -12.32 5.21
N ILE E 328 27.12 -12.53 4.49
CA ILE E 328 27.07 -12.85 3.06
C ILE E 328 27.67 -14.22 2.83
N ILE E 329 26.88 -15.12 2.24
CA ILE E 329 27.33 -16.46 1.89
C ILE E 329 27.78 -16.39 0.44
N ALA E 330 29.06 -16.10 0.23
CA ALA E 330 29.69 -16.07 -1.09
C ALA E 330 30.77 -17.13 -1.14
N PRO E 331 30.40 -18.40 -1.29
CA PRO E 331 31.39 -19.48 -1.24
C PRO E 331 32.23 -19.53 -2.50
N PRO E 332 33.31 -20.32 -2.48
CA PRO E 332 33.88 -20.84 -3.73
C PRO E 332 32.87 -21.57 -4.62
N GLU E 333 33.21 -21.69 -5.90
CA GLU E 333 32.41 -22.28 -6.97
C GLU E 333 31.02 -21.64 -7.12
N ARG E 334 30.79 -20.48 -6.50
CA ARG E 334 29.51 -19.80 -6.66
C ARG E 334 29.23 -19.45 -8.12
N LYS E 335 30.25 -19.48 -8.97
CA LYS E 335 30.04 -19.40 -10.42
C LYS E 335 29.21 -20.57 -10.94
N TYR E 336 29.42 -21.77 -10.40
CA TYR E 336 28.68 -22.95 -10.83
C TYR E 336 27.51 -23.31 -9.92
N SER E 337 27.18 -22.48 -8.93
CA SER E 337 26.17 -22.86 -7.94
C SER E 337 24.79 -23.06 -8.55
N VAL E 338 24.44 -22.33 -9.61
CA VAL E 338 23.15 -22.55 -10.26
C VAL E 338 23.08 -23.93 -10.90
N TRP E 339 24.16 -24.34 -11.57
CA TRP E 339 24.19 -25.69 -12.11
C TRP E 339 24.21 -26.75 -11.02
N ILE E 340 25.03 -26.56 -9.98
CA ILE E 340 25.06 -27.54 -8.89
C ILE E 340 23.70 -27.66 -8.22
N GLY E 341 22.99 -26.54 -8.07
CA GLY E 341 21.63 -26.59 -7.56
C GLY E 341 20.68 -27.35 -8.47
N GLY E 342 20.85 -27.20 -9.78
CA GLY E 342 20.07 -28.01 -10.70
C GLY E 342 20.43 -29.48 -10.65
N SER E 343 21.71 -29.79 -10.45
CA SER E 343 22.16 -31.17 -10.31
C SER E 343 21.61 -31.83 -9.06
N ILE E 344 21.46 -31.06 -7.98
CA ILE E 344 20.74 -31.54 -6.81
C ILE E 344 19.26 -31.73 -7.12
N LEU E 345 18.58 -30.66 -7.56
CA LEU E 345 17.13 -30.69 -7.71
C LEU E 345 16.68 -31.80 -8.67
N ALA E 346 17.34 -31.91 -9.84
CA ALA E 346 16.96 -32.91 -10.82
C ALA E 346 17.14 -34.34 -10.31
N SER E 347 17.98 -34.54 -9.30
CA SER E 347 18.19 -35.88 -8.75
C SER E 347 17.47 -36.08 -7.44
N LEU E 348 16.74 -35.07 -6.96
CA LEU E 348 15.94 -35.20 -5.76
C LEU E 348 14.72 -36.05 -6.04
N SER E 349 14.44 -37.01 -5.14
CA SER E 349 13.36 -37.97 -5.38
C SER E 349 11.99 -37.31 -5.30
N THR E 350 11.85 -36.24 -4.52
CA THR E 350 10.61 -35.48 -4.46
C THR E 350 10.33 -34.76 -5.77
N PHE E 351 11.36 -34.41 -6.53
CA PHE E 351 11.19 -33.64 -7.75
C PHE E 351 10.66 -34.47 -8.93
N GLN E 352 10.75 -35.80 -8.88
CA GLN E 352 10.34 -36.62 -10.02
C GLN E 352 8.85 -36.54 -10.31
N GLN E 353 8.06 -35.96 -9.40
CA GLN E 353 6.66 -35.63 -9.69
C GLN E 353 6.55 -34.41 -10.61
N MET E 354 7.54 -33.53 -10.59
CA MET E 354 7.42 -32.18 -11.12
C MET E 354 7.67 -32.06 -12.62
N TRP E 355 8.29 -33.06 -13.25
CA TRP E 355 8.61 -32.94 -14.67
C TRP E 355 7.34 -32.66 -15.49
N ILE E 356 7.50 -31.81 -16.51
CA ILE E 356 6.55 -31.71 -17.61
C ILE E 356 6.70 -32.95 -18.50
N THR E 357 5.75 -33.86 -18.45
CA THR E 357 5.84 -34.99 -19.37
C THR E 357 5.38 -34.56 -20.77
N LYS E 358 5.86 -35.29 -21.78
CA LYS E 358 5.47 -35.00 -23.16
C LYS E 358 3.98 -35.23 -23.38
N GLN E 359 3.37 -36.14 -22.62
CA GLN E 359 1.92 -36.29 -22.63
C GLN E 359 1.20 -35.01 -22.21
N GLU E 360 1.70 -34.34 -21.17
CA GLU E 360 1.12 -33.07 -20.76
C GLU E 360 1.28 -31.99 -21.82
N TYR E 361 2.41 -31.99 -22.55
CA TYR E 361 2.57 -31.04 -23.65
C TYR E 361 1.63 -31.36 -24.82
N ASP E 362 1.49 -32.64 -25.16
CA ASP E 362 0.53 -33.03 -26.20
C ASP E 362 -0.92 -32.73 -25.81
N GLU E 363 -1.22 -32.71 -24.50
CA GLU E 363 -2.56 -32.32 -24.08
C GLU E 363 -2.74 -30.81 -23.99
N ALA E 364 -1.73 -30.07 -23.57
CA ALA E 364 -1.91 -28.67 -23.17
C ALA E 364 -1.01 -27.69 -23.91
N GLY E 365 -0.14 -28.17 -24.79
CA GLY E 365 0.74 -27.29 -25.53
C GLY E 365 1.70 -26.51 -24.66
N PRO E 366 2.40 -25.55 -25.26
CA PRO E 366 3.37 -24.75 -24.48
C PRO E 366 2.80 -24.07 -23.24
N SER E 367 1.49 -23.81 -23.21
CA SER E 367 0.89 -23.15 -22.05
C SER E 367 1.03 -23.94 -20.75
N ILE E 368 1.32 -25.25 -20.82
CA ILE E 368 1.43 -26.06 -19.61
C ILE E 368 2.54 -25.56 -18.71
N VAL E 369 3.61 -25.01 -19.27
CA VAL E 369 4.79 -24.69 -18.49
C VAL E 369 4.61 -23.43 -17.66
N HIS E 370 3.53 -22.69 -17.86
CA HIS E 370 3.12 -21.65 -16.94
C HIS E 370 2.30 -22.19 -15.77
N ARG E 371 1.64 -23.33 -15.96
CA ARG E 371 0.78 -23.88 -14.91
C ARG E 371 1.58 -24.63 -13.86
N LYS E 372 2.53 -25.47 -14.30
CA LYS E 372 3.29 -26.31 -13.37
C LYS E 372 4.52 -25.59 -12.81
N CYS E 373 5.39 -25.08 -13.68
CA CYS E 373 6.62 -24.47 -13.22
C CYS E 373 6.33 -23.12 -12.55
N PHE E 374 7.15 -22.78 -11.55
CA PHE E 374 7.05 -21.47 -10.92
C PHE E 374 7.59 -20.38 -11.85
N THR F 4 -7.34 -42.30 36.56
CA THR F 4 -6.29 -41.56 35.87
C THR F 4 -6.42 -40.08 36.18
N THR F 5 -5.28 -39.38 36.23
CA THR F 5 -5.27 -37.96 36.58
C THR F 5 -6.03 -37.15 35.54
N ALA F 6 -6.89 -36.26 36.02
CA ALA F 6 -7.75 -35.48 35.14
C ALA F 6 -6.93 -34.49 34.32
N LEU F 7 -7.56 -33.90 33.32
CA LEU F 7 -6.89 -32.99 32.40
C LEU F 7 -7.66 -31.69 32.30
N VAL F 8 -6.94 -30.57 32.39
CA VAL F 8 -7.53 -29.24 32.39
C VAL F 8 -7.00 -28.50 31.17
N CYS F 9 -7.90 -28.02 30.32
CA CYS F 9 -7.54 -27.41 29.04
C CYS F 9 -8.32 -26.11 28.90
N ASP F 10 -7.70 -25.00 29.30
CA ASP F 10 -8.32 -23.68 29.21
C ASP F 10 -8.15 -23.14 27.80
N ASN F 11 -9.05 -23.55 26.91
CA ASN F 11 -9.22 -22.90 25.62
C ASN F 11 -9.87 -21.52 25.78
N GLY F 12 -9.25 -20.63 26.55
CA GLY F 12 -9.52 -19.22 26.41
C GLY F 12 -9.07 -18.68 25.06
N SER F 13 -9.29 -17.39 24.87
CA SER F 13 -8.81 -16.71 23.68
C SER F 13 -7.34 -16.36 23.81
N GLY F 14 -6.67 -16.32 22.65
CA GLY F 14 -5.31 -15.84 22.56
C GLY F 14 -4.25 -16.84 22.99
N LEU F 15 -4.32 -17.33 24.23
CA LEU F 15 -3.42 -18.39 24.69
C LEU F 15 -4.24 -19.59 25.15
N VAL F 16 -3.88 -20.77 24.69
CA VAL F 16 -4.25 -22.01 25.36
C VAL F 16 -3.39 -22.21 26.60
N LYS F 17 -4.03 -22.46 27.74
CA LYS F 17 -3.37 -22.98 28.93
C LYS F 17 -3.91 -24.39 29.17
N ALA F 18 -3.01 -25.38 29.18
CA ALA F 18 -3.43 -26.75 29.38
C ALA F 18 -2.43 -27.50 30.24
N GLY F 19 -2.92 -28.51 30.93
CA GLY F 19 -2.08 -29.34 31.78
C GLY F 19 -2.92 -30.23 32.65
N PHE F 20 -2.25 -31.17 33.30
CA PHE F 20 -2.93 -32.11 34.18
C PHE F 20 -3.39 -31.42 35.45
N ALA F 21 -4.49 -31.93 36.02
CA ALA F 21 -5.01 -31.40 37.26
C ALA F 21 -4.07 -31.77 38.41
N GLY F 22 -3.97 -30.86 39.39
CA GLY F 22 -3.06 -31.01 40.49
C GLY F 22 -1.69 -30.41 40.27
N ASP F 23 -1.32 -30.11 39.03
CA ASP F 23 -0.11 -29.34 38.79
C ASP F 23 -0.30 -27.88 39.19
N ASP F 24 0.79 -27.25 39.63
CA ASP F 24 0.74 -25.86 40.07
C ASP F 24 0.65 -24.86 38.92
N ALA F 25 1.02 -25.27 37.71
CA ALA F 25 1.03 -24.35 36.57
C ALA F 25 0.83 -25.12 35.29
N PRO F 26 0.21 -24.51 34.27
CA PRO F 26 -0.03 -25.23 33.01
C PRO F 26 1.28 -25.52 32.30
N ARG F 27 1.51 -26.79 31.98
CA ARG F 27 2.77 -27.20 31.36
C ARG F 27 2.78 -26.99 29.86
N ALA F 28 1.64 -26.67 29.24
CA ALA F 28 1.59 -26.22 27.85
C ALA F 28 0.88 -24.86 27.81
N VAL F 29 1.62 -23.81 27.52
CA VAL F 29 1.06 -22.49 27.22
C VAL F 29 1.58 -22.06 25.86
N PHE F 30 0.66 -21.83 24.92
CA PHE F 30 1.01 -21.48 23.56
C PHE F 30 -0.15 -20.71 22.94
N PRO F 31 0.10 -19.91 21.91
CA PRO F 31 -0.98 -19.08 21.35
C PRO F 31 -1.99 -19.90 20.57
N SER F 32 -3.25 -19.52 20.71
CA SER F 32 -4.36 -20.22 20.04
C SER F 32 -4.49 -19.76 18.59
N ILE F 33 -3.41 -19.96 17.83
CA ILE F 33 -3.29 -19.45 16.47
C ILE F 33 -3.18 -20.63 15.51
N VAL F 34 -3.86 -20.54 14.38
CA VAL F 34 -3.59 -21.38 13.22
C VAL F 34 -3.11 -20.49 12.09
N GLY F 35 -1.97 -20.83 11.52
CA GLY F 35 -1.40 -20.08 10.40
C GLY F 35 -1.27 -20.95 9.17
N ARG F 36 -1.62 -20.37 8.02
CA ARG F 36 -1.53 -21.10 6.77
C ARG F 36 -0.65 -20.34 5.78
N PRO F 37 0.21 -21.04 5.04
CA PRO F 37 1.16 -20.35 4.16
C PRO F 37 0.50 -19.36 3.22
N ARG F 38 1.05 -18.15 3.18
CA ARG F 38 0.47 -17.07 2.38
C ARG F 38 0.94 -17.10 0.93
N HIS F 39 2.16 -17.56 0.68
CA HIS F 39 2.80 -17.39 -0.63
C HIS F 39 2.88 -18.70 -1.40
N GLN F 40 3.52 -18.61 -2.57
CA GLN F 40 3.79 -19.73 -3.45
C GLN F 40 4.62 -20.81 -2.72
N GLY F 41 4.68 -21.98 -3.33
CA GLY F 41 5.30 -23.17 -2.77
C GLY F 41 6.60 -23.54 -3.48
N VAL F 42 7.42 -22.51 -3.74
CA VAL F 42 8.47 -22.59 -4.75
C VAL F 42 9.42 -23.76 -4.50
N MET F 43 9.76 -24.03 -3.25
CA MET F 43 10.92 -24.86 -2.93
C MET F 43 10.47 -26.25 -2.46
N VAL F 44 10.48 -27.20 -3.39
CA VAL F 44 10.22 -28.60 -3.12
C VAL F 44 11.39 -29.21 -2.36
N GLY F 45 11.28 -30.47 -1.97
CA GLY F 45 12.21 -31.07 -1.03
C GLY F 45 11.94 -30.76 0.42
N MET F 46 10.77 -30.21 0.73
CA MET F 46 10.33 -29.97 2.10
C MET F 46 8.87 -30.33 2.20
N GLY F 47 8.41 -30.62 3.41
CA GLY F 47 7.01 -30.91 3.60
C GLY F 47 6.12 -29.73 3.30
N GLN F 48 6.61 -28.51 3.56
CA GLN F 48 5.86 -27.27 3.30
C GLN F 48 4.45 -27.35 3.85
N LYS F 49 4.29 -27.98 5.02
CA LYS F 49 3.01 -28.53 5.43
C LYS F 49 1.92 -27.46 5.46
N ASP F 50 0.69 -27.93 5.23
CA ASP F 50 -0.44 -27.05 4.94
C ASP F 50 -0.78 -26.10 6.08
N SER F 51 -0.44 -26.44 7.32
CA SER F 51 -0.91 -25.66 8.45
C SER F 51 0.10 -25.74 9.59
N TYR F 52 0.19 -24.64 10.33
CA TYR F 52 1.04 -24.52 11.50
C TYR F 52 0.23 -23.92 12.64
N VAL F 53 0.43 -24.42 13.86
CA VAL F 53 -0.35 -23.97 15.00
C VAL F 53 0.58 -23.66 16.16
N GLY F 54 0.15 -22.71 17.00
CA GLY F 54 0.90 -22.32 18.19
C GLY F 54 2.26 -21.71 17.94
N ASP F 55 3.24 -22.19 18.72
CA ASP F 55 4.60 -21.71 18.57
C ASP F 55 5.17 -22.01 17.19
N GLU F 56 4.66 -23.06 16.51
CA GLU F 56 5.04 -23.26 15.12
C GLU F 56 4.67 -22.04 14.29
N ALA F 57 3.46 -21.53 14.48
CA ALA F 57 2.97 -20.40 13.70
C ALA F 57 3.70 -19.12 14.08
N GLN F 58 4.03 -18.96 15.37
CA GLN F 58 4.84 -17.82 15.77
C GLN F 58 6.26 -17.88 15.20
N SER F 59 6.86 -19.06 15.18
CA SER F 59 8.20 -19.23 14.61
C SER F 59 8.23 -19.00 13.10
N LYS F 60 7.09 -19.06 12.43
CA LYS F 60 6.98 -18.84 10.99
C LYS F 60 6.17 -17.61 10.66
N ARG F 61 5.92 -16.76 11.66
CA ARG F 61 4.93 -15.69 11.63
C ARG F 61 4.88 -14.92 10.31
N GLY F 62 6.04 -14.51 9.80
CA GLY F 62 6.08 -13.62 8.66
C GLY F 62 5.82 -14.22 7.30
N ILE F 63 5.47 -15.51 7.20
CA ILE F 63 5.03 -16.09 5.94
C ILE F 63 3.64 -16.70 6.06
N LEU F 64 2.96 -16.52 7.18
CA LEU F 64 1.66 -17.13 7.42
C LEU F 64 0.60 -16.05 7.58
N THR F 65 -0.58 -16.32 7.05
CA THR F 65 -1.80 -15.58 7.42
C THR F 65 -2.32 -16.15 8.73
N LEU F 66 -1.93 -15.53 9.84
CA LEU F 66 -2.40 -15.98 11.15
C LEU F 66 -3.88 -15.70 11.31
N LYS F 67 -4.59 -16.63 11.94
CA LYS F 67 -6.00 -16.46 12.27
C LYS F 67 -6.26 -17.04 13.66
N TYR F 68 -7.16 -16.41 14.40
CA TYR F 68 -7.63 -16.95 15.66
C TYR F 68 -8.99 -17.59 15.46
N PRO F 69 -9.15 -18.88 15.77
CA PRO F 69 -10.44 -19.54 15.55
C PRO F 69 -11.44 -19.33 16.66
N ILE F 70 -11.04 -18.66 17.74
CA ILE F 70 -11.94 -18.27 18.82
C ILE F 70 -11.91 -16.74 18.92
N GLU F 71 -13.09 -16.13 18.78
CA GLU F 71 -13.19 -14.69 18.65
C GLU F 71 -14.29 -14.16 19.55
N GLY F 73 -14.39 -14.82 22.70
CA GLY F 73 -14.72 -16.00 23.48
C GLY F 73 -15.60 -17.01 22.77
N ILE F 74 -15.98 -16.72 21.54
CA ILE F 74 -16.85 -17.58 20.75
C ILE F 74 -15.98 -18.28 19.71
N ILE F 75 -16.09 -19.59 19.63
CA ILE F 75 -15.39 -20.35 18.60
C ILE F 75 -16.10 -20.17 17.26
N THR F 76 -15.45 -19.45 16.34
CA THR F 76 -16.02 -19.14 15.04
C THR F 76 -15.64 -20.15 13.96
N ASN F 77 -14.63 -21.00 14.22
CA ASN F 77 -13.94 -21.75 13.16
C ASN F 77 -13.57 -23.11 13.75
N TRP F 78 -14.58 -23.99 13.80
CA TRP F 78 -14.42 -25.29 14.46
C TRP F 78 -13.37 -26.17 13.77
N ASP F 79 -13.21 -26.03 12.46
CA ASP F 79 -12.21 -26.81 11.74
C ASP F 79 -10.80 -26.50 12.22
N ASP F 80 -10.51 -25.25 12.58
CA ASP F 80 -9.20 -24.89 13.13
C ASP F 80 -9.12 -25.06 14.63
N MET F 81 -10.21 -24.83 15.37
CA MET F 81 -10.19 -25.12 16.79
C MET F 81 -9.94 -26.60 17.06
N GLU F 82 -10.52 -27.48 16.24
CA GLU F 82 -10.23 -28.91 16.38
C GLU F 82 -8.77 -29.22 16.09
N LYS F 83 -8.10 -28.41 15.28
CA LYS F 83 -6.66 -28.52 15.11
C LYS F 83 -5.92 -28.05 16.35
N ILE F 84 -6.40 -27.00 16.99
CA ILE F 84 -5.76 -26.53 18.22
C ILE F 84 -5.89 -27.55 19.33
N TRP F 85 -7.07 -28.16 19.48
CA TRP F 85 -7.23 -29.26 20.44
C TRP F 85 -6.37 -30.46 20.09
N HIS F 86 -6.30 -30.85 18.81
CA HIS F 86 -5.40 -31.93 18.43
C HIS F 86 -3.96 -31.62 18.81
N HIS F 87 -3.50 -30.41 18.50
CA HIS F 87 -2.14 -30.02 18.87
C HIS F 87 -1.94 -30.04 20.38
N THR F 88 -2.91 -29.51 21.13
CA THR F 88 -2.85 -29.49 22.58
C THR F 88 -2.68 -30.88 23.16
N PHE F 89 -3.49 -31.83 22.71
CA PHE F 89 -3.44 -33.15 23.30
C PHE F 89 -2.24 -33.96 22.80
N TYR F 90 -2.05 -34.04 21.49
CA TYR F 90 -1.06 -34.97 20.96
C TYR F 90 0.37 -34.41 20.87
N ASN F 91 0.57 -33.12 20.64
CA ASN F 91 1.91 -32.58 20.45
C ASN F 91 2.47 -31.91 21.70
N GLU F 92 1.65 -31.14 22.42
CA GLU F 92 2.14 -30.45 23.61
C GLU F 92 2.06 -31.34 24.85
N LEU F 93 0.85 -31.77 25.22
CA LEU F 93 0.73 -32.64 26.38
C LEU F 93 1.11 -34.09 26.09
N ARG F 94 1.12 -34.50 24.82
CA ARG F 94 1.57 -35.83 24.40
C ARG F 94 0.83 -36.94 25.13
N VAL F 95 -0.51 -36.89 25.06
CA VAL F 95 -1.39 -37.76 25.83
C VAL F 95 -2.60 -38.09 24.98
N ALA F 96 -3.14 -39.30 25.17
CA ALA F 96 -4.31 -39.74 24.43
C ALA F 96 -5.55 -39.40 25.22
N PRO F 97 -6.41 -38.49 24.73
CA PRO F 97 -7.52 -38.01 25.56
C PRO F 97 -8.52 -39.06 25.98
N GLU F 98 -8.60 -40.19 25.27
CA GLU F 98 -9.54 -41.24 25.62
C GLU F 98 -9.24 -41.91 26.96
N GLU F 99 -8.18 -41.51 27.68
CA GLU F 99 -7.96 -41.96 29.04
C GLU F 99 -8.16 -40.87 30.09
N HIS F 100 -8.27 -39.61 29.66
CA HIS F 100 -8.19 -38.47 30.58
C HIS F 100 -9.43 -37.60 30.50
N PRO F 101 -10.26 -37.55 31.54
CA PRO F 101 -11.41 -36.65 31.53
C PRO F 101 -10.95 -35.20 31.50
N THR F 102 -11.55 -34.43 30.59
CA THR F 102 -11.05 -33.10 30.22
C THR F 102 -12.00 -32.04 30.75
N LEU F 103 -11.48 -31.17 31.61
CA LEU F 103 -12.19 -29.97 32.04
C LEU F 103 -11.92 -28.84 31.05
N LEU F 104 -12.89 -28.59 30.17
CA LEU F 104 -12.91 -27.36 29.41
C LEU F 104 -13.44 -26.21 30.25
N THR F 105 -13.33 -25.00 29.71
CA THR F 105 -13.96 -23.85 30.35
C THR F 105 -14.27 -22.80 29.30
N GLU F 106 -15.28 -21.97 29.58
CA GLU F 106 -15.69 -20.93 28.66
C GLU F 106 -16.21 -19.74 29.46
N ALA F 107 -16.31 -18.60 28.78
CA ALA F 107 -16.88 -17.41 29.38
C ALA F 107 -18.39 -17.56 29.59
N PRO F 108 -18.95 -16.81 30.54
CA PRO F 108 -20.41 -16.84 30.73
C PRO F 108 -21.12 -16.00 29.65
N LEU F 109 -22.43 -16.14 29.61
CA LEU F 109 -23.28 -15.46 28.64
C LEU F 109 -22.77 -15.70 27.21
N ASN F 110 -22.71 -16.97 26.84
CA ASN F 110 -22.04 -17.40 25.63
C ASN F 110 -22.94 -18.36 24.87
N PRO F 111 -22.97 -18.29 23.54
CA PRO F 111 -23.94 -19.09 22.77
C PRO F 111 -23.89 -20.57 23.11
N LYS F 112 -25.06 -21.14 23.36
CA LYS F 112 -25.18 -22.55 23.70
C LYS F 112 -24.70 -23.47 22.57
N ALA F 113 -24.71 -22.98 21.33
CA ALA F 113 -24.10 -23.72 20.22
C ALA F 113 -22.63 -24.01 20.45
N ASN F 114 -21.91 -23.11 21.13
CA ASN F 114 -20.50 -23.37 21.40
C ASN F 114 -20.34 -24.53 22.36
N ARG F 115 -20.98 -24.46 23.52
CA ARG F 115 -20.92 -25.52 24.52
C ARG F 115 -21.37 -26.87 23.96
N GLU F 116 -22.37 -26.86 23.08
CA GLU F 116 -22.78 -28.08 22.38
C GLU F 116 -21.74 -28.60 21.40
N LYS F 117 -21.15 -27.72 20.59
CA LYS F 117 -20.15 -28.21 19.64
C LYS F 117 -18.88 -28.68 20.33
N MET F 118 -18.46 -27.99 21.39
CA MET F 118 -17.37 -28.49 22.23
C MET F 118 -17.69 -29.87 22.80
N THR F 119 -18.93 -30.09 23.23
CA THR F 119 -19.32 -31.40 23.73
C THR F 119 -19.25 -32.46 22.65
N GLN F 120 -19.84 -32.17 21.49
CA GLN F 120 -19.77 -33.08 20.34
C GLN F 120 -18.33 -33.43 19.99
N ILE F 121 -17.47 -32.42 19.92
CA ILE F 121 -16.09 -32.66 19.50
C ILE F 121 -15.34 -33.49 20.54
N MET F 122 -15.49 -33.16 21.82
CA MET F 122 -14.81 -33.90 22.87
C MET F 122 -15.25 -35.36 22.92
N PHE F 123 -16.57 -35.61 22.84
CA PHE F 123 -17.06 -36.98 22.95
C PHE F 123 -16.99 -37.80 21.67
N GLU F 124 -16.95 -37.18 20.49
CA GLU F 124 -16.98 -37.94 19.24
C GLU F 124 -15.69 -37.87 18.44
N THR F 125 -14.93 -36.79 18.51
CA THR F 125 -13.59 -36.79 17.92
C THR F 125 -12.54 -37.37 18.86
N PHE F 126 -12.50 -36.92 20.11
CA PHE F 126 -11.47 -37.34 21.04
C PHE F 126 -11.90 -38.46 21.97
N ASN F 127 -13.17 -38.88 21.91
CA ASN F 127 -13.67 -40.03 22.65
C ASN F 127 -13.40 -39.94 24.16
N VAL F 128 -13.23 -38.73 24.68
CA VAL F 128 -12.75 -38.57 26.06
C VAL F 128 -13.72 -39.23 27.03
N PRO F 129 -13.23 -39.84 28.12
CA PRO F 129 -14.14 -40.52 29.05
C PRO F 129 -15.18 -39.61 29.68
N ALA F 130 -14.81 -38.36 29.99
CA ALA F 130 -15.74 -37.42 30.59
C ALA F 130 -15.23 -36.00 30.37
N MET F 131 -16.12 -35.04 30.60
CA MET F 131 -15.86 -33.67 30.22
C MET F 131 -16.65 -32.75 31.16
N TYR F 132 -16.20 -31.50 31.28
CA TYR F 132 -16.97 -30.49 31.98
C TYR F 132 -16.61 -29.11 31.43
N VAL F 133 -17.51 -28.14 31.60
CA VAL F 133 -17.30 -26.81 31.05
C VAL F 133 -17.58 -25.76 32.12
N ALA F 134 -16.59 -25.52 32.98
CA ALA F 134 -16.74 -24.55 34.05
C ALA F 134 -16.67 -23.11 33.54
N ILE F 135 -17.40 -22.21 34.19
CA ILE F 135 -17.27 -20.78 33.92
C ILE F 135 -15.93 -20.27 34.44
N GLN F 136 -15.20 -19.56 33.59
CA GLN F 136 -13.82 -19.15 33.91
C GLN F 136 -13.76 -18.34 35.21
N ALA F 137 -14.72 -17.45 35.41
CA ALA F 137 -14.71 -16.64 36.62
C ALA F 137 -14.97 -17.46 37.88
N VAL F 138 -15.78 -18.51 37.77
CA VAL F 138 -15.99 -19.38 38.93
C VAL F 138 -14.70 -20.11 39.27
N LEU F 139 -13.97 -20.54 38.25
CA LEU F 139 -12.65 -21.13 38.45
C LEU F 139 -11.68 -20.15 39.12
N SER F 140 -11.75 -18.87 38.73
CA SER F 140 -10.81 -17.89 39.28
C SER F 140 -10.92 -17.69 40.79
N LEU F 141 -12.07 -18.01 41.41
CA LEU F 141 -12.13 -18.01 42.87
C LEU F 141 -11.24 -19.09 43.49
N TYR F 142 -11.33 -20.32 42.98
CA TYR F 142 -10.57 -21.42 43.56
C TYR F 142 -9.07 -21.10 43.62
N ALA F 143 -8.52 -20.49 42.57
CA ALA F 143 -7.10 -20.15 42.59
C ALA F 143 -6.75 -19.12 43.65
N SER F 144 -7.71 -18.32 44.10
CA SER F 144 -7.46 -17.39 45.20
C SER F 144 -7.74 -17.97 46.57
N GLY F 145 -8.59 -19.00 46.66
CA GLY F 145 -9.04 -19.51 47.93
C GLY F 145 -10.25 -18.82 48.50
N ARG F 146 -10.82 -17.86 47.79
CA ARG F 146 -12.07 -17.23 48.24
C ARG F 146 -13.23 -18.20 48.13
N THR F 147 -14.27 -17.94 48.94
CA THR F 147 -15.61 -18.43 48.68
C THR F 147 -16.57 -17.32 48.27
N THR F 148 -16.17 -16.06 48.45
CA THR F 148 -17.04 -14.91 48.24
C THR F 148 -16.25 -13.84 47.51
N GLY F 149 -16.87 -13.23 46.51
CA GLY F 149 -16.19 -12.17 45.78
C GLY F 149 -16.89 -11.88 44.48
N ILE F 150 -16.48 -10.76 43.89
CA ILE F 150 -16.85 -10.38 42.52
C ILE F 150 -15.61 -10.57 41.66
N VAL F 151 -15.63 -11.62 40.84
CA VAL F 151 -14.51 -11.92 39.96
C VAL F 151 -14.58 -11.03 38.73
N LEU F 152 -13.47 -10.36 38.43
CA LEU F 152 -13.29 -9.68 37.16
C LEU F 152 -12.25 -10.45 36.37
N ASP F 153 -12.71 -11.16 35.34
CA ASP F 153 -11.83 -11.80 34.36
C ASP F 153 -11.77 -10.95 33.11
N SER F 154 -10.55 -10.70 32.63
CA SER F 154 -10.32 -9.86 31.46
C SER F 154 -9.28 -10.57 30.58
N GLY F 155 -9.76 -11.22 29.52
CA GLY F 155 -8.93 -12.10 28.73
C GLY F 155 -8.34 -11.45 27.49
N ASP F 156 -8.16 -12.25 26.45
CA ASP F 156 -7.83 -11.74 25.12
C ASP F 156 -9.06 -11.31 24.35
N GLY F 157 -10.17 -12.03 24.50
CA GLY F 157 -11.34 -11.77 23.67
C GLY F 157 -12.54 -11.21 24.40
N VAL F 158 -12.69 -11.52 25.70
CA VAL F 158 -13.85 -11.07 26.47
C VAL F 158 -13.42 -10.68 27.87
N THR F 159 -14.22 -9.81 28.48
CA THR F 159 -14.11 -9.43 29.87
C THR F 159 -15.46 -9.64 30.52
N HIS F 160 -15.49 -10.25 31.71
CA HIS F 160 -16.76 -10.52 32.36
C HIS F 160 -16.62 -10.42 33.87
N ASN F 161 -17.71 -10.00 34.50
CA ASN F 161 -17.82 -9.87 35.95
C ASN F 161 -18.81 -10.91 36.47
N VAL F 162 -18.40 -11.68 37.47
CA VAL F 162 -19.30 -12.66 38.10
C VAL F 162 -19.20 -12.54 39.62
N PRO F 163 -20.22 -11.97 40.27
CA PRO F 163 -20.26 -11.94 41.74
C PRO F 163 -20.74 -13.25 42.33
N ILE F 164 -20.09 -13.65 43.42
CA ILE F 164 -20.31 -14.95 44.06
C ILE F 164 -20.28 -14.71 45.57
N TYR F 165 -21.14 -15.44 46.30
CA TYR F 165 -21.24 -15.27 47.76
C TYR F 165 -21.45 -16.62 48.44
N GLU F 166 -20.38 -17.14 49.06
CA GLU F 166 -20.38 -18.44 49.72
C GLU F 166 -20.80 -19.56 48.78
N GLY F 167 -20.50 -19.40 47.49
CA GLY F 167 -21.21 -20.11 46.45
C GLY F 167 -22.17 -19.19 45.75
N TYR F 168 -23.23 -19.75 45.16
CA TYR F 168 -24.41 -19.00 44.73
C TYR F 168 -24.02 -17.79 43.90
N ALA F 169 -23.42 -18.06 42.74
CA ALA F 169 -23.23 -17.03 41.73
C ALA F 169 -24.57 -16.39 41.38
N LEU F 170 -24.59 -15.07 41.32
CA LEU F 170 -25.81 -14.30 41.02
C LEU F 170 -25.96 -14.08 39.52
N PRO F 171 -26.76 -14.91 38.82
CA PRO F 171 -26.65 -14.94 37.35
C PRO F 171 -27.20 -13.67 36.70
N HIS F 172 -28.11 -12.97 37.36
CA HIS F 172 -28.61 -11.70 36.85
C HIS F 172 -27.57 -10.58 36.94
N ALA F 173 -26.61 -10.69 37.85
CA ALA F 173 -25.59 -9.66 38.00
C ALA F 173 -24.34 -9.92 37.17
N ILE F 174 -24.23 -11.08 36.51
CA ILE F 174 -23.14 -11.28 35.55
C ILE F 174 -23.24 -10.25 34.43
N MET F 175 -22.08 -9.73 34.03
CA MET F 175 -21.96 -8.84 32.88
C MET F 175 -20.76 -9.28 32.04
N ARG F 176 -20.91 -9.17 30.71
CA ARG F 176 -19.83 -9.47 29.77
C ARG F 176 -19.70 -8.36 28.75
N LEU F 177 -18.45 -7.97 28.44
CA LEU F 177 -18.19 -6.69 27.82
C LEU F 177 -17.75 -6.77 26.36
N ASP F 178 -17.28 -7.94 25.89
CA ASP F 178 -16.72 -8.09 24.55
C ASP F 178 -15.56 -7.14 24.25
N LEU F 179 -14.94 -6.58 25.28
CA LEU F 179 -13.78 -5.70 25.13
C LEU F 179 -12.61 -6.31 25.89
N ALA F 180 -11.52 -6.58 25.18
CA ALA F 180 -10.36 -7.21 25.83
C ALA F 180 -9.10 -6.97 25.00
N GLY F 181 -8.08 -7.77 25.26
CA GLY F 181 -6.75 -7.56 24.70
C GLY F 181 -6.63 -7.42 23.20
N ARG F 182 -7.55 -8.03 22.44
CA ARG F 182 -7.52 -7.79 20.99
C ARG F 182 -7.98 -6.38 20.63
N ASP F 183 -9.02 -5.88 21.30
CA ASP F 183 -9.43 -4.50 21.06
C ASP F 183 -8.38 -3.50 21.52
N LEU F 184 -7.65 -3.85 22.59
CA LEU F 184 -6.50 -3.06 23.02
C LEU F 184 -5.37 -3.09 22.01
N THR F 185 -5.09 -4.26 21.43
CA THR F 185 -4.07 -4.35 20.39
C THR F 185 -4.43 -3.53 19.16
N ASP F 186 -5.67 -3.67 18.69
CA ASP F 186 -6.09 -2.92 17.50
C ASP F 186 -6.12 -1.41 17.75
N TYR F 187 -6.54 -0.97 18.93
CA TYR F 187 -6.45 0.45 19.23
C TYR F 187 -5.01 0.92 19.36
N LEU F 188 -4.13 0.10 19.95
CA LEU F 188 -2.71 0.44 19.98
C LEU F 188 -2.12 0.58 18.58
N MET F 189 -2.52 -0.30 17.65
CA MET F 189 -2.12 -0.14 16.25
C MET F 189 -2.63 1.16 15.66
N LYS F 190 -3.90 1.50 15.93
CA LYS F 190 -4.48 2.74 15.43
C LYS F 190 -3.75 3.97 15.96
N ILE F 191 -3.37 3.96 17.23
CA ILE F 191 -2.64 5.13 17.76
C ILE F 191 -1.16 5.11 17.41
N LEU F 192 -0.52 3.94 17.25
CA LEU F 192 0.83 3.93 16.74
C LEU F 192 0.91 4.43 15.30
N THR F 193 -0.21 4.34 14.57
CA THR F 193 -0.29 5.01 13.27
C THR F 193 -0.16 6.52 13.38
N GLU F 194 -0.50 7.10 14.54
CA GLU F 194 -0.40 8.55 14.73
C GLU F 194 1.02 9.10 14.61
N ARG F 195 2.06 8.28 14.81
CA ARG F 195 3.41 8.71 14.47
C ARG F 195 4.08 7.84 13.41
N GLY F 196 3.28 7.08 12.65
CA GLY F 196 3.72 6.49 11.40
C GLY F 196 4.31 5.11 11.44
N TYR F 197 4.20 4.38 12.55
CA TYR F 197 4.54 2.96 12.55
C TYR F 197 3.34 2.22 12.00
N SER F 198 3.28 2.10 10.67
CA SER F 198 2.18 1.40 10.02
C SER F 198 2.31 -0.11 10.23
N PHE F 199 1.44 -0.66 11.06
CA PHE F 199 1.28 -2.08 11.26
C PHE F 199 -0.07 -2.51 10.72
N VAL F 200 -0.08 -3.50 9.82
CA VAL F 200 -1.29 -3.86 9.08
C VAL F 200 -1.41 -5.37 8.92
N THR F 201 -0.28 -6.06 8.75
CA THR F 201 -0.31 -7.51 8.68
C THR F 201 -0.62 -8.11 10.04
N THR F 202 -1.02 -9.38 10.02
CA THR F 202 -1.26 -10.11 11.27
C THR F 202 0.04 -10.39 12.02
N ALA F 203 1.15 -10.56 11.29
CA ALA F 203 2.46 -10.57 11.92
C ALA F 203 2.73 -9.27 12.69
N GLU F 204 2.34 -8.14 12.11
CA GLU F 204 2.51 -6.88 12.82
C GLU F 204 1.52 -6.75 13.97
N ARG F 205 0.28 -7.23 13.80
CA ARG F 205 -0.63 -7.32 14.93
C ARG F 205 -0.01 -8.13 16.09
N GLU F 206 0.68 -9.22 15.75
CA GLU F 206 1.34 -10.06 16.74
C GLU F 206 2.58 -9.40 17.34
N ILE F 207 3.16 -8.43 16.65
CA ILE F 207 4.24 -7.65 17.25
C ILE F 207 3.69 -6.55 18.15
N VAL F 208 2.62 -5.88 17.74
CA VAL F 208 1.99 -4.89 18.58
C VAL F 208 1.39 -5.51 19.84
N ARG F 209 0.98 -6.77 19.79
CA ARG F 209 0.66 -7.47 21.05
C ARG F 209 1.85 -7.54 21.99
N ASP F 210 3.05 -7.75 21.45
CA ASP F 210 4.24 -7.78 22.31
C ASP F 210 4.58 -6.39 22.82
N ILE F 211 4.46 -5.38 21.97
CA ILE F 211 4.67 -4.00 22.42
C ILE F 211 3.71 -3.65 23.55
N LYS F 212 2.44 -4.03 23.40
CA LYS F 212 1.43 -3.86 24.44
C LYS F 212 1.84 -4.55 25.74
N GLU F 213 2.31 -5.78 25.66
CA GLU F 213 2.69 -6.49 26.88
C GLU F 213 3.95 -5.91 27.53
N LYS F 214 4.92 -5.50 26.73
CA LYS F 214 6.19 -5.02 27.28
C LYS F 214 6.12 -3.60 27.82
N LEU F 215 5.51 -2.68 27.08
CA LEU F 215 5.61 -1.26 27.42
C LEU F 215 4.41 -0.69 28.15
N CYS F 216 3.19 -1.09 27.82
CA CYS F 216 2.03 -0.36 28.28
C CYS F 216 1.81 -0.50 29.79
N TYR F 217 1.18 0.51 30.37
CA TYR F 217 0.78 0.54 31.77
C TYR F 217 -0.46 1.42 31.88
N VAL F 218 -1.17 1.28 33.00
CA VAL F 218 -2.39 2.05 33.24
C VAL F 218 -2.06 3.27 34.09
N ALA F 219 -2.42 4.46 33.58
CA ALA F 219 -2.21 5.70 34.30
C ALA F 219 -3.06 5.77 35.56
N LEU F 220 -2.47 6.28 36.64
CA LEU F 220 -3.23 6.46 37.88
C LEU F 220 -4.19 7.64 37.79
N ASP F 221 -3.84 8.66 36.98
CA ASP F 221 -4.60 9.90 36.89
C ASP F 221 -4.45 10.40 35.45
N PHE F 222 -5.31 9.88 34.58
CA PHE F 222 -5.06 9.89 33.14
C PHE F 222 -4.83 11.30 32.60
N GLU F 223 -5.61 12.28 33.06
CA GLU F 223 -5.44 13.65 32.58
C GLU F 223 -4.06 14.21 32.93
N ASN F 224 -3.58 13.97 34.15
CA ASN F 224 -2.28 14.48 34.54
C ASN F 224 -1.12 13.69 33.93
N GLU F 225 -1.29 12.39 33.72
CA GLU F 225 -0.28 11.63 32.99
C GLU F 225 -0.21 12.06 31.52
N MET F 226 -1.36 12.29 30.90
CA MET F 226 -1.39 12.81 29.54
C MET F 226 -0.73 14.19 29.44
N ALA F 227 -0.99 15.07 30.40
CA ALA F 227 -0.30 16.35 30.42
C ALA F 227 1.20 16.21 30.65
N THR F 228 1.61 15.26 31.49
CA THR F 228 3.04 15.04 31.70
C THR F 228 3.73 14.49 30.46
N ALA F 229 3.12 13.52 29.79
CA ALA F 229 3.65 13.01 28.53
C ALA F 229 3.63 14.08 27.44
N ALA F 230 2.72 15.04 27.51
CA ALA F 230 2.75 16.16 26.56
C ALA F 230 3.87 17.14 26.89
N SER F 231 4.14 17.36 28.18
CA SER F 231 5.15 18.33 28.59
C SER F 231 6.57 17.76 28.62
N SER F 232 6.73 16.45 28.79
CA SER F 232 8.07 15.89 28.90
C SER F 232 8.13 14.50 28.28
N SER F 233 9.32 14.17 27.78
CA SER F 233 9.63 12.88 27.17
C SER F 233 9.96 11.78 28.18
N SER F 234 9.88 12.09 29.49
CA SER F 234 10.28 11.14 30.51
C SER F 234 9.48 9.85 30.46
N LEU F 235 8.23 9.92 29.98
CA LEU F 235 7.40 8.73 29.85
C LEU F 235 7.65 7.94 28.57
N GLU F 236 8.44 8.48 27.64
CA GLU F 236 8.71 7.75 26.40
C GLU F 236 9.66 6.58 26.64
N LYS F 237 9.38 5.48 25.94
CA LYS F 237 10.20 4.27 25.98
C LYS F 237 10.48 3.82 24.55
N SER F 238 11.65 3.23 24.35
CA SER F 238 12.04 2.69 23.05
C SER F 238 12.01 1.18 23.06
N TYR F 239 11.56 0.60 21.95
CA TYR F 239 11.41 -0.83 21.77
C TYR F 239 12.03 -1.19 20.42
N GLU F 240 12.52 -2.42 20.32
CA GLU F 240 13.25 -2.86 19.13
C GLU F 240 12.48 -3.94 18.39
N LEU F 241 12.07 -3.62 17.17
CA LEU F 241 11.30 -4.53 16.34
C LEU F 241 12.14 -5.73 15.93
N PRO F 242 11.51 -6.80 15.45
CA PRO F 242 12.27 -8.01 15.07
C PRO F 242 13.39 -7.76 14.08
N ASP F 243 13.31 -6.72 13.26
CA ASP F 243 14.37 -6.39 12.32
C ASP F 243 15.36 -5.35 12.87
N GLY F 244 15.31 -5.06 14.16
CA GLY F 244 16.20 -4.09 14.76
C GLY F 244 15.86 -2.64 14.55
N GLN F 245 14.78 -2.32 13.83
CA GLN F 245 14.28 -0.95 13.81
C GLN F 245 13.77 -0.55 15.17
N VAL F 246 14.35 0.52 15.74
CA VAL F 246 13.86 1.09 16.99
C VAL F 246 12.62 1.94 16.72
N ILE F 247 11.62 1.80 17.59
CA ILE F 247 10.47 2.67 17.64
C ILE F 247 10.44 3.34 19.02
N THR F 248 9.84 4.52 19.09
CA THR F 248 9.65 5.20 20.36
C THR F 248 8.18 5.54 20.55
N ILE F 249 7.71 5.36 21.78
CA ILE F 249 6.30 5.39 22.15
C ILE F 249 6.15 6.28 23.38
N GLY F 250 5.07 7.04 23.43
CA GLY F 250 4.89 8.03 24.47
C GLY F 250 3.53 7.96 25.14
N ASN F 251 2.66 8.95 24.91
CA ASN F 251 1.33 8.88 25.51
C ASN F 251 0.52 7.69 25.03
N GLU F 252 0.89 7.09 23.89
CA GLU F 252 0.27 5.84 23.46
C GLU F 252 0.43 4.74 24.50
N ARG F 253 1.49 4.83 25.31
CA ARG F 253 1.85 3.78 26.26
C ARG F 253 0.77 3.57 27.31
N PHE F 254 0.07 4.64 27.70
CA PHE F 254 -1.03 4.48 28.64
C PHE F 254 -2.39 4.80 28.02
N ARG F 255 -2.42 5.53 26.91
CA ARG F 255 -3.67 5.67 26.17
C ARG F 255 -4.21 4.32 25.68
N CYS F 256 -3.32 3.37 25.38
CA CYS F 256 -3.80 2.04 24.97
C CYS F 256 -4.63 1.35 26.05
N PRO F 257 -4.09 1.03 27.24
CA PRO F 257 -4.92 0.34 28.25
C PRO F 257 -5.95 1.22 28.93
N GLU F 258 -5.84 2.54 28.81
CA GLU F 258 -6.89 3.43 29.29
C GLU F 258 -8.25 3.13 28.67
N THR F 259 -8.28 2.59 27.45
CA THR F 259 -9.56 2.27 26.81
C THR F 259 -10.38 1.24 27.59
N LEU F 260 -9.76 0.48 28.49
CA LEU F 260 -10.55 -0.34 29.40
C LEU F 260 -11.43 0.52 30.30
N PHE F 261 -10.90 1.66 30.75
CA PHE F 261 -11.66 2.58 31.59
C PHE F 261 -12.48 3.59 30.80
N GLN F 262 -12.13 3.82 29.53
CA GLN F 262 -12.87 4.73 28.65
C GLN F 262 -13.12 4.05 27.30
N PRO F 263 -14.06 3.11 27.26
CA PRO F 263 -14.32 2.37 26.01
C PRO F 263 -14.71 3.25 24.83
N SER F 264 -15.21 4.45 25.07
CA SER F 264 -15.53 5.38 23.98
C SER F 264 -14.33 5.70 23.10
N PHE F 265 -13.11 5.45 23.58
CA PHE F 265 -11.94 5.63 22.71
C PHE F 265 -11.98 4.70 21.51
N ILE F 266 -12.49 3.48 21.67
CA ILE F 266 -12.65 2.57 20.56
C ILE F 266 -14.07 2.61 19.99
N GLY F 267 -14.83 3.65 20.34
CA GLY F 267 -16.22 3.77 19.95
C GLY F 267 -17.18 2.84 20.65
N MET F 268 -16.69 2.00 21.56
CA MET F 268 -17.58 1.18 22.38
C MET F 268 -18.41 2.07 23.30
N GLU F 269 -19.73 1.88 23.28
CA GLU F 269 -20.62 2.73 24.06
C GLU F 269 -20.62 2.39 25.54
N SER F 270 -20.30 1.14 25.89
CA SER F 270 -20.55 0.64 27.23
C SER F 270 -19.78 1.43 28.29
N ALA F 271 -20.27 1.34 29.52
CA ALA F 271 -19.55 1.78 30.70
C ALA F 271 -18.21 1.06 30.82
N GLY F 272 -17.26 1.72 31.48
CA GLY F 272 -15.93 1.17 31.65
C GLY F 272 -15.95 -0.04 32.58
N ILE F 273 -14.76 -0.63 32.75
CA ILE F 273 -14.67 -1.82 33.58
C ILE F 273 -14.86 -1.52 35.06
N HIS F 274 -14.49 -0.32 35.50
CA HIS F 274 -14.80 0.10 36.87
C HIS F 274 -16.28 0.33 37.03
N GLU F 275 -16.91 0.99 36.06
CA GLU F 275 -18.35 1.23 36.12
C GLU F 275 -19.14 -0.06 36.00
N THR F 276 -18.74 -0.98 35.11
CA THR F 276 -19.45 -2.27 35.05
C THR F 276 -19.20 -3.13 36.27
N THR F 277 -18.04 -2.99 36.93
CA THR F 277 -17.84 -3.64 38.23
C THR F 277 -18.78 -3.08 39.29
N TYR F 278 -18.88 -1.76 39.38
CA TYR F 278 -19.80 -1.14 40.32
C TYR F 278 -21.25 -1.51 40.02
N ASN F 279 -21.66 -1.41 38.75
CA ASN F 279 -23.03 -1.78 38.38
C ASN F 279 -23.33 -3.26 38.65
N SER F 280 -22.32 -4.13 38.55
CA SER F 280 -22.51 -5.53 38.94
C SER F 280 -22.71 -5.67 40.44
N ILE F 281 -21.93 -4.96 41.24
CA ILE F 281 -22.20 -4.93 42.69
C ILE F 281 -23.57 -4.34 42.99
N MET F 282 -23.97 -3.30 42.26
CA MET F 282 -25.31 -2.73 42.43
C MET F 282 -26.43 -3.65 41.99
N LYS F 283 -26.15 -4.64 41.15
CA LYS F 283 -27.17 -5.64 40.89
C LYS F 283 -27.30 -6.67 42.02
N CYS F 284 -26.30 -6.74 42.90
CA CYS F 284 -26.33 -7.66 44.04
C CYS F 284 -27.19 -7.12 45.18
N ASP F 285 -27.72 -8.05 45.96
CA ASP F 285 -28.55 -7.71 47.12
C ASP F 285 -27.73 -6.93 48.15
N ILE F 286 -28.39 -5.96 48.80
CA ILE F 286 -27.68 -4.89 49.49
C ILE F 286 -26.87 -5.40 50.67
N ASP F 287 -27.20 -6.58 51.21
CA ASP F 287 -26.46 -7.11 52.35
C ASP F 287 -25.05 -7.55 51.99
N ILE F 288 -24.85 -8.08 50.77
CA ILE F 288 -23.58 -8.71 50.41
C ILE F 288 -22.58 -7.74 49.80
N ARG F 289 -23.02 -6.55 49.40
CA ARG F 289 -22.16 -5.60 48.70
C ARG F 289 -20.89 -5.28 49.48
N LYS F 290 -20.98 -5.16 50.80
CA LYS F 290 -19.80 -4.88 51.61
C LYS F 290 -18.72 -5.96 51.49
N ASP F 291 -19.12 -7.22 51.34
CA ASP F 291 -18.13 -8.29 51.18
C ASP F 291 -17.64 -8.41 49.74
N LEU F 292 -18.44 -7.98 48.76
CA LEU F 292 -17.93 -7.90 47.41
C LEU F 292 -16.91 -6.78 47.30
N TYR F 293 -17.21 -5.61 47.87
CA TYR F 293 -16.21 -4.55 47.91
C TYR F 293 -14.95 -5.02 48.62
N ALA F 294 -15.11 -5.82 49.68
CA ALA F 294 -13.94 -6.33 50.39
C ALA F 294 -13.27 -7.50 49.67
N ASN F 295 -13.82 -7.96 48.55
CA ASN F 295 -13.28 -9.16 47.89
C ASN F 295 -13.41 -9.05 46.37
N ASN F 296 -12.91 -7.96 45.79
CA ASN F 296 -12.73 -7.93 44.34
C ASN F 296 -11.56 -8.81 43.94
N VAL F 297 -11.81 -9.75 43.03
CA VAL F 297 -10.79 -10.66 42.51
C VAL F 297 -10.56 -10.36 41.04
N MET F 298 -9.31 -10.05 40.68
CA MET F 298 -8.94 -9.73 39.30
C MET F 298 -8.21 -10.92 38.69
N SER F 299 -8.56 -11.26 37.45
CA SER F 299 -7.90 -12.36 36.76
C SER F 299 -7.88 -12.06 35.27
N GLY F 300 -7.06 -12.82 34.55
CA GLY F 300 -6.87 -12.70 33.12
C GLY F 300 -5.74 -11.76 32.76
N GLY F 301 -5.11 -12.06 31.62
CA GLY F 301 -3.85 -11.41 31.26
C GLY F 301 -3.92 -9.90 31.17
N THR F 302 -5.03 -9.37 30.66
CA THR F 302 -5.17 -7.92 30.57
C THR F 302 -5.40 -7.23 31.92
N THR F 303 -5.41 -7.97 33.03
CA THR F 303 -5.29 -7.36 34.35
C THR F 303 -3.85 -7.25 34.83
N MET F 304 -2.88 -7.59 33.99
CA MET F 304 -1.48 -7.58 34.40
C MET F 304 -0.82 -6.22 34.27
N TYR F 305 -1.49 -5.24 33.65
CA TYR F 305 -0.88 -3.93 33.44
C TYR F 305 -0.45 -3.33 34.78
N PRO F 306 0.77 -2.81 34.88
CA PRO F 306 1.16 -2.06 36.08
C PRO F 306 0.19 -0.93 36.40
N GLY F 307 -0.16 -0.82 37.68
CA GLY F 307 -1.05 0.23 38.13
C GLY F 307 -2.53 0.01 37.91
N ILE F 308 -2.92 -1.09 37.26
CA ILE F 308 -4.35 -1.30 37.00
C ILE F 308 -5.11 -1.52 38.30
N ALA F 309 -4.50 -2.19 39.29
CA ALA F 309 -5.17 -2.37 40.57
C ALA F 309 -5.34 -1.04 41.31
N ASP F 310 -4.32 -0.19 41.29
CA ASP F 310 -4.42 1.14 41.90
C ASP F 310 -5.48 2.01 41.23
N ARG F 311 -5.48 2.06 39.91
CA ARG F 311 -6.52 2.80 39.19
C ARG F 311 -7.91 2.25 39.46
N MET F 312 -8.06 0.92 39.43
CA MET F 312 -9.36 0.31 39.71
C MET F 312 -9.83 0.62 41.12
N GLN F 313 -8.92 0.58 42.09
CA GLN F 313 -9.28 0.91 43.47
C GLN F 313 -9.67 2.36 43.62
N LYS F 314 -8.93 3.28 42.99
CA LYS F 314 -9.33 4.69 42.97
C LYS F 314 -10.71 4.88 42.39
N GLU F 315 -10.98 4.26 41.24
CA GLU F 315 -12.26 4.48 40.56
C GLU F 315 -13.42 3.88 41.32
N ILE F 316 -13.27 2.67 41.86
CA ILE F 316 -14.37 2.12 42.66
C ILE F 316 -14.52 2.84 43.99
N THR F 317 -13.42 3.29 44.62
CA THR F 317 -13.56 4.08 45.83
C THR F 317 -14.24 5.42 45.57
N ALA F 318 -14.14 5.94 44.34
CA ALA F 318 -14.91 7.12 43.99
C ALA F 318 -16.35 6.78 43.73
N LEU F 319 -16.62 5.59 43.19
CA LEU F 319 -17.99 5.16 42.93
C LEU F 319 -18.69 4.68 44.20
N ALA F 320 -18.04 3.82 44.98
CA ALA F 320 -18.67 3.18 46.12
C ALA F 320 -18.78 4.12 47.32
N PRO F 321 -19.75 3.86 48.20
CA PRO F 321 -19.91 4.71 49.39
C PRO F 321 -18.66 4.79 50.26
N SER F 322 -18.45 5.97 50.83
CA SER F 322 -17.18 6.37 51.42
C SER F 322 -16.72 5.40 52.53
N THR F 323 -17.66 4.73 53.19
CA THR F 323 -17.29 3.82 54.27
C THR F 323 -16.74 2.49 53.76
N MET F 324 -17.12 2.08 52.54
CA MET F 324 -16.83 0.73 52.10
C MET F 324 -15.33 0.53 51.94
N LYS F 325 -14.81 -0.55 52.53
CA LYS F 325 -13.39 -0.91 52.43
C LYS F 325 -13.11 -1.60 51.10
N ILE F 326 -12.98 -0.79 50.06
CA ILE F 326 -12.73 -1.32 48.73
C ILE F 326 -11.35 -1.98 48.72
N LYS F 327 -11.33 -3.27 48.40
CA LYS F 327 -10.10 -4.05 48.35
C LYS F 327 -10.08 -4.86 47.06
N ILE F 328 -8.93 -4.90 46.40
CA ILE F 328 -8.77 -5.65 45.16
C ILE F 328 -7.72 -6.73 45.37
N ILE F 329 -8.12 -7.98 45.13
CA ILE F 329 -7.21 -9.13 45.22
C ILE F 329 -6.71 -9.37 43.80
N ALA F 330 -5.58 -8.74 43.47
CA ALA F 330 -4.90 -8.92 42.18
C ALA F 330 -3.52 -9.49 42.44
N PRO F 331 -3.41 -10.78 42.71
CA PRO F 331 -2.13 -11.37 43.07
C PRO F 331 -1.23 -11.52 41.85
N PRO F 332 0.05 -11.82 42.07
CA PRO F 332 0.86 -12.46 41.02
C PRO F 332 0.22 -13.74 40.46
N GLU F 333 0.67 -14.13 39.27
CA GLU F 333 0.20 -15.27 38.47
C GLU F 333 -1.31 -15.23 38.21
N ARG F 334 -1.97 -14.09 38.45
CA ARG F 334 -3.39 -13.98 38.15
C ARG F 334 -3.68 -14.19 36.67
N LYS F 335 -2.66 -14.13 35.81
CA LYS F 335 -2.79 -14.56 34.43
C LYS F 335 -3.17 -16.03 34.31
N TYR F 336 -2.62 -16.88 35.18
CA TYR F 336 -2.92 -18.32 35.17
C TYR F 336 -3.98 -18.75 36.17
N SER F 337 -4.63 -17.82 36.86
CA SER F 337 -5.54 -18.19 37.95
C SER F 337 -6.73 -19.01 37.47
N VAL F 338 -7.20 -18.78 36.23
CA VAL F 338 -8.30 -19.60 35.73
C VAL F 338 -7.87 -21.05 35.55
N TRP F 339 -6.66 -21.27 35.03
CA TRP F 339 -6.16 -22.64 34.94
C TRP F 339 -5.89 -23.23 36.32
N ILE F 340 -5.27 -22.47 37.22
CA ILE F 340 -5.03 -23.00 38.56
C ILE F 340 -6.33 -23.36 39.26
N GLY F 341 -7.37 -22.55 39.06
CA GLY F 341 -8.70 -22.90 39.58
C GLY F 341 -9.25 -24.17 38.97
N GLY F 342 -9.03 -24.38 37.67
CA GLY F 342 -9.41 -25.65 37.08
C GLY F 342 -8.60 -26.82 37.59
N SER F 343 -7.32 -26.61 37.86
CA SER F 343 -6.45 -27.65 38.42
C SER F 343 -6.89 -28.03 39.83
N ILE F 344 -7.37 -27.08 40.60
CA ILE F 344 -8.01 -27.38 41.88
C ILE F 344 -9.31 -28.16 41.66
N LEU F 345 -10.25 -27.56 40.92
CA LEU F 345 -11.59 -28.14 40.81
C LEU F 345 -11.56 -29.56 40.25
N ALA F 346 -10.81 -29.78 39.17
CA ALA F 346 -10.73 -31.11 38.57
C ALA F 346 -10.13 -32.14 39.50
N SER F 347 -9.37 -31.73 40.51
CA SER F 347 -8.76 -32.66 41.43
C SER F 347 -9.49 -32.67 42.77
N LEU F 348 -10.54 -31.88 42.91
CA LEU F 348 -11.35 -31.90 44.13
C LEU F 348 -12.19 -33.17 44.17
N SER F 349 -12.20 -33.84 45.32
CA SER F 349 -12.86 -35.14 45.42
C SER F 349 -14.37 -35.01 45.33
N THR F 350 -14.92 -33.86 45.75
CA THR F 350 -16.35 -33.61 45.60
C THR F 350 -16.75 -33.46 44.14
N PHE F 351 -15.83 -33.01 43.28
CA PHE F 351 -16.15 -32.76 41.89
C PHE F 351 -16.28 -34.02 41.04
N GLN F 352 -15.74 -35.15 41.48
CA GLN F 352 -15.76 -36.35 40.66
C GLN F 352 -17.16 -36.88 40.39
N GLN F 353 -18.16 -36.38 41.12
CA GLN F 353 -19.56 -36.64 40.79
C GLN F 353 -20.02 -35.85 39.57
N MET F 354 -19.38 -34.72 39.30
CA MET F 354 -19.92 -33.70 38.41
C MET F 354 -19.62 -33.93 36.94
N TRP F 355 -18.65 -34.78 36.60
CA TRP F 355 -18.28 -34.99 35.21
C TRP F 355 -19.50 -35.41 34.38
N ILE F 356 -19.56 -34.91 33.16
CA ILE F 356 -20.40 -35.49 32.10
C ILE F 356 -19.77 -36.81 31.67
N THR F 357 -20.37 -37.93 32.05
CA THR F 357 -19.82 -39.19 31.55
C THR F 357 -20.28 -39.41 30.11
N LYS F 358 -19.49 -40.22 29.39
CA LYS F 358 -19.84 -40.54 28.00
C LYS F 358 -21.15 -41.33 27.91
N GLN F 359 -21.49 -42.09 28.95
CA GLN F 359 -22.80 -42.73 29.00
C GLN F 359 -23.93 -41.70 29.02
N GLU F 360 -23.77 -40.63 29.79
CA GLU F 360 -24.77 -39.56 29.80
C GLU F 360 -24.84 -38.84 28.45
N TYR F 361 -23.71 -38.69 27.76
CA TYR F 361 -23.77 -38.11 26.42
C TYR F 361 -24.46 -39.04 25.43
N ASP F 362 -24.17 -40.34 25.48
CA ASP F 362 -24.86 -41.30 24.63
C ASP F 362 -26.35 -41.36 24.93
N GLU F 363 -26.75 -41.04 26.15
CA GLU F 363 -28.18 -40.99 26.48
C GLU F 363 -28.84 -39.67 26.09
N ALA F 364 -28.15 -38.53 26.20
CA ALA F 364 -28.81 -37.23 26.15
C ALA F 364 -28.30 -36.25 25.11
N GLY F 365 -27.28 -36.60 24.32
CA GLY F 365 -26.74 -35.72 23.31
C GLY F 365 -26.17 -34.45 23.87
N PRO F 366 -25.82 -33.51 22.99
CA PRO F 366 -25.22 -32.24 23.42
C PRO F 366 -26.04 -31.45 24.44
N SER F 367 -27.35 -31.67 24.48
CA SER F 367 -28.21 -30.94 25.41
C SER F 367 -27.87 -31.22 26.87
N ILE F 368 -27.17 -32.30 27.19
CA ILE F 368 -26.88 -32.63 28.58
C ILE F 368 -26.05 -31.55 29.25
N VAL F 369 -25.17 -30.87 28.50
CA VAL F 369 -24.20 -29.96 29.10
C VAL F 369 -24.82 -28.63 29.51
N HIS F 370 -26.07 -28.37 29.13
CA HIS F 370 -26.83 -27.28 29.71
C HIS F 370 -27.51 -27.67 31.01
N ARG F 371 -27.79 -28.95 31.20
CA ARG F 371 -28.50 -29.41 32.39
C ARG F 371 -27.57 -29.54 33.60
N LYS F 372 -26.40 -30.12 33.41
CA LYS F 372 -25.48 -30.38 34.53
C LYS F 372 -24.58 -29.17 34.82
N CYS F 373 -23.85 -28.69 33.83
CA CYS F 373 -22.92 -27.60 34.06
C CYS F 373 -23.67 -26.29 34.30
N PHE F 374 -23.08 -25.43 35.13
CA PHE F 374 -23.66 -24.10 35.34
C PHE F 374 -23.42 -23.22 34.13
#